data_5QGI
# 
_entry.id   5QGI 
# 
_audit_conform.dict_name       mmcif_pdbx.dic 
_audit_conform.dict_version    5.381 
_audit_conform.dict_location   http://mmcif.pdb.org/dictionaries/ascii/mmcif_pdbx.dic 
# 
loop_
_database_2.database_id 
_database_2.database_code 
_database_2.pdbx_database_accession 
_database_2.pdbx_DOI 
PDB   5QGI         pdb_00005qgi 10.2210/pdb5qgi/pdb 
WWPDB D_1001401919 ?            ?                   
# 
_pdbx_database_status.entry_id                        5QGI 
_pdbx_database_status.status_code                     REL 
_pdbx_database_status.status_code_sf                  REL 
_pdbx_database_status.status_code_mr                  ? 
_pdbx_database_status.status_code_cs                  ? 
_pdbx_database_status.recvd_initial_deposition_date   2018-05-15 
_pdbx_database_status.deposit_site                    RCSB 
_pdbx_database_status.process_site                    RCSB 
_pdbx_database_status.SG_entry                        ? 
_pdbx_database_status.pdb_format_compatible           Y 
_pdbx_database_status.methods_development_category    ? 
_pdbx_database_status.status_code_nmr_data            ? 
# 
loop_
_audit_author.name 
_audit_author.pdbx_ordinal 
_audit_author.identifier_ORCID 
'Krojer, T.'         1  ? 
'Talon, R.'          2  ? 
'Fairhead, M.'       3  ? 
'Diaz Saez, L.'      4  ? 
'Bradley, A.R.'      5  ? 
'Aimon, A.'          6  ? 
'Collins, P.'        7  ? 
'Brandao-Neto, J.'   8  ? 
'Douangamath, A.'    9  ? 
'Ruda, G.F.'         10 ? 
'Szommer, T.'        11 ? 
'Srikannathasan, V.' 12 ? 
'Elkins, J.'         13 ? 
'Spencer, J.'        14 ? 
'London, N.'         15 ? 
'Nelson, A.'         16 ? 
'Brennan, P.E.'      17 ? 
'Huber, K.'          18 ? 
'Bountra, C.'        19 ? 
'Arrowsmith, C.H.'   20 ? 
'Edwards, A.'        21 ? 
'von Delft, F.'      22 ? 
# 
_citation.id                        primary 
_citation.title                     'PanDDA analysis group deposition of models with modelled events (e.g. bound ligands)' 
_citation.journal_abbrev            'To Be Published' 
_citation.journal_volume            ? 
_citation.page_first                ? 
_citation.page_last                 ? 
_citation.year                      ? 
_citation.journal_id_ASTM           ? 
_citation.country                   ? 
_citation.journal_id_ISSN           ? 
_citation.journal_id_CSD            0353 
_citation.book_publisher            ? 
_citation.pdbx_database_id_PubMed   ? 
_citation.pdbx_database_id_DOI      ? 
# 
loop_
_citation_author.citation_id 
_citation_author.name 
_citation_author.identifier_ORCID 
_citation_author.ordinal 
primary 'Krojer, T.'         ? 1  
primary 'Talon, R.'          ? 2  
primary 'Fairhead, M.'       ? 3  
primary 'Diaz Saez, L.'      ? 4  
primary 'Bradley, A.R.'      ? 5  
primary 'Aimon, A.'          ? 6  
primary 'Collins, P.'        ? 7  
primary 'Brandao-Neto, J.'   ? 8  
primary 'Douangamath, A.'    ? 9  
primary 'Ruda, G.F.'         ? 10 
primary 'Szommer, T.'        ? 11 
primary 'Srikannathasan, V.' ? 12 
primary 'Elkins, J.'         ? 13 
primary 'Spencer, J.'        ? 14 
primary 'London, N.'         ? 15 
primary 'Nelson, A.'         ? 16 
primary 'Brennan, P.E.'      ? 17 
primary 'Huber, K.'          ? 18 
primary 'Bountra, C.'        ? 19 
primary 'Arrowsmith, C.H.'   ? 20 
primary 'Edwards, A.'        ? 21 
primary 'von Delft, F.'      ? 22 
# 
_cell.entry_id           5QGI 
_cell.length_a           126.501 
_cell.length_b           126.501 
_cell.length_c           41.716 
_cell.angle_alpha        90.000 
_cell.angle_beta         90.000 
_cell.angle_gamma        120.000 
_cell.Z_PDB              6 
_cell.pdbx_unique_axis   ? 
# 
_symmetry.entry_id                         5QGI 
_symmetry.space_group_name_H-M             'P 3 2 1' 
_symmetry.pdbx_full_space_group_name_H-M   ? 
_symmetry.cell_setting                     ? 
_symmetry.Int_Tables_number                150 
# 
loop_
_entity.id 
_entity.type 
_entity.src_method 
_entity.pdbx_description 
_entity.formula_weight 
_entity.pdbx_number_of_molecules 
_entity.pdbx_ec 
_entity.pdbx_mutation 
_entity.pdbx_fragment 
_entity.details 
1 polymer     man 'Peroxisomal coenzyme A diphosphatase NUDT7'       22197.600 1   3.6.1.- ? ? ? 
2 non-polymer syn 'ACETATE ION'                                      59.044    2   ?       ? ? ? 
3 non-polymer syn 'DIMETHYL SULFOXIDE'                               78.133    2   ?       ? ? ? 
4 non-polymer syn '2-methoxy-~{N}-(2,4,6-trimethylphenyl)ethanamide' 207.269   1   ?       ? ? ? 
5 water       nat water                                              18.015    170 ?       ? ? ? 
# 
_entity_name_com.entity_id   1 
_entity_name_com.name        'Nucleoside diphosphate-linked moiety X motif 7,Nudix motif 7' 
# 
_entity_poly.entity_id                      1 
_entity_poly.type                           'polypeptide(L)' 
_entity_poly.nstd_linkage                   no 
_entity_poly.nstd_monomer                   yes 
_entity_poly.pdbx_seq_one_letter_code       
;SMLDDAKARLRKYDIGGKYSHLPYNKYSVLLPLVAKEGKLHLLFTVRSEKLRRAPGEVCFPGGKRDPTDMDDAATALREA
QEEVGLR(HYP)HQVEVV(CSO)CLVPCLIDTDTLITPFVGLIDHNFQAQPNPAEVKDVFLVPLAYFLHPQVHDQHYVTR
LGHRFINHIFEYTNPEDGVTYQIKGMTANLAVLVAFIILEKKPT
;
_entity_poly.pdbx_seq_one_letter_code_can   
;SMLDDAKARLRKYDIGGKYSHLPYNKYSVLLPLVAKEGKLHLLFTVRSEKLRRAPGEVCFPGGKRDPTDMDDAATALREA
QEEVGLRPHQVEVVCCLVPCLIDTDTLITPFVGLIDHNFQAQPNPAEVKDVFLVPLAYFLHPQVHDQHYVTRLGHRFINH
IFEYTNPEDGVTYQIKGMTANLAVLVAFIILEKKPT
;
_entity_poly.pdbx_strand_id                 A 
_entity_poly.pdbx_target_identifier         ? 
# 
loop_
_entity_poly_seq.entity_id 
_entity_poly_seq.num 
_entity_poly_seq.mon_id 
_entity_poly_seq.hetero 
1 1   SER n 
1 2   MET n 
1 3   LEU n 
1 4   ASP n 
1 5   ASP n 
1 6   ALA n 
1 7   LYS n 
1 8   ALA n 
1 9   ARG n 
1 10  LEU n 
1 11  ARG n 
1 12  LYS n 
1 13  TYR n 
1 14  ASP n 
1 15  ILE n 
1 16  GLY n 
1 17  GLY n 
1 18  LYS n 
1 19  TYR n 
1 20  SER n 
1 21  HIS n 
1 22  LEU n 
1 23  PRO n 
1 24  TYR n 
1 25  ASN n 
1 26  LYS n 
1 27  TYR n 
1 28  SER n 
1 29  VAL n 
1 30  LEU n 
1 31  LEU n 
1 32  PRO n 
1 33  LEU n 
1 34  VAL n 
1 35  ALA n 
1 36  LYS n 
1 37  GLU n 
1 38  GLY n 
1 39  LYS n 
1 40  LEU n 
1 41  HIS n 
1 42  LEU n 
1 43  LEU n 
1 44  PHE n 
1 45  THR n 
1 46  VAL n 
1 47  ARG n 
1 48  SER n 
1 49  GLU n 
1 50  LYS n 
1 51  LEU n 
1 52  ARG n 
1 53  ARG n 
1 54  ALA n 
1 55  PRO n 
1 56  GLY n 
1 57  GLU n 
1 58  VAL n 
1 59  CYS n 
1 60  PHE n 
1 61  PRO n 
1 62  GLY n 
1 63  GLY n 
1 64  LYS n 
1 65  ARG n 
1 66  ASP n 
1 67  PRO n 
1 68  THR n 
1 69  ASP n 
1 70  MET n 
1 71  ASP n 
1 72  ASP n 
1 73  ALA n 
1 74  ALA n 
1 75  THR n 
1 76  ALA n 
1 77  LEU n 
1 78  ARG n 
1 79  GLU n 
1 80  ALA n 
1 81  GLN n 
1 82  GLU n 
1 83  GLU n 
1 84  VAL n 
1 85  GLY n 
1 86  LEU n 
1 87  ARG n 
1 88  HYP n 
1 89  HIS n 
1 90  GLN n 
1 91  VAL n 
1 92  GLU n 
1 93  VAL n 
1 94  VAL n 
1 95  CSO n 
1 96  CYS n 
1 97  LEU n 
1 98  VAL n 
1 99  PRO n 
1 100 CYS n 
1 101 LEU n 
1 102 ILE n 
1 103 ASP n 
1 104 THR n 
1 105 ASP n 
1 106 THR n 
1 107 LEU n 
1 108 ILE n 
1 109 THR n 
1 110 PRO n 
1 111 PHE n 
1 112 VAL n 
1 113 GLY n 
1 114 LEU n 
1 115 ILE n 
1 116 ASP n 
1 117 HIS n 
1 118 ASN n 
1 119 PHE n 
1 120 GLN n 
1 121 ALA n 
1 122 GLN n 
1 123 PRO n 
1 124 ASN n 
1 125 PRO n 
1 126 ALA n 
1 127 GLU n 
1 128 VAL n 
1 129 LYS n 
1 130 ASP n 
1 131 VAL n 
1 132 PHE n 
1 133 LEU n 
1 134 VAL n 
1 135 PRO n 
1 136 LEU n 
1 137 ALA n 
1 138 TYR n 
1 139 PHE n 
1 140 LEU n 
1 141 HIS n 
1 142 PRO n 
1 143 GLN n 
1 144 VAL n 
1 145 HIS n 
1 146 ASP n 
1 147 GLN n 
1 148 HIS n 
1 149 TYR n 
1 150 VAL n 
1 151 THR n 
1 152 ARG n 
1 153 LEU n 
1 154 GLY n 
1 155 HIS n 
1 156 ARG n 
1 157 PHE n 
1 158 ILE n 
1 159 ASN n 
1 160 HIS n 
1 161 ILE n 
1 162 PHE n 
1 163 GLU n 
1 164 TYR n 
1 165 THR n 
1 166 ASN n 
1 167 PRO n 
1 168 GLU n 
1 169 ASP n 
1 170 GLY n 
1 171 VAL n 
1 172 THR n 
1 173 TYR n 
1 174 GLN n 
1 175 ILE n 
1 176 LYS n 
1 177 GLY n 
1 178 MET n 
1 179 THR n 
1 180 ALA n 
1 181 ASN n 
1 182 LEU n 
1 183 ALA n 
1 184 VAL n 
1 185 LEU n 
1 186 VAL n 
1 187 ALA n 
1 188 PHE n 
1 189 ILE n 
1 190 ILE n 
1 191 LEU n 
1 192 GLU n 
1 193 LYS n 
1 194 LYS n 
1 195 PRO n 
1 196 THR n 
# 
_entity_src_gen.entity_id                          1 
_entity_src_gen.pdbx_src_id                        1 
_entity_src_gen.pdbx_alt_source_flag               sample 
_entity_src_gen.pdbx_seq_type                      'Biological sequence' 
_entity_src_gen.pdbx_beg_seq_num                   1 
_entity_src_gen.pdbx_end_seq_num                   196 
_entity_src_gen.gene_src_common_name               Human 
_entity_src_gen.gene_src_genus                     ? 
_entity_src_gen.pdbx_gene_src_gene                 NUDT7 
_entity_src_gen.gene_src_species                   ? 
_entity_src_gen.gene_src_strain                    ? 
_entity_src_gen.gene_src_tissue                    ? 
_entity_src_gen.gene_src_tissue_fraction           ? 
_entity_src_gen.gene_src_details                   ? 
_entity_src_gen.pdbx_gene_src_fragment             ? 
_entity_src_gen.pdbx_gene_src_scientific_name      'Homo sapiens' 
_entity_src_gen.pdbx_gene_src_ncbi_taxonomy_id     9606 
_entity_src_gen.pdbx_gene_src_variant              ? 
_entity_src_gen.pdbx_gene_src_cell_line            ? 
_entity_src_gen.pdbx_gene_src_atcc                 ? 
_entity_src_gen.pdbx_gene_src_organ                ? 
_entity_src_gen.pdbx_gene_src_organelle            ? 
_entity_src_gen.pdbx_gene_src_cell                 ? 
_entity_src_gen.pdbx_gene_src_cellular_location    ? 
_entity_src_gen.host_org_common_name               ? 
_entity_src_gen.pdbx_host_org_scientific_name      'Escherichia coli' 
_entity_src_gen.pdbx_host_org_ncbi_taxonomy_id     562 
_entity_src_gen.host_org_genus                     ? 
_entity_src_gen.pdbx_host_org_gene                 ? 
_entity_src_gen.pdbx_host_org_organ                ? 
_entity_src_gen.host_org_species                   ? 
_entity_src_gen.pdbx_host_org_tissue               ? 
_entity_src_gen.pdbx_host_org_tissue_fraction      ? 
_entity_src_gen.pdbx_host_org_strain               ? 
_entity_src_gen.pdbx_host_org_variant              ? 
_entity_src_gen.pdbx_host_org_cell_line            ? 
_entity_src_gen.pdbx_host_org_atcc                 ? 
_entity_src_gen.pdbx_host_org_culture_collection   ? 
_entity_src_gen.pdbx_host_org_cell                 ? 
_entity_src_gen.pdbx_host_org_organelle            ? 
_entity_src_gen.pdbx_host_org_cellular_location    ? 
_entity_src_gen.pdbx_host_org_vector_type          ? 
_entity_src_gen.pdbx_host_org_vector               ? 
_entity_src_gen.host_org_details                   ? 
_entity_src_gen.expression_system_id               ? 
_entity_src_gen.plasmid_name                       ? 
_entity_src_gen.plasmid_details                    ? 
_entity_src_gen.pdbx_description                   ? 
# 
_struct_ref.id                         1 
_struct_ref.db_name                    UNP 
_struct_ref.db_code                    NUDT7_HUMAN 
_struct_ref.pdbx_db_accession          P0C024 
_struct_ref.pdbx_db_isoform            ? 
_struct_ref.entity_id                  1 
_struct_ref.pdbx_seq_one_letter_code   
;SLLDDAKARLRKYDIGGKYSHLPYNKYSVLLPLVAKEGKLHLLFTVRSEKLRRAPGEVCFPGGKRDPTDMDDAATALREA
QEEVGLRPHQVEVVCCLVPCLIDTDTLITPFVGLIDHNFQAQPNPAEVKDVFLVPLAYFLHPQVHDQHYVTRLGHRFINH
IFEYTNPEDGVTYQIKGMTANLAVLVAFIILEKKPT
;
_struct_ref.pdbx_align_begin           14 
# 
_struct_ref_seq.align_id                      1 
_struct_ref_seq.ref_id                        1 
_struct_ref_seq.pdbx_PDB_id_code              5QGI 
_struct_ref_seq.pdbx_strand_id                A 
_struct_ref_seq.seq_align_beg                 1 
_struct_ref_seq.pdbx_seq_align_beg_ins_code   ? 
_struct_ref_seq.seq_align_end                 196 
_struct_ref_seq.pdbx_seq_align_end_ins_code   ? 
_struct_ref_seq.pdbx_db_accession             P0C024 
_struct_ref_seq.db_align_beg                  14 
_struct_ref_seq.pdbx_db_align_beg_ins_code    ? 
_struct_ref_seq.db_align_end                  209 
_struct_ref_seq.pdbx_db_align_end_ins_code    ? 
_struct_ref_seq.pdbx_auth_seq_align_beg       15 
_struct_ref_seq.pdbx_auth_seq_align_end       210 
# 
_struct_ref_seq_dif.align_id                     1 
_struct_ref_seq_dif.pdbx_pdb_id_code             5QGI 
_struct_ref_seq_dif.mon_id                       MET 
_struct_ref_seq_dif.pdbx_pdb_strand_id           A 
_struct_ref_seq_dif.seq_num                      2 
_struct_ref_seq_dif.pdbx_pdb_ins_code            ? 
_struct_ref_seq_dif.pdbx_seq_db_name             UNP 
_struct_ref_seq_dif.pdbx_seq_db_accession_code   P0C024 
_struct_ref_seq_dif.db_mon_id                    LEU 
_struct_ref_seq_dif.pdbx_seq_db_seq_num          15 
_struct_ref_seq_dif.details                      conflict 
_struct_ref_seq_dif.pdbx_auth_seq_num            16 
_struct_ref_seq_dif.pdbx_ordinal                 1 
# 
loop_
_chem_comp.id 
_chem_comp.type 
_chem_comp.mon_nstd_flag 
_chem_comp.name 
_chem_comp.pdbx_synonyms 
_chem_comp.formula 
_chem_comp.formula_weight 
ACT non-polymer         . 'ACETATE ION'                                      ?              'C2 H3 O2 -1'    59.044  
ALA 'L-peptide linking' y ALANINE                                            ?              'C3 H7 N O2'     89.093  
ARG 'L-peptide linking' y ARGININE                                           ?              'C6 H15 N4 O2 1' 175.209 
ASN 'L-peptide linking' y ASPARAGINE                                         ?              'C4 H8 N2 O3'    132.118 
ASP 'L-peptide linking' y 'ASPARTIC ACID'                                    ?              'C4 H7 N O4'     133.103 
B0V non-polymer         . '2-methoxy-~{N}-(2,4,6-trimethylphenyl)ethanamide' ?              'C12 H17 N O2'   207.269 
CSO 'L-peptide linking' n S-HYDROXYCYSTEINE                                  ?              'C3 H7 N O3 S'   137.158 
CYS 'L-peptide linking' y CYSTEINE                                           ?              'C3 H7 N O2 S'   121.158 
DMS non-polymer         . 'DIMETHYL SULFOXIDE'                               ?              'C2 H6 O S'      78.133  
GLN 'L-peptide linking' y GLUTAMINE                                          ?              'C5 H10 N2 O3'   146.144 
GLU 'L-peptide linking' y 'GLUTAMIC ACID'                                    ?              'C5 H9 N O4'     147.129 
GLY 'peptide linking'   y GLYCINE                                            ?              'C2 H5 N O2'     75.067  
HIS 'L-peptide linking' y HISTIDINE                                          ?              'C6 H10 N3 O2 1' 156.162 
HOH non-polymer         . WATER                                              ?              'H2 O'           18.015  
HYP 'L-peptide linking' n 4-HYDROXYPROLINE                                   HYDROXYPROLINE 'C5 H9 N O3'     131.130 
ILE 'L-peptide linking' y ISOLEUCINE                                         ?              'C6 H13 N O2'    131.173 
LEU 'L-peptide linking' y LEUCINE                                            ?              'C6 H13 N O2'    131.173 
LYS 'L-peptide linking' y LYSINE                                             ?              'C6 H15 N2 O2 1' 147.195 
MET 'L-peptide linking' y METHIONINE                                         ?              'C5 H11 N O2 S'  149.211 
PHE 'L-peptide linking' y PHENYLALANINE                                      ?              'C9 H11 N O2'    165.189 
PRO 'L-peptide linking' y PROLINE                                            ?              'C5 H9 N O2'     115.130 
SER 'L-peptide linking' y SERINE                                             ?              'C3 H7 N O3'     105.093 
THR 'L-peptide linking' y THREONINE                                          ?              'C4 H9 N O3'     119.119 
TYR 'L-peptide linking' y TYROSINE                                           ?              'C9 H11 N O3'    181.189 
VAL 'L-peptide linking' y VALINE                                             ?              'C5 H11 N O2'    117.146 
# 
_exptl.crystals_number   1 
_exptl.entry_id          5QGI 
_exptl.method            'X-RAY DIFFRACTION' 
# 
_exptl_crystal.id                    1 
_exptl_crystal.pdbx_mosaicity        0.070 
_exptl_crystal.pdbx_mosaicity_esd    ? 
_exptl_crystal.density_Matthews      4.34 
_exptl_crystal.density_diffrn        ? 
_exptl_crystal.density_meas          ? 
_exptl_crystal.density_meas_temp     ? 
_exptl_crystal.density_percent_sol   71.66 
_exptl_crystal.size_max              ? 
_exptl_crystal.size_mid              ? 
_exptl_crystal.size_min              ? 
_exptl_crystal.size_rad              ? 
_exptl_crystal.description           ? 
# 
_exptl_crystal_grow.crystal_id      1 
_exptl_crystal_grow.method          'VAPOR DIFFUSION, SITTING DROP' 
_exptl_crystal_grow.pH              5.5 
_exptl_crystal_grow.temp            293 
_exptl_crystal_grow.pdbx_details    '0.1M bis-tris pH 5.5 -- 0.1M ammonium acetate -- 5%(w/v) PEG10K' 
_exptl_crystal_grow.temp_details    ? 
_exptl_crystal_grow.pdbx_pH_range   ? 
# 
_diffrn.id                     1 
_diffrn.ambient_temp           100 
_diffrn.crystal_id             1 
_diffrn.ambient_temp_details   ? 
# 
_diffrn_detector.detector               PIXEL 
_diffrn_detector.type                   'DECTRIS PILATUS 6M' 
_diffrn_detector.pdbx_collection_date   2017-05-11 
_diffrn_detector.diffrn_id              1 
_diffrn_detector.details                ? 
# 
_diffrn_radiation.diffrn_id                        1 
_diffrn_radiation.wavelength_id                    1 
_diffrn_radiation.pdbx_diffrn_protocol             'SINGLE WAVELENGTH' 
_diffrn_radiation.pdbx_monochromatic_or_laue_m_l   ? 
_diffrn_radiation.monochromator                    ? 
_diffrn_radiation.pdbx_scattering_type             x-ray 
# 
_diffrn_radiation_wavelength.id           1 
_diffrn_radiation_wavelength.wavelength   0.92819 
_diffrn_radiation_wavelength.wt           1.0 
# 
_diffrn_source.diffrn_id                   1 
_diffrn_source.source                      SYNCHROTRON 
_diffrn_source.type                        'DIAMOND BEAMLINE I04-1' 
_diffrn_source.pdbx_wavelength_list        0.92819 
_diffrn_source.pdbx_synchrotron_site       Diamond 
_diffrn_source.pdbx_synchrotron_beamline   I04-1 
_diffrn_source.pdbx_wavelength             ? 
# 
_reflns.entry_id                     5QGI 
_reflns.pdbx_diffrn_id               1 
_reflns.pdbx_ordinal                 1 
_reflns.observed_criterion_sigma_I   ? 
_reflns.observed_criterion_sigma_F   ? 
_reflns.d_resolution_low             29.390 
_reflns.d_resolution_high            1.950 
_reflns.number_obs                   28189 
_reflns.number_all                   ? 
_reflns.percent_possible_obs         99.800 
_reflns.pdbx_Rmerge_I_obs            0.050 
_reflns.pdbx_Rsym_value              ? 
_reflns.pdbx_netI_over_sigmaI        28.000 
_reflns.B_iso_Wilson_estimate        ? 
_reflns.pdbx_redundancy              10.100 
_reflns.pdbx_Rrim_I_all              0.052 
_reflns.pdbx_Rpim_I_all              0.016 
_reflns.pdbx_CC_half                 0.999 
_reflns.pdbx_netI_over_av_sigmaI     ? 
_reflns.pdbx_number_measured_all     284468 
_reflns.pdbx_scaling_rejects         0 
_reflns.pdbx_chi_squared             ? 
_reflns.Rmerge_F_all                 ? 
_reflns.Rmerge_F_obs                 ? 
_reflns.observed_criterion_F_max     ? 
_reflns.observed_criterion_F_min     ? 
_reflns.observed_criterion_I_max     ? 
_reflns.observed_criterion_I_min     ? 
_reflns.pdbx_d_res_high_opt          ? 
_reflns.pdbx_d_res_low_opt           ? 
_reflns.details                      ? 
# 
loop_
_reflns_shell.pdbx_diffrn_id 
_reflns_shell.pdbx_ordinal 
_reflns_shell.d_res_high 
_reflns_shell.d_res_low 
_reflns_shell.number_measured_obs 
_reflns_shell.number_measured_all 
_reflns_shell.number_unique_obs 
_reflns_shell.pdbx_rejects 
_reflns_shell.Rmerge_I_obs 
_reflns_shell.meanI_over_sigI_obs 
_reflns_shell.pdbx_Rsym_value 
_reflns_shell.pdbx_chi_squared 
_reflns_shell.pdbx_redundancy 
_reflns_shell.percent_possible_obs 
_reflns_shell.pdbx_netI_over_sigmaI_obs 
_reflns_shell.number_possible 
_reflns_shell.number_unique_all 
_reflns_shell.Rmerge_F_all 
_reflns_shell.Rmerge_F_obs 
_reflns_shell.Rmerge_I_all 
_reflns_shell.meanI_over_sigI_all 
_reflns_shell.percent_possible_all 
_reflns_shell.pdbx_Rrim_I_all 
_reflns_shell.pdbx_Rpim_I_all 
_reflns_shell.pdbx_CC_half 
1 1 1.950 2.000  ? 20793 ? ? 0.673 ? ? ? 10.100 ? 3.400  ? 2053 ? ? ? ? 98.400 0.710 0.223 0.917 
1 2 8.720 29.390 ? 3340  ? ? 0.026 ? ? ? 9.800  ? 86.500 ? 342  ? ? ? ? 97.100 0.028 0.009 0.998 
# 
_refine.entry_id                                 5QGI 
_refine.pdbx_refine_id                           'X-RAY DIFFRACTION' 
_refine.ls_d_res_high                            1.9500 
_refine.ls_d_res_low                             109.5500 
_refine.pdbx_ls_sigma_F                          0.000 
_refine.pdbx_data_cutoff_high_absF               ? 
_refine.pdbx_data_cutoff_low_absF                ? 
_refine.ls_percent_reflns_obs                    98.6800 
_refine.ls_number_reflns_obs                     26400 
_refine.ls_number_reflns_all                     ? 
_refine.pdbx_ls_cross_valid_method               THROUGHOUT 
_refine.ls_matrix_type                           ? 
_refine.pdbx_R_Free_selection_details            RANDOM 
_refine.details                                  
'HYDROGENS HAVE BEEN ADDED IN THE RIDING POSITIONS U VALUES      : REFINED INDIVIDUALLY' 
_refine.ls_R_factor_all                          ? 
_refine.ls_R_factor_obs                          0.1933 
_refine.ls_R_factor_R_work                       0.1917 
_refine.ls_wR_factor_R_work                      ? 
_refine.ls_R_factor_R_free                       0.2236 
_refine.ls_wR_factor_R_free                      ? 
_refine.ls_percent_reflns_R_free                 4.9000 
_refine.ls_number_reflns_R_free                  1357 
_refine.ls_number_reflns_R_work                  ? 
_refine.ls_R_factor_R_free_error                 ? 
_refine.B_iso_mean                               39.6860 
_refine.solvent_model_param_bsol                 ? 
_refine.solvent_model_param_ksol                 ? 
_refine.pdbx_isotropic_thermal_model             ? 
_refine.aniso_B[1][1]                            0.2400 
_refine.aniso_B[2][2]                            0.2400 
_refine.aniso_B[3][3]                            -0.7700 
_refine.aniso_B[1][2]                            0.1200 
_refine.aniso_B[1][3]                            0.0000 
_refine.aniso_B[2][3]                            -0.0000 
_refine.correlation_coeff_Fo_to_Fc               0.9590 
_refine.correlation_coeff_Fo_to_Fc_free          0.9430 
_refine.overall_SU_R_Cruickshank_DPI             ? 
_refine.pdbx_overall_SU_R_free_Cruickshank_DPI   ? 
_refine.pdbx_overall_SU_R_Blow_DPI               ? 
_refine.pdbx_overall_SU_R_free_Blow_DPI          ? 
_refine.overall_SU_R_free                        ? 
_refine.pdbx_overall_ESU_R                       0.1110 
_refine.pdbx_overall_ESU_R_Free                  0.1120 
_refine.overall_SU_ML                            0.0810 
_refine.overall_SU_B                             2.8420 
_refine.solvent_model_details                    MASK 
_refine.pdbx_solvent_vdw_probe_radii             1.2000 
_refine.pdbx_solvent_ion_probe_radii             0.8000 
_refine.pdbx_solvent_shrinkage_radii             0.8000 
_refine.ls_number_parameters                     ? 
_refine.ls_number_restraints                     ? 
_refine.pdbx_starting_model                      5T3P 
_refine.pdbx_method_to_determine_struct          'FOURIER SYNTHESIS' 
_refine.pdbx_stereochemistry_target_values       'MAXIMUM LIKELIHOOD' 
_refine.pdbx_stereochem_target_val_spec_case     ? 
_refine.overall_FOM_work_R_set                   ? 
_refine.B_iso_max                                116.920 
_refine.B_iso_min                                21.080 
_refine.pdbx_overall_phase_error                 ? 
_refine.occupancy_max                            ? 
_refine.occupancy_min                            ? 
_refine.pdbx_diffrn_id                           1 
_refine.pdbx_TLS_residual_ADP_flag               ? 
_refine.pdbx_ls_sigma_I                          ? 
_refine.pdbx_data_cutoff_high_rms_absF           ? 
_refine.ls_R_factor_R_free_error_details         ? 
# 
_refine_hist.cycle_id                         final 
_refine_hist.pdbx_refine_id                   'X-RAY DIFFRACTION' 
_refine_hist.d_res_high                       1.9500 
_refine_hist.d_res_low                        109.5500 
_refine_hist.pdbx_number_atoms_ligand         31 
_refine_hist.number_atoms_solvent             170 
_refine_hist.number_atoms_total               1668 
_refine_hist.pdbx_number_residues_total       186 
_refine_hist.pdbx_B_iso_mean_ligand           60.03 
_refine_hist.pdbx_B_iso_mean_solvent          49.98 
_refine_hist.pdbx_number_atoms_protein        1467 
_refine_hist.pdbx_number_atoms_nucleic_acid   0 
# 
loop_
_refine_ls_restr.pdbx_refine_id 
_refine_ls_restr.type 
_refine_ls_restr.number 
_refine_ls_restr.dev_ideal 
_refine_ls_restr.dev_ideal_target 
_refine_ls_restr.weight 
_refine_ls_restr.pdbx_restraint_function 
'X-RAY DIFFRACTION' r_bond_refined_d       1528 0.017  0.019  ? ? 
'X-RAY DIFFRACTION' r_bond_other_d         1458 0.002  0.020  ? ? 
'X-RAY DIFFRACTION' r_angle_refined_deg    2073 1.809  1.992  ? ? 
'X-RAY DIFFRACTION' r_angle_other_deg      3377 1.007  2.984  ? ? 
'X-RAY DIFFRACTION' r_dihedral_angle_1_deg 184  6.390  5.000  ? ? 
'X-RAY DIFFRACTION' r_dihedral_angle_2_deg 66   31.316 24.242 ? ? 
'X-RAY DIFFRACTION' r_dihedral_angle_3_deg 252  14.732 15.000 ? ? 
'X-RAY DIFFRACTION' r_dihedral_angle_4_deg 8    18.738 15.000 ? ? 
'X-RAY DIFFRACTION' r_chiral_restr         237  0.117  0.200  ? ? 
'X-RAY DIFFRACTION' r_gen_planes_refined   1665 0.009  0.021  ? ? 
'X-RAY DIFFRACTION' r_gen_planes_other     287  0.001  0.020  ? ? 
'X-RAY DIFFRACTION' r_mcbond_it            744  3.258  3.549  ? ? 
'X-RAY DIFFRACTION' r_mcbond_other         741  3.216  3.535  ? ? 
'X-RAY DIFFRACTION' r_mcangle_it           924  4.367  5.264  ? ? 
# 
_refine_ls_shell.d_res_high                       1.9520 
_refine_ls_shell.d_res_low                        2.0020 
_refine_ls_shell.pdbx_total_number_of_bins_used   20 
_refine_ls_shell.percent_reflns_obs               96.4500 
_refine_ls_shell.number_reflns_R_work             1931 
_refine_ls_shell.R_factor_all                     ? 
_refine_ls_shell.R_factor_R_work                  0.2570 
_refine_ls_shell.R_factor_R_free                  0.2610 
_refine_ls_shell.percent_reflns_R_free            ? 
_refine_ls_shell.number_reflns_R_free             78 
_refine_ls_shell.R_factor_R_free_error            ? 
_refine_ls_shell.number_reflns_all                2009 
_refine_ls_shell.number_reflns_obs                ? 
_refine_ls_shell.pdbx_refine_id                   'X-RAY DIFFRACTION' 
# 
_struct.entry_id                  5QGI 
_struct.title                     
;PanDDA analysis group deposition of models with modelled events (e.g. bound ligands) -- Crystal Structure of NUDT7 in complex with FMOPL000710a
;
_struct.pdbx_model_details        ? 
_struct.pdbx_CASP_flag            ? 
_struct.pdbx_model_type_details   ? 
# 
_struct_keywords.entry_id        5QGI 
_struct_keywords.text            'PanDDA, SGC - Diamond I04-1 fragment screening, NUDIX domain, XChemExplorer, HYDROLASE' 
_struct_keywords.pdbx_keywords   HYDROLASE 
# 
loop_
_struct_asym.id 
_struct_asym.pdbx_blank_PDB_chainid_flag 
_struct_asym.pdbx_modified 
_struct_asym.entity_id 
_struct_asym.details 
A N N 1 ? 
B N N 2 ? 
C N N 2 ? 
D N N 3 ? 
E N N 3 ? 
F N N 4 ? 
G N N 5 ? 
# 
loop_
_struct_conf.conf_type_id 
_struct_conf.id 
_struct_conf.pdbx_PDB_helix_id 
_struct_conf.beg_label_comp_id 
_struct_conf.beg_label_asym_id 
_struct_conf.beg_label_seq_id 
_struct_conf.pdbx_beg_PDB_ins_code 
_struct_conf.end_label_comp_id 
_struct_conf.end_label_asym_id 
_struct_conf.end_label_seq_id 
_struct_conf.pdbx_end_PDB_ins_code 
_struct_conf.beg_auth_comp_id 
_struct_conf.beg_auth_asym_id 
_struct_conf.beg_auth_seq_id 
_struct_conf.end_auth_comp_id 
_struct_conf.end_auth_asym_id 
_struct_conf.end_auth_seq_id 
_struct_conf.pdbx_PDB_helix_class 
_struct_conf.details 
_struct_conf.pdbx_PDB_helix_length 
HELX_P HELX_P1 AA1 SER A 1   ? LYS A 12  ? SER A 15  LYS A 26  1 ? 12 
HELX_P HELX_P2 AA2 ASP A 71  ? GLY A 85  ? ASP A 85  GLY A 99  1 ? 15 
HELX_P HELX_P3 AA3 ARG A 87  ? HIS A 89  ? ARG A 101 HIS A 103 5 ? 3  
HELX_P HELX_P4 AA4 ALA A 137 ? HIS A 141 ? ALA A 151 HIS A 155 5 ? 5  
HELX_P HELX_P5 AA5 LYS A 176 ? GLU A 192 ? LYS A 190 GLU A 206 1 ? 17 
# 
_struct_conf_type.id          HELX_P 
_struct_conf_type.criteria    ? 
_struct_conf_type.reference   ? 
# 
loop_
_struct_conn.id 
_struct_conn.conn_type_id 
_struct_conn.pdbx_leaving_atom_flag 
_struct_conn.pdbx_PDB_id 
_struct_conn.ptnr1_label_asym_id 
_struct_conn.ptnr1_label_comp_id 
_struct_conn.ptnr1_label_seq_id 
_struct_conn.ptnr1_label_atom_id 
_struct_conn.pdbx_ptnr1_label_alt_id 
_struct_conn.pdbx_ptnr1_PDB_ins_code 
_struct_conn.pdbx_ptnr1_standard_comp_id 
_struct_conn.ptnr1_symmetry 
_struct_conn.ptnr2_label_asym_id 
_struct_conn.ptnr2_label_comp_id 
_struct_conn.ptnr2_label_seq_id 
_struct_conn.ptnr2_label_atom_id 
_struct_conn.pdbx_ptnr2_label_alt_id 
_struct_conn.pdbx_ptnr2_PDB_ins_code 
_struct_conn.ptnr1_auth_asym_id 
_struct_conn.ptnr1_auth_comp_id 
_struct_conn.ptnr1_auth_seq_id 
_struct_conn.ptnr2_auth_asym_id 
_struct_conn.ptnr2_auth_comp_id 
_struct_conn.ptnr2_auth_seq_id 
_struct_conn.ptnr2_symmetry 
_struct_conn.pdbx_ptnr3_label_atom_id 
_struct_conn.pdbx_ptnr3_label_seq_id 
_struct_conn.pdbx_ptnr3_label_comp_id 
_struct_conn.pdbx_ptnr3_label_asym_id 
_struct_conn.pdbx_ptnr3_label_alt_id 
_struct_conn.pdbx_ptnr3_PDB_ins_code 
_struct_conn.details 
_struct_conn.pdbx_dist_value 
_struct_conn.pdbx_value_order 
_struct_conn.pdbx_role 
covale1 covale both ? A ARG 87 C ? ? ? 1_555 A HYP 88 N ? ? A ARG 101 A HYP 102 1_555 ? ? ? ? ? ? ? 1.343 ? ? 
covale2 covale both ? A HYP 88 C ? ? ? 1_555 A HIS 89 N ? ? A HYP 102 A HIS 103 1_555 ? ? ? ? ? ? ? 1.331 ? ? 
covale3 covale both ? A VAL 94 C ? ? ? 1_555 A CSO 95 N ? ? A VAL 108 A CSO 109 1_555 ? ? ? ? ? ? ? 1.334 ? ? 
covale4 covale both ? A CSO 95 C ? ? ? 1_555 A CYS 96 N ? ? A CSO 109 A CYS 110 1_555 ? ? ? ? ? ? ? 1.324 ? ? 
# 
_struct_conn_type.id          covale 
_struct_conn_type.criteria    ? 
_struct_conn_type.reference   ? 
# 
loop_
_struct_sheet.id 
_struct_sheet.type 
_struct_sheet.number_strands 
_struct_sheet.details 
AA1 ? 4 ? 
AA2 ? 4 ? 
AA3 ? 3 ? 
AA4 ? 3 ? 
# 
loop_
_struct_sheet_order.sheet_id 
_struct_sheet_order.range_id_1 
_struct_sheet_order.range_id_2 
_struct_sheet_order.offset 
_struct_sheet_order.sense 
AA1 1 2 ? anti-parallel 
AA1 2 3 ? parallel      
AA1 3 4 ? anti-parallel 
AA2 1 2 ? anti-parallel 
AA2 2 3 ? parallel      
AA2 3 4 ? anti-parallel 
AA3 1 2 ? anti-parallel 
AA3 2 3 ? anti-parallel 
AA4 1 2 ? anti-parallel 
AA4 2 3 ? anti-parallel 
# 
loop_
_struct_sheet_range.sheet_id 
_struct_sheet_range.id 
_struct_sheet_range.beg_label_comp_id 
_struct_sheet_range.beg_label_asym_id 
_struct_sheet_range.beg_label_seq_id 
_struct_sheet_range.pdbx_beg_PDB_ins_code 
_struct_sheet_range.end_label_comp_id 
_struct_sheet_range.end_label_asym_id 
_struct_sheet_range.end_label_seq_id 
_struct_sheet_range.pdbx_end_PDB_ins_code 
_struct_sheet_range.beg_auth_comp_id 
_struct_sheet_range.beg_auth_asym_id 
_struct_sheet_range.beg_auth_seq_id 
_struct_sheet_range.end_auth_comp_id 
_struct_sheet_range.end_auth_asym_id 
_struct_sheet_range.end_auth_seq_id 
AA1 1 VAL A 91  ? CYS A 96  ? VAL A 105 CYS A 110 
AA1 2 THR A 106 ? ILE A 115 ? THR A 120 ILE A 129 
AA1 3 ASN A 25  ? LYS A 36  ? ASN A 39  LYS A 50  
AA1 4 LYS A 39  ? ARG A 47  ? LYS A 53  ARG A 61  
AA2 1 CYS A 100 ? ILE A 102 ? CYS A 114 ILE A 116 
AA2 2 THR A 106 ? ILE A 115 ? THR A 120 ILE A 129 
AA2 3 ASN A 25  ? LYS A 36  ? ASN A 39  LYS A 50  
AA2 4 GLY A 62  ? LYS A 64  ? GLY A 76  LYS A 78  
AA3 1 VAL A 128 ? PRO A 135 ? VAL A 142 PRO A 149 
AA3 2 LYS A 39  ? ARG A 47  ? LYS A 53  ARG A 61  
AA3 3 VAL A 58  ? CYS A 59  ? VAL A 72  CYS A 73  
AA4 1 VAL A 144 ? ASP A 146 ? VAL A 158 ASP A 160 
AA4 2 HIS A 160 ? THR A 165 ? HIS A 174 THR A 179 
AA4 3 THR A 172 ? ILE A 175 ? THR A 186 ILE A 189 
# 
loop_
_pdbx_struct_sheet_hbond.sheet_id 
_pdbx_struct_sheet_hbond.range_id_1 
_pdbx_struct_sheet_hbond.range_id_2 
_pdbx_struct_sheet_hbond.range_1_label_atom_id 
_pdbx_struct_sheet_hbond.range_1_label_comp_id 
_pdbx_struct_sheet_hbond.range_1_label_asym_id 
_pdbx_struct_sheet_hbond.range_1_label_seq_id 
_pdbx_struct_sheet_hbond.range_1_PDB_ins_code 
_pdbx_struct_sheet_hbond.range_1_auth_atom_id 
_pdbx_struct_sheet_hbond.range_1_auth_comp_id 
_pdbx_struct_sheet_hbond.range_1_auth_asym_id 
_pdbx_struct_sheet_hbond.range_1_auth_seq_id 
_pdbx_struct_sheet_hbond.range_2_label_atom_id 
_pdbx_struct_sheet_hbond.range_2_label_comp_id 
_pdbx_struct_sheet_hbond.range_2_label_asym_id 
_pdbx_struct_sheet_hbond.range_2_label_seq_id 
_pdbx_struct_sheet_hbond.range_2_PDB_ins_code 
_pdbx_struct_sheet_hbond.range_2_auth_atom_id 
_pdbx_struct_sheet_hbond.range_2_auth_comp_id 
_pdbx_struct_sheet_hbond.range_2_auth_asym_id 
_pdbx_struct_sheet_hbond.range_2_auth_seq_id 
AA1 1 2 N VAL A 94  ? N VAL A 108 O VAL A 112 ? O VAL A 126 
AA1 2 3 O PHE A 111 ? O PHE A 125 N LEU A 31  ? N LEU A 45  
AA1 3 4 N LYS A 36  ? N LYS A 50  O LYS A 39  ? O LYS A 53  
AA2 1 2 N CYS A 100 ? N CYS A 114 O ILE A 108 ? O ILE A 122 
AA2 2 3 O PHE A 111 ? O PHE A 125 N LEU A 31  ? N LEU A 45  
AA2 3 4 N SER A 28  ? N SER A 42  O GLY A 63  ? O GLY A 77  
AA3 1 2 O LYS A 129 ? O LYS A 143 N VAL A 46  ? N VAL A 60  
AA3 2 3 N THR A 45  ? N THR A 59  O CYS A 59  ? O CYS A 73  
AA4 1 2 N HIS A 145 ? N HIS A 159 O ILE A 161 ? O ILE A 175 
AA4 2 3 N TYR A 164 ? N TYR A 178 O TYR A 173 ? O TYR A 187 
# 
loop_
_struct_site.id 
_struct_site.pdbx_evidence_code 
_struct_site.pdbx_auth_asym_id 
_struct_site.pdbx_auth_comp_id 
_struct_site.pdbx_auth_seq_id 
_struct_site.pdbx_auth_ins_code 
_struct_site.pdbx_num_residues 
_struct_site.details 
AC1 Software A ACT 301 ? 5  'binding site for residue ACT A 301' 
AC2 Software A ACT 302 ? 2  'binding site for residue ACT A 302' 
AC3 Software A DMS 303 ? 6  'binding site for residue DMS A 303' 
AC4 Software A DMS 304 ? 3  'binding site for residue DMS A 304' 
AC5 Software A B0V 305 ? 10 'binding site for residue B0V A 305' 
# 
loop_
_struct_site_gen.id 
_struct_site_gen.site_id 
_struct_site_gen.pdbx_num_res 
_struct_site_gen.label_comp_id 
_struct_site_gen.label_asym_id 
_struct_site_gen.label_seq_id 
_struct_site_gen.pdbx_auth_ins_code 
_struct_site_gen.auth_comp_id 
_struct_site_gen.auth_asym_id 
_struct_site_gen.auth_seq_id 
_struct_site_gen.label_atom_id 
_struct_site_gen.label_alt_id 
_struct_site_gen.symmetry 
_struct_site_gen.details 
1  AC1 5  GLY A 56  ? GLY A 70  . ? 1_555 ? 
2  AC1 5  VAL A 58  ? VAL A 72  . ? 1_555 ? 
3  AC1 5  TYR A 173 ? TYR A 187 . ? 1_555 ? 
4  AC1 5  GLN A 174 ? GLN A 188 . ? 1_555 ? 
5  AC1 5  HOH G .   ? HOH A 437 . ? 1_555 ? 
6  AC2 2  HYP A 88  ? HYP A 102 . ? 1_555 ? 
7  AC2 2  VAL A 91  ? VAL A 105 . ? 1_555 ? 
8  AC3 6  GLY A 85  ? GLY A 99  . ? 1_555 ? 
9  AC3 6  ARG A 87  ? ARG A 101 . ? 1_555 ? 
10 AC3 6  GLN A 90  ? GLN A 104 . ? 1_555 ? 
11 AC3 6  PHE A 119 ? PHE A 133 . ? 1_555 ? 
12 AC3 6  GLN A 120 ? GLN A 134 . ? 1_555 ? 
13 AC3 6  GLN A 122 ? GLN A 136 . ? 1_555 ? 
14 AC4 3  ASP A 116 ? ASP A 130 . ? 1_555 ? 
15 AC4 3  HIS A 117 ? HIS A 131 . ? 1_555 ? 
16 AC4 3  ASP A 130 ? ASP A 144 . ? 2_545 ? 
17 AC5 10 TYR A 27  ? TYR A 41  . ? 1_555 ? 
18 AC5 10 THR A 45  ? THR A 59  . ? 1_555 ? 
19 AC5 10 ARG A 47  ? ARG A 61  . ? 1_555 ? 
20 AC5 10 ARG A 53  ? ARG A 67  . ? 1_555 ? 
21 AC5 10 CYS A 59  ? CYS A 73  . ? 1_555 ? 
22 AC5 10 PHE A 60  ? PHE A 74  . ? 1_555 ? 
23 AC5 10 GLY A 62  ? GLY A 76  . ? 1_555 ? 
24 AC5 10 GLU A 83  ? GLU A 97  . ? 1_555 ? 
25 AC5 10 HOH G .   ? HOH A 404 . ? 1_555 ? 
26 AC5 10 HOH G .   ? HOH A 457 . ? 1_555 ? 
# 
_atom_sites.entry_id                    5QGI 
_atom_sites.fract_transf_matrix[1][1]   -0.00647083 
_atom_sites.fract_transf_matrix[1][2]   0.00641184 
_atom_sites.fract_transf_matrix[1][3]   -0.00057940 
_atom_sites.fract_transf_matrix[2][1]   -0.00567759 
_atom_sites.fract_transf_matrix[2][2]   0.00012178 
_atom_sites.fract_transf_matrix[2][3]   -0.00714637 
_atom_sites.fract_transf_matrix[3][1]   -0.01519938 
_atom_sites.fract_transf_matrix[3][2]   -0.01426999 
_atom_sites.fract_transf_matrix[3][3]   0.01183229 
_atom_sites.fract_transf_vector[1]      0.137212 
_atom_sites.fract_transf_vector[2]      -0.433478 
_atom_sites.fract_transf_vector[3]      1.981098 
# 
loop_
_atom_type.symbol 
C 
N 
O 
S 
# 
loop_
_atom_site.group_PDB 
_atom_site.id 
_atom_site.type_symbol 
_atom_site.label_atom_id 
_atom_site.label_alt_id 
_atom_site.label_comp_id 
_atom_site.label_asym_id 
_atom_site.label_entity_id 
_atom_site.label_seq_id 
_atom_site.pdbx_PDB_ins_code 
_atom_site.Cartn_x 
_atom_site.Cartn_y 
_atom_site.Cartn_z 
_atom_site.occupancy 
_atom_site.B_iso_or_equiv 
_atom_site.pdbx_formal_charge 
_atom_site.auth_seq_id 
_atom_site.auth_comp_id 
_atom_site.auth_asym_id 
_atom_site.auth_atom_id 
_atom_site.pdbx_PDB_model_num 
ATOM   1    N N   . SER A 1 1   ? -7.483  5.032   21.378  1.00 53.33  ? 15  SER A N   1 
ATOM   2    C CA  . SER A 1 1   ? -8.334  5.227   20.171  1.00 50.05  ? 15  SER A CA  1 
ATOM   3    C C   . SER A 1 1   ? -7.908  4.196   19.107  1.00 50.66  ? 15  SER A C   1 
ATOM   4    O O   . SER A 1 1   ? -6.862  3.540   19.276  1.00 46.02  ? 15  SER A O   1 
ATOM   5    C CB  . SER A 1 1   ? -8.176  6.666   19.675  1.00 53.07  ? 15  SER A CB  1 
ATOM   6    O OG  . SER A 1 1   ? -6.841  6.930   19.211  1.00 44.75  ? 15  SER A OG  1 
ATOM   7    N N   . MET A 1 2   ? -8.751  4.037   18.089  1.00 46.07  ? 16  MET A N   1 
ATOM   8    C CA  . MET A 1 2   ? -8.495  3.205   16.900  1.00 51.77  ? 16  MET A CA  1 
ATOM   9    C C   . MET A 1 2   ? -7.165  3.540   16.195  1.00 54.62  ? 16  MET A C   1 
ATOM   10   O O   . MET A 1 2   ? -6.437  2.630   15.740  1.00 45.56  ? 16  MET A O   1 
ATOM   11   C CB  . MET A 1 2   ? -9.665  3.324   15.907  1.00 50.78  ? 16  MET A CB  1 
ATOM   12   C CG  . MET A 1 2   ? -9.388  2.931   14.446  1.00 56.48  ? 16  MET A CG  1 
ATOM   13   S SD  . MET A 1 2   ? -10.944 2.846   13.466  1.00 61.31  ? 16  MET A SD  1 
ATOM   14   C CE  . MET A 1 2   ? -11.310 4.577   13.243  1.00 58.15  ? 16  MET A CE  1 
ATOM   15   N N   . LEU A 1 3   ? -6.835  4.823   16.104  1.00 51.65  ? 17  LEU A N   1 
ATOM   16   C CA  . LEU A 1 3   ? -5.643  5.189   15.343  1.00 50.73  ? 17  LEU A CA  1 
ATOM   17   C C   . LEU A 1 3   ? -4.377  5.046   16.181  1.00 49.54  ? 17  LEU A C   1 
ATOM   18   O O   . LEU A 1 3   ? -3.338  4.632   15.677  1.00 46.63  ? 17  LEU A O   1 
ATOM   19   C CB  . LEU A 1 3   ? -5.787  6.582   14.796  1.00 47.24  ? 17  LEU A CB  1 
ATOM   20   C CG  . LEU A 1 3   ? -6.690  6.624   13.570  1.00 52.05  ? 17  LEU A CG  1 
ATOM   21   C CD1 . LEU A 1 3   ? -7.226  8.055   13.388  1.00 51.60  ? 17  LEU A CD1 1 
ATOM   22   C CD2 . LEU A 1 3   ? -5.944  6.154   12.323  1.00 55.45  ? 17  LEU A CD2 1 
ATOM   23   N N   . ASP A 1 4   ? -4.494  5.342   17.468  1.00 48.58  ? 18  ASP A N   1 
ATOM   24   C CA  . ASP A 1 4   ? -3.399  5.159   18.390  1.00 50.08  ? 18  ASP A CA  1 
ATOM   25   C C   . ASP A 1 4   ? -3.058  3.701   18.578  1.00 49.14  ? 18  ASP A C   1 
ATOM   26   O O   . ASP A 1 4   ? -1.877  3.359   18.700  1.00 43.39  ? 18  ASP A O   1 
ATOM   27   C CB  . ASP A 1 4   ? -3.704  5.810   19.750  1.00 51.57  ? 18  ASP A CB  1 
ATOM   28   C CG  . ASP A 1 4   ? -3.583  7.339   19.708  1.00 62.12  ? 18  ASP A CG  1 
ATOM   29   O OD1 . ASP A 1 4   ? -3.332  7.938   18.630  1.00 62.33  ? 18  ASP A OD1 1 
ATOM   30   O OD2 . ASP A 1 4   ? -3.728  7.948   20.779  1.00 73.20  ? 18  ASP A OD2 1 
ATOM   31   N N   . ASP A 1 5   ? -4.102  2.874   18.634  1.00 44.20  ? 19  ASP A N   1 
ATOM   32   C CA  . ASP A 1 5   ? -3.988  1.441   18.688  1.00 46.40  ? 19  ASP A CA  1 
ATOM   33   C C   . ASP A 1 5   ? -3.293  0.850   17.423  1.00 38.92  ? 19  ASP A C   1 
ATOM   34   O O   . ASP A 1 5   ? -2.446  -0.032  17.558  1.00 36.09  ? 19  ASP A O   1 
ATOM   35   C CB  . ASP A 1 5   ? -5.383  0.827   18.842  1.00 50.38  ? 19  ASP A CB  1 
ATOM   36   C CG  . ASP A 1 5   ? -5.927  0.903   20.286  1.00 55.87  ? 19  ASP A CG  1 
ATOM   37   O OD1 . ASP A 1 5   ? -5.199  1.286   21.239  1.00 60.48  ? 19  ASP A OD1 1 
ATOM   38   O OD2 . ASP A 1 5   ? -7.122  0.575   20.455  1.00 68.28  ? 19  ASP A OD2 1 
ATOM   39   N N   . ALA A 1 6   ? -3.636  1.352   16.251  1.00 32.49  ? 20  ALA A N   1 
ATOM   40   C CA  . ALA A 1 6   ? -2.998  0.895   14.986  1.00 33.39  ? 20  ALA A CA  1 
ATOM   41   C C   . ALA A 1 6   ? -1.522  1.211   14.915  1.00 33.85  ? 20  ALA A C   1 
ATOM   42   O O   . ALA A 1 6   ? -0.704  0.301   14.631  1.00 26.81  ? 20  ALA A O   1 
ATOM   43   C CB  . ALA A 1 6   ? -3.707  1.448   13.797  1.00 33.19  ? 20  ALA A CB  1 
ATOM   44   N N   . LYS A 1 7   ? -1.153  2.463   15.197  1.00 30.53  ? 21  LYS A N   1 
ATOM   45   C CA  . LYS A 1 7   ? 0.257   2.859   15.186  1.00 35.19  ? 21  LYS A CA  1 
ATOM   46   C C   . LYS A 1 7   ? 1.099   2.065   16.236  1.00 34.23  ? 21  LYS A C   1 
ATOM   47   O O   . LYS A 1 7   ? 2.249   1.630   15.970  1.00 31.65  ? 21  LYS A O   1 
ATOM   48   C CB  . LYS A 1 7   ? 0.430   4.344   15.514  1.00 39.38  ? 21  LYS A CB  1 
ATOM   49   C CG  . LYS A 1 7   ? -0.272  5.315   14.627  1.00 47.67  ? 21  LYS A CG  1 
ATOM   50   C CD  . LYS A 1 7   ? 0.027   6.748   15.111  1.00 56.95  ? 21  LYS A CD  1 
ATOM   51   C CE  . LYS A 1 7   ? -1.218  7.604   15.312  1.00 59.27  ? 21  LYS A CE  1 
ATOM   52   N NZ  . LYS A 1 7   ? -0.809  9.049   15.367  1.00 62.78  ? 21  LYS A NZ  1 
ATOM   53   N N   . ALA A 1 8   ? 0.547   1.854   17.412  1.00 33.91  ? 22  ALA A N   1 
ATOM   54   C CA  . ALA A 1 8   ? 1.283   1.104   18.457  1.00 35.76  ? 22  ALA A CA  1 
ATOM   55   C C   . ALA A 1 8   ? 1.545   -0.373  18.022  1.00 32.87  ? 22  ALA A C   1 
ATOM   56   O O   . ALA A 1 8   ? 2.637   -0.888  18.234  1.00 34.12  ? 22  ALA A O   1 
ATOM   57   C CB  . ALA A 1 8   ? 0.565   1.172   19.796  1.00 38.08  ? 22  ALA A CB  1 
ATOM   58   N N   . ARG A 1 9   ? 0.565   -0.997  17.376  1.00 30.64  ? 23  ARG A N   1 
ATOM   59   C CA  . ARG A 1 9   ? 0.732   -2.362  16.793  1.00 30.72  ? 23  ARG A CA  1 
ATOM   60   C C   . ARG A 1 9   ? 1.815   -2.349  15.714  1.00 31.16  ? 23  ARG A C   1 
ATOM   61   O O   . ARG A 1 9   ? 2.711   -3.193  15.736  1.00 28.41  ? 23  ARG A O   1 
ATOM   62   C CB  . ARG A 1 9   ? -0.554  -2.902  16.148  1.00 33.48  ? 23  ARG A CB  1 
ATOM   63   C CG  . ARG A 1 9   ? -1.736  -3.279  17.059  1.00 36.40  ? 23  ARG A CG  1 
ATOM   64   C CD  . ARG A 1 9   ? -1.374  -4.428  17.968  1.00 41.74  ? 23  ARG A CD  1 
ATOM   65   N NE  . ARG A 1 9   ? -2.552  -4.994  18.689  1.00 48.11  ? 23  ARG A NE  1 
ATOM   66   C CZ  . ARG A 1 9   ? -3.454  -5.860  18.192  1.00 47.09  ? 23  ARG A CZ  1 
ATOM   67   N NH1 . ARG A 1 9   ? -3.386  -6.311  16.938  1.00 37.91  ? 23  ARG A NH1 1 
ATOM   68   N NH2 . ARG A 1 9   ? -4.440  -6.316  18.983  1.00 47.62  ? 23  ARG A NH2 1 
ATOM   69   N N   . LEU A 1 10  ? 1.692   -1.408  14.764  1.00 26.61  ? 24  LEU A N   1 
ATOM   70   C CA  . LEU A 1 10  ? 2.623   -1.297  13.614  1.00 27.30  ? 24  LEU A CA  1 
ATOM   71   C C   . LEU A 1 10  ? 4.059   -1.064  14.035  1.00 28.34  ? 24  LEU A C   1 
ATOM   72   O O   . LEU A 1 10  ? 4.985   -1.614  13.430  1.00 28.36  ? 24  LEU A O   1 
ATOM   73   C CB  . LEU A 1 10  ? 2.182   -0.186  12.663  1.00 25.93  ? 24  LEU A CB  1 
ATOM   74   C CG  . LEU A 1 10  ? 0.896   -0.395  11.815  1.00 25.57  ? 24  LEU A CG  1 
ATOM   75   C CD1 . LEU A 1 10  ? 0.422   0.953   11.252  1.00 28.05  ? 24  LEU A CD1 1 
ATOM   76   C CD2 . LEU A 1 10  ? 1.182   -1.349  10.686  1.00 27.86  ? 24  LEU A CD2 1 
ATOM   77   N N   . ARG A 1 11  ? 4.258   -0.266  15.060  1.00 28.27  ? 25  ARG A N   1 
ATOM   78   C CA  . ARG A 1 11  ? 5.616   0.014   15.528  1.00 32.04  ? 25  ARG A CA  1 
ATOM   79   C C   . ARG A 1 11  ? 6.386   -1.232  15.980  1.00 36.56  ? 25  ARG A C   1 
ATOM   80   O O   . ARG A 1 11  ? 7.612   -1.267  15.827  1.00 36.81  ? 25  ARG A O   1 
ATOM   81   C CB  . ARG A 1 11  ? 5.626   1.112   16.587  1.00 36.16  ? 25  ARG A CB  1 
ATOM   82   C CG  . ARG A 1 11  ? 5.373   2.494   15.959  1.00 42.73  ? 25  ARG A CG  1 
ATOM   83   C CD  . ARG A 1 11  ? 5.224   3.581   17.020  1.00 49.52  ? 25  ARG A CD  1 
ATOM   84   N NE  . ARG A 1 11  ? 4.632   4.807   16.462  1.00 54.94  ? 25  ARG A NE  1 
ATOM   85   C CZ  . ARG A 1 11  ? 3.634   5.533   17.009  1.00 64.07  ? 25  ARG A CZ  1 
ATOM   86   N NH1 . ARG A 1 11  ? 3.072   5.201   18.202  1.00 62.26  ? 25  ARG A NH1 1 
ATOM   87   N NH2 . ARG A 1 11  ? 3.192   6.623   16.354  1.00 61.87  ? 25  ARG A NH2 1 
ATOM   88   N N   . LYS A 1 12  ? 5.690   -2.254  16.483  1.00 33.87  ? 26  LYS A N   1 
ATOM   89   C CA  . LYS A 1 12  ? 6.348   -3.501  16.898  1.00 36.16  ? 26  LYS A CA  1 
ATOM   90   C C   . LYS A 1 12  ? 6.961   -4.332  15.745  1.00 35.60  ? 26  LYS A C   1 
ATOM   91   O O   . LYS A 1 12  ? 7.767   -5.214  16.003  1.00 33.46  ? 26  LYS A O   1 
ATOM   92   C CB  . LYS A 1 12  ? 5.375   -4.364  17.705  1.00 40.58  ? 26  LYS A CB  1 
ATOM   93   C CG  . LYS A 1 12  ? 4.853   -3.692  18.986  1.00 46.36  ? 26  LYS A CG  1 
ATOM   94   C CD  . LYS A 1 12  ? 4.148   -4.710  19.875  1.00 54.68  ? 26  LYS A CD  1 
ATOM   95   C CE  . LYS A 1 12  ? 3.039   -4.110  20.717  1.00 64.35  ? 26  LYS A CE  1 
ATOM   96   N NZ  . LYS A 1 12  ? 3.559   -3.266  21.815  1.00 68.50  ? 26  LYS A NZ  1 
ATOM   97   N N   . TYR A 1 13  ? 6.601   -4.041  14.489  1.00 29.09  ? 27  TYR A N   1 
ATOM   98   C CA  . TYR A 1 13  ? 7.097   -4.732  13.343  1.00 25.94  ? 27  TYR A CA  1 
ATOM   99   C C   . TYR A 1 13  ? 8.066   -3.920  12.489  1.00 27.79  ? 27  TYR A C   1 
ATOM   100  O O   . TYR A 1 13  ? 8.462   -4.422  11.424  1.00 28.76  ? 27  TYR A O   1 
ATOM   101  C CB  . TYR A 1 13  ? 5.920   -5.243  12.497  1.00 26.55  ? 27  TYR A CB  1 
ATOM   102  C CG  . TYR A 1 13  ? 5.000   -6.190  13.245  1.00 27.03  ? 27  TYR A CG  1 
ATOM   103  C CD1 . TYR A 1 13  ? 4.002   -5.687  14.067  1.00 27.66  ? 27  TYR A CD1 1 
ATOM   104  C CD2 . TYR A 1 13  ? 5.156   -7.595  13.173  1.00 30.98  ? 27  TYR A CD2 1 
ATOM   105  C CE1 . TYR A 1 13  ? 3.161   -6.533  14.791  1.00 30.07  ? 27  TYR A CE1 1 
ATOM   106  C CE2 . TYR A 1 13  ? 4.303   -8.464  13.885  1.00 33.15  ? 27  TYR A CE2 1 
ATOM   107  C CZ  . TYR A 1 13  ? 3.317   -7.915  14.717  1.00 35.10  ? 27  TYR A CZ  1 
ATOM   108  O OH  . TYR A 1 13  ? 2.421   -8.697  15.435  1.00 34.05  ? 27  TYR A OH  1 
ATOM   109  N N   . ASP A 1 14  ? 8.387   -2.689  12.920  1.00 27.08  ? 28  ASP A N   1 
ATOM   110  C CA  . ASP A 1 14  ? 9.267   -1.742  12.196  1.00 29.62  ? 28  ASP A CA  1 
ATOM   111  C C   . ASP A 1 14  ? 10.667  -2.344  12.160  1.00 36.37  ? 28  ASP A C   1 
ATOM   112  O O   . ASP A 1 14  ? 11.217  -2.692  13.204  1.00 34.38  ? 28  ASP A O   1 
ATOM   113  C CB  . ASP A 1 14  ? 9.336   -0.410  12.936  1.00 32.71  ? 28  ASP A CB  1 
ATOM   114  C CG  . ASP A 1 14  ? 9.997   0.728   12.141  1.00 37.52  ? 28  ASP A CG  1 
ATOM   115  O OD1 . ASP A 1 14  ? 10.146  0.707   10.899  1.00 38.12  ? 28  ASP A OD1 1 
ATOM   116  O OD2 . ASP A 1 14  ? 10.252  1.732   12.798  1.00 46.67  ? 28  ASP A OD2 1 
ATOM   117  N N   . ILE A 1 15  ? 11.193  -2.576  10.973  1.00 36.30  ? 29  ILE A N   1 
ATOM   118  C CA  . ILE A 1 15  ? 12.594  -2.972  10.912  1.00 44.47  ? 29  ILE A CA  1 
ATOM   119  C C   . ILE A 1 15  ? 13.544  -1.754  10.800  1.00 43.89  ? 29  ILE A C   1 
ATOM   120  O O   . ILE A 1 15  ? 14.734  -1.918  10.903  1.00 45.75  ? 29  ILE A O   1 
ATOM   121  C CB  . ILE A 1 15  ? 12.846  -4.076  9.874   1.00 48.48  ? 29  ILE A CB  1 
ATOM   122  C CG1 . ILE A 1 15  ? 12.962  -3.535  8.469   1.00 49.09  ? 29  ILE A CG1 1 
ATOM   123  C CG2 . ILE A 1 15  ? 11.762  -5.165  9.938   1.00 52.80  ? 29  ILE A CG2 1 
ATOM   124  C CD1 . ILE A 1 15  ? 13.893  -4.406  7.665   1.00 53.71  ? 29  ILE A CD1 1 
ATOM   125  N N   . GLY A 1 16  ? 13.002  -0.545  10.600  1.00 47.84  ? 30  GLY A N   1 
ATOM   126  C CA  . GLY A 1 16  ? 13.813  0.672   10.434  1.00 47.73  ? 30  GLY A CA  1 
ATOM   127  C C   . GLY A 1 16  ? 14.737  0.631   9.206   1.00 45.23  ? 30  GLY A C   1 
ATOM   128  O O   . GLY A 1 16  ? 14.333  0.171   8.117   1.00 40.02  ? 30  GLY A O   1 
ATOM   129  N N   . GLY A 1 17  ? 15.988  1.071   9.396   1.00 46.25  ? 31  GLY A N   1 
ATOM   130  C CA  . GLY A 1 17  ? 16.953  1.196   8.288   1.00 43.89  ? 31  GLY A CA  1 
ATOM   131  C C   . GLY A 1 17  ? 17.917  0.037   8.093   1.00 41.84  ? 31  GLY A C   1 
ATOM   132  O O   . GLY A 1 17  ? 18.800  0.087   7.230   1.00 35.47  ? 31  GLY A O   1 
ATOM   133  N N   . LYS A 1 18  ? 17.707  -1.015  8.875   1.00 44.35  ? 32  LYS A N   1 
ATOM   134  C CA  . LYS A 1 18  ? 18.538  -2.216  8.906   1.00 42.63  ? 32  LYS A CA  1 
ATOM   135  C C   . LYS A 1 18  ? 18.998  -2.741  7.486   1.00 35.68  ? 32  LYS A C   1 
ATOM   136  O O   . LYS A 1 18  ? 20.207  -2.862  7.219   1.00 41.07  ? 32  LYS A O   1 
ATOM   137  C CB  . LYS A 1 18  ? 17.770  -3.243  9.822   1.00 43.61  ? 32  LYS A CB  1 
ATOM   138  C CG  . LYS A 1 18  ? 18.568  -4.458  10.238  1.00 49.77  ? 32  LYS A CG  1 
ATOM   139  C CD  . LYS A 1 18  ? 17.913  -5.289  11.336  1.00 46.21  ? 32  LYS A CD  1 
ATOM   140  C CE  . LYS A 1 18  ? 18.155  -4.648  12.678  1.00 51.96  ? 32  LYS A CE  1 
ATOM   141  N NZ  . LYS A 1 18  ? 17.664  -5.522  13.771  1.00 55.98  ? 32  LYS A NZ  1 
ATOM   142  N N   . TYR A 1 19  ? 18.079  -2.873  6.533   1.00 34.00  ? 33  TYR A N   1 
ATOM   143  C CA  . TYR A 1 19  ? 18.380  -3.374  5.169   1.00 31.62  ? 33  TYR A CA  1 
ATOM   144  C C   . TYR A 1 19  ? 18.549  -2.286  4.020   1.00 33.90  ? 33  TYR A C   1 
ATOM   145  O O   . TYR A 1 19  ? 18.840  -2.615  2.832   1.00 32.75  ? 33  TYR A O   1 
ATOM   146  C CB  . TYR A 1 19  ? 17.296  -4.387  4.765   1.00 31.54  ? 33  TYR A CB  1 
ATOM   147  C CG  . TYR A 1 19  ? 17.397  -5.756  5.486   1.00 27.72  ? 33  TYR A CG  1 
ATOM   148  C CD1 . TYR A 1 19  ? 17.137  -5.879  6.856   1.00 30.97  ? 33  TYR A CD1 1 
ATOM   149  C CD2 . TYR A 1 19  ? 17.780  -6.899  4.813   1.00 27.78  ? 33  TYR A CD2 1 
ATOM   150  C CE1 . TYR A 1 19  ? 17.251  -7.110  7.532   1.00 29.58  ? 33  TYR A CE1 1 
ATOM   151  C CE2 . TYR A 1 19  ? 17.834  -8.145  5.470   1.00 26.51  ? 33  TYR A CE2 1 
ATOM   152  C CZ  . TYR A 1 19  ? 17.582  -8.253  6.808   1.00 27.14  ? 33  TYR A CZ  1 
ATOM   153  O OH  . TYR A 1 19  ? 17.662  -9.482  7.458   1.00 30.02  ? 33  TYR A OH  1 
ATOM   154  N N   . SER A 1 20  ? 18.433  -1.017  4.402   1.00 32.52  ? 34  SER A N   1 
ATOM   155  C CA  . SER A 1 20  ? 18.346  0.104   3.428   1.00 32.15  ? 34  SER A CA  1 
ATOM   156  C C   . SER A 1 20  ? 19.636  0.434   2.648   1.00 33.57  ? 34  SER A C   1 
ATOM   157  O O   . SER A 1 20  ? 19.562  1.019   1.553   1.00 33.88  ? 34  SER A O   1 
ATOM   158  C CB  . SER A 1 20  ? 17.927  1.360   4.189   1.00 36.90  ? 34  SER A CB  1 
ATOM   159  O OG  . SER A 1 20  ? 18.926  1.735   5.162   1.00 40.19  ? 34  SER A OG  1 
ATOM   160  N N   . HIS A 1 21  ? 20.793  0.092   3.192   1.00 31.92  ? 35  HIS A N   1 
ATOM   161  C CA  . HIS A 1 21  ? 22.072  0.411   2.529   1.00 38.45  ? 35  HIS A CA  1 
ATOM   162  C C   . HIS A 1 21  ? 22.591  -0.651  1.544   1.00 38.98  ? 35  HIS A C   1 
ATOM   163  O O   . HIS A 1 21  ? 23.544  -0.365  0.777   1.00 35.46  ? 35  HIS A O   1 
ATOM   164  C CB  . HIS A 1 21  ? 23.173  0.689   3.552   1.00 44.60  ? 35  HIS A CB  1 
ATOM   165  C CG  . HIS A 1 21  ? 23.982  -0.527  3.890   1.00 62.89  ? 35  HIS A CG  1 
ATOM   166  N ND1 . HIS A 1 21  ? 23.626  -1.400  4.899   1.00 64.43  ? 35  HIS A ND1 1 
ATOM   167  C CD2 . HIS A 1 21  ? 25.103  -1.046  3.323   1.00 70.98  ? 35  HIS A CD2 1 
ATOM   168  C CE1 . HIS A 1 21  ? 24.497  -2.390  4.948   1.00 61.51  ? 35  HIS A CE1 1 
ATOM   169  N NE2 . HIS A 1 21  ? 25.402  -2.202  4.002   1.00 72.90  ? 35  HIS A NE2 1 
ATOM   170  N N   . LEU A 1 22  ? 22.036  -1.868  1.578   1.00 30.64  ? 36  LEU A N   1 
ATOM   171  C CA  . LEU A 1 22  ? 22.521  -2.951  0.712   1.00 30.69  ? 36  LEU A CA  1 
ATOM   172  C C   . LEU A 1 22  ? 22.478  -2.614  -0.784  1.00 33.84  ? 36  LEU A C   1 
ATOM   173  O O   . LEU A 1 22  ? 21.577  -1.857  -1.231  1.00 31.12  ? 36  LEU A O   1 
ATOM   174  C CB  . LEU A 1 22  ? 21.710  -4.237  0.967   1.00 30.76  ? 36  LEU A CB  1 
ATOM   175  C CG  . LEU A 1 22  ? 21.892  -4.869  2.339   1.00 29.19  ? 36  LEU A CG  1 
ATOM   176  C CD1 . LEU A 1 22  ? 20.801  -5.882  2.613   1.00 31.87  ? 36  LEU A CD1 1 
ATOM   177  C CD2 . LEU A 1 22  ? 23.231  -5.541  2.461   1.00 33.49  ? 36  LEU A CD2 1 
ATOM   178  N N   . PRO A 1 23  ? 23.410  -3.201  -1.598  1.00 33.15  ? 37  PRO A N   1 
ATOM   179  C CA  . PRO A 1 23  ? 23.555  -2.670  -3.005  1.00 31.40  ? 37  PRO A CA  1 
ATOM   180  C C   . PRO A 1 23  ? 22.584  -3.201  -4.067  1.00 31.44  ? 37  PRO A C   1 
ATOM   181  O O   . PRO A 1 23  ? 22.976  -3.855  -5.039  1.00 34.86  ? 37  PRO A O   1 
ATOM   182  C CB  . PRO A 1 23  ? 25.045  -2.997  -3.331  1.00 36.68  ? 37  PRO A CB  1 
ATOM   183  C CG  . PRO A 1 23  ? 25.293  -4.281  -2.578  1.00 35.05  ? 37  PRO A CG  1 
ATOM   184  C CD  . PRO A 1 23  ? 24.548  -4.099  -1.238  1.00 34.07  ? 37  PRO A CD  1 
ATOM   185  N N   . TYR A 1 24  ? 21.280  -2.958  -3.884  1.00 29.92  ? 38  TYR A N   1 
ATOM   186  C CA  . TYR A 1 24  ? 20.250  -3.424  -4.808  1.00 25.94  ? 38  TYR A CA  1 
ATOM   187  C C   . TYR A 1 24  ? 19.756  -2.299  -5.759  1.00 23.56  ? 38  TYR A C   1 
ATOM   188  O O   . TYR A 1 24  ? 19.997  -1.138  -5.461  1.00 26.20  ? 38  TYR A O   1 
ATOM   189  C CB  . TYR A 1 24  ? 19.064  -3.924  -3.957  1.00 27.17  ? 38  TYR A CB  1 
ATOM   190  C CG  . TYR A 1 24  ? 19.316  -5.279  -3.293  1.00 24.85  ? 38  TYR A CG  1 
ATOM   191  C CD1 . TYR A 1 24  ? 19.146  -6.416  -4.008  1.00 27.32  ? 38  TYR A CD1 1 
ATOM   192  C CD2 . TYR A 1 24  ? 19.617  -5.390  -1.953  1.00 25.04  ? 38  TYR A CD2 1 
ATOM   193  C CE1 . TYR A 1 24  ? 19.316  -7.684  -3.451  1.00 30.81  ? 38  TYR A CE1 1 
ATOM   194  C CE2 . TYR A 1 24  ? 19.806  -6.671  -1.346  1.00 27.81  ? 38  TYR A CE2 1 
ATOM   195  C CZ  . TYR A 1 24  ? 19.672  -7.815  -2.119  1.00 27.96  ? 38  TYR A CZ  1 
ATOM   196  O OH  . TYR A 1 24  ? 19.833  -9.120  -1.592  1.00 30.07  ? 38  TYR A OH  1 
ATOM   197  N N   . ASN A 1 25  ? 19.065  -2.674  -6.831  1.00 23.99  ? 39  ASN A N   1 
ATOM   198  C CA  . ASN A 1 25  ? 18.080  -1.804  -7.515  1.00 29.14  ? 39  ASN A CA  1 
ATOM   199  C C   . ASN A 1 25  ? 16.919  -1.602  -6.498  1.00 29.49  ? 39  ASN A C   1 
ATOM   200  O O   . ASN A 1 25  ? 16.302  -2.595  -6.066  1.00 27.26  ? 39  ASN A O   1 
ATOM   201  C CB  . ASN A 1 25  ? 17.552  -2.441  -8.777  1.00 29.93  ? 39  ASN A CB  1 
ATOM   202  C CG  . ASN A 1 25  ? 18.626  -2.571  -9.854  1.00 40.59  ? 39  ASN A CG  1 
ATOM   203  O OD1 . ASN A 1 25  ? 19.316  -1.604  -10.190 1.00 43.78  ? 39  ASN A OD1 1 
ATOM   204  N ND2 . ASN A 1 25  ? 18.813  -3.771  -10.343 1.00 37.18  ? 39  ASN A ND2 1 
ATOM   205  N N   . LYS A 1 26  ? 16.685  -0.358  -6.099  1.00 28.56  ? 40  LYS A N   1 
ATOM   206  C CA  . LYS A 1 26  ? 15.789  -0.008  -4.978  1.00 27.20  ? 40  LYS A CA  1 
ATOM   207  C C   . LYS A 1 26  ? 14.450  0.653   -5.381  1.00 28.07  ? 40  LYS A C   1 
ATOM   208  O O   . LYS A 1 26  ? 14.419  1.649   -6.137  1.00 24.75  ? 40  LYS A O   1 
ATOM   209  C CB  . LYS A 1 26  ? 16.544  0.823   -3.986  1.00 29.67  ? 40  LYS A CB  1 
ATOM   210  C CG  . LYS A 1 26  ? 17.667  0.025   -3.279  1.00 29.61  ? 40  LYS A CG  1 
ATOM   211  C CD  . LYS A 1 26  ? 18.544  0.869   -2.388  1.00 32.32  ? 40  LYS A CD  1 
ATOM   212  C CE  . LYS A 1 26  ? 17.812  1.466   -1.182  1.00 33.54  ? 40  LYS A CE  1 
ATOM   213  N NZ  . LYS A 1 26  ? 17.075  0.479   -0.318  1.00 32.32  ? 40  LYS A NZ  1 
ATOM   214  N N   . TYR A 1 27  ? 13.333  0.068   -4.878  1.00 26.36  ? 41  TYR A N   1 
ATOM   215  C CA  . TYR A 1 27  ? 11.966  0.652   -5.041  1.00 26.49  ? 41  TYR A CA  1 
ATOM   216  C C   . TYR A 1 27  ? 11.324  0.734   -3.687  1.00 27.17  ? 41  TYR A C   1 
ATOM   217  O O   . TYR A 1 27  ? 11.602  -0.122  -2.831  1.00 23.94  ? 41  TYR A O   1 
ATOM   218  C CB  . TYR A 1 27  ? 11.078  -0.238  -5.923  1.00 26.75  ? 41  TYR A CB  1 
ATOM   219  C CG  . TYR A 1 27  ? 11.551  -0.392  -7.311  1.00 31.00  ? 41  TYR A CG  1 
ATOM   220  C CD1 . TYR A 1 27  ? 12.753  -1.113  -7.610  1.00 34.13  ? 41  TYR A CD1 1 
ATOM   221  C CD2 . TYR A 1 27  ? 10.848  0.192   -8.366  1.00 30.88  ? 41  TYR A CD2 1 
ATOM   222  C CE1 . TYR A 1 27  ? 13.207  -1.247  -8.924  1.00 32.65  ? 41  TYR A CE1 1 
ATOM   223  C CE2 . TYR A 1 27  ? 11.297  0.094   -9.665  1.00 32.02  ? 41  TYR A CE2 1 
ATOM   224  C CZ  . TYR A 1 27  ? 12.436  -0.639  -9.952  1.00 36.48  ? 41  TYR A CZ  1 
ATOM   225  O OH  . TYR A 1 27  ? 12.818  -0.715  -11.267 1.00 38.28  ? 41  TYR A OH  1 
ATOM   226  N N   . SER A 1 28  ? 10.453  1.755   -3.479  1.00 27.41  ? 42  SER A N   1 
ATOM   227  C CA  . SER A 1 28  ? 9.618   1.837   -2.295  1.00 23.67  ? 42  SER A CA  1 
ATOM   228  C C   . SER A 1 28  ? 8.109   1.877   -2.671  1.00 24.93  ? 42  SER A C   1 
ATOM   229  O O   . SER A 1 28  ? 7.727   2.387   -3.776  1.00 24.80  ? 42  SER A O   1 
ATOM   230  C CB  . SER A 1 28  ? 9.937   3.070   -1.457  1.00 28.59  ? 42  SER A CB  1 
ATOM   231  O OG  . SER A 1 28  ? 11.279  3.160   -0.966  1.00 27.32  ? 42  SER A OG  1 
ATOM   232  N N   . VAL A 1 29  ? 7.280   1.387   -1.735  1.00 22.18  ? 43  VAL A N   1 
ATOM   233  C CA  . VAL A 1 29  ? 5.802   1.467   -1.793  1.00 22.25  ? 43  VAL A CA  1 
ATOM   234  C C   . VAL A 1 29  ? 5.224   2.037   -0.522  1.00 24.02  ? 43  VAL A C   1 
ATOM   235  O O   . VAL A 1 29  ? 5.843   1.936   0.566   1.00 23.66  ? 43  VAL A O   1 
ATOM   236  C CB  . VAL A 1 29  ? 5.101   0.175   -2.209  1.00 23.56  ? 43  VAL A CB  1 
ATOM   237  C CG1 . VAL A 1 29  ? 5.475   -0.266  -3.626  1.00 27.10  ? 43  VAL A CG1 1 
ATOM   238  C CG2 . VAL A 1 29  ? 5.269   -0.947  -1.192  1.00 23.75  ? 43  VAL A CG2 1 
ATOM   239  N N   . LEU A 1 30  ? 4.112   2.810   -0.689  1.00 24.33  ? 44  LEU A N   1 
ATOM   240  C CA  . LEU A 1 30  ? 3.337   3.335   0.417   1.00 25.84  ? 44  LEU A CA  1 
ATOM   241  C C   . LEU A 1 30  ? 2.038   2.552   0.590   1.00 23.87  ? 44  LEU A C   1 
ATOM   242  O O   . LEU A 1 30  ? 1.307   2.407   -0.369  1.00 24.05  ? 44  LEU A O   1 
ATOM   243  C CB  . LEU A 1 30  ? 3.034   4.836   0.240   1.00 26.89  ? 44  LEU A CB  1 
ATOM   244  C CG  . LEU A 1 30  ? 2.308   5.475   1.429   1.00 26.13  ? 44  LEU A CG  1 
ATOM   245  C CD1 . LEU A 1 30  ? 3.222   5.596   2.638   1.00 27.71  ? 44  LEU A CD1 1 
ATOM   246  C CD2 . LEU A 1 30  ? 1.715   6.830   1.047   1.00 29.30  ? 44  LEU A CD2 1 
ATOM   247  N N   . LEU A 1 31  ? 1.817   2.005   1.797   1.00 23.00  ? 45  LEU A N   1 
ATOM   248  C CA  . LEU A 1 31  ? 0.586   1.280   2.156   1.00 24.65  ? 45  LEU A CA  1 
ATOM   249  C C   . LEU A 1 31  ? -0.324  2.304   2.923   1.00 23.70  ? 45  LEU A C   1 
ATOM   250  O O   . LEU A 1 31  ? -0.065  2.560   4.100   1.00 24.63  ? 45  LEU A O   1 
ATOM   251  C CB  . LEU A 1 31  ? 0.912   0.090   3.057   1.00 26.43  ? 45  LEU A CB  1 
ATOM   252  C CG  . LEU A 1 31  ? 1.416   -1.225  2.395   1.00 31.88  ? 45  LEU A CG  1 
ATOM   253  C CD1 . LEU A 1 31  ? 2.291   -1.088  1.217   1.00 28.93  ? 45  LEU A CD1 1 
ATOM   254  C CD2 . LEU A 1 31  ? 2.160   -2.072  3.422   1.00 38.29  ? 45  LEU A CD2 1 
ATOM   255  N N   . PRO A 1 32  ? -1.254  2.983   2.226   1.00 21.88  ? 46  PRO A N   1 
ATOM   256  C CA  . PRO A 1 32  ? -1.926  4.151   2.826   1.00 22.69  ? 46  PRO A CA  1 
ATOM   257  C C   . PRO A 1 32  ? -3.195  3.737   3.612   1.00 22.57  ? 46  PRO A C   1 
ATOM   258  O O   . PRO A 1 32  ? -4.098  3.141   3.028   1.00 23.48  ? 46  PRO A O   1 
ATOM   259  C CB  . PRO A 1 32  ? -2.278  5.020   1.608   1.00 23.95  ? 46  PRO A CB  1 
ATOM   260  C CG  . PRO A 1 32  ? -1.701  4.332   0.390   1.00 23.71  ? 46  PRO A CG  1 
ATOM   261  C CD  . PRO A 1 32  ? -1.613  2.879   0.790   1.00 24.07  ? 46  PRO A CD  1 
ATOM   262  N N   . LEU A 1 33  ? -3.209  4.020   4.894   1.00 23.13  ? 47  LEU A N   1 
ATOM   263  C CA  . LEU A 1 33  ? -4.311  3.640   5.784   1.00 24.41  ? 47  LEU A CA  1 
ATOM   264  C C   . LEU A 1 33  ? -5.260  4.843   5.933   1.00 26.69  ? 47  LEU A C   1 
ATOM   265  O O   . LEU A 1 33  ? -4.818  5.893   6.324   1.00 25.93  ? 47  LEU A O   1 
ATOM   266  C CB  . LEU A 1 33  ? -3.827  3.256   7.182   1.00 27.45  ? 47  LEU A CB  1 
ATOM   267  C CG  . LEU A 1 33  ? -3.335  1.817   7.382   1.00 31.13  ? 47  LEU A CG  1 
ATOM   268  C CD1 . LEU A 1 33  ? -2.852  1.707   8.839   1.00 32.96  ? 47  LEU A CD1 1 
ATOM   269  C CD2 . LEU A 1 33  ? -4.413  0.747   7.079   1.00 29.15  ? 47  LEU A CD2 1 
ATOM   270  N N   . VAL A 1 34  ? -6.522  4.628   5.630   1.00 27.15  ? 48  VAL A N   1 
ATOM   271  C CA  . VAL A 1 34  ? -7.573  5.690   5.669   1.00 27.58  ? 48  VAL A CA  1 
ATOM   272  C C   . VAL A 1 34  ? -8.666  5.271   6.643   1.00 29.69  ? 48  VAL A C   1 
ATOM   273  O O   . VAL A 1 34  ? -9.170  4.145   6.508   1.00 29.77  ? 48  VAL A O   1 
ATOM   274  C CB  . VAL A 1 34  ? -8.193  5.783   4.293   1.00 29.38  ? 48  VAL A CB  1 
ATOM   275  C CG1 . VAL A 1 34  ? -9.360  6.794   4.258   1.00 31.85  ? 48  VAL A CG1 1 
ATOM   276  C CG2 . VAL A 1 34  ? -7.115  6.196   3.275   1.00 33.86  ? 48  VAL A CG2 1 
ATOM   277  N N   . ALA A 1 35  ? -9.061  6.161   7.576   1.00 29.30  ? 49  ALA A N   1 
ATOM   278  C CA  . ALA A 1 35  ? -10.219 5.874   8.468   1.00 31.61  ? 49  ALA A CA  1 
ATOM   279  C C   . ALA A 1 35  ? -11.501 6.415   7.861   1.00 37.54  ? 49  ALA A C   1 
ATOM   280  O O   . ALA A 1 35  ? -11.533 7.595   7.551   1.00 37.35  ? 49  ALA A O   1 
ATOM   281  C CB  . ALA A 1 35  ? -9.999  6.468   9.819   1.00 36.43  ? 49  ALA A CB  1 
ATOM   282  N N   . LYS A 1 36  ? -12.504 5.565   7.609   1.00 36.78  ? 50  LYS A N   1 
ATOM   283  C CA  . LYS A 1 36  ? -13.845 6.003   7.112   1.00 41.66  ? 50  LYS A CA  1 
ATOM   284  C C   . LYS A 1 36  ? -14.896 5.241   7.870   1.00 41.31  ? 50  LYS A C   1 
ATOM   285  O O   . LYS A 1 36  ? -14.783 4.024   8.064   1.00 32.62  ? 50  LYS A O   1 
ATOM   286  C CB  . LYS A 1 36  ? -14.134 5.690   5.632   1.00 44.41  ? 50  LYS A CB  1 
ATOM   287  C CG  . LYS A 1 36  ? -13.438 6.506   4.569   1.00 56.43  ? 50  LYS A CG  1 
ATOM   288  C CD  . LYS A 1 36  ? -13.447 8.031   4.754   1.00 59.49  ? 50  LYS A CD  1 
ATOM   289  C CE  . LYS A 1 36  ? -12.623 8.714   3.649   1.00 64.99  ? 50  LYS A CE  1 
ATOM   290  N NZ  . LYS A 1 36  ? -12.050 10.042  4.036   1.00 69.96  ? 50  LYS A NZ  1 
ATOM   291  N N   . GLU A 1 37  ? -15.945 5.951   8.290   1.00 41.87  ? 51  GLU A N   1 
ATOM   292  C CA  . GLU A 1 37  ? -17.119 5.331   8.857   1.00 41.12  ? 51  GLU A CA  1 
ATOM   293  C C   . GLU A 1 37  ? -16.804 4.403   9.980   1.00 35.17  ? 51  GLU A C   1 
ATOM   294  O O   . GLU A 1 37  ? -17.371 3.324   10.092  1.00 38.03  ? 51  GLU A O   1 
ATOM   295  C CB  . GLU A 1 37  ? -17.887 4.579   7.775   1.00 51.73  ? 51  GLU A CB  1 
ATOM   296  C CG  . GLU A 1 37  ? -18.290 5.455   6.614   1.00 61.59  ? 51  GLU A CG  1 
ATOM   297  C CD  . GLU A 1 37  ? -19.271 4.779   5.685   1.00 74.08  ? 51  GLU A CD  1 
ATOM   298  O OE1 . GLU A 1 37  ? -19.931 5.497   4.905   1.00 84.77  ? 51  GLU A OE1 1 
ATOM   299  O OE2 . GLU A 1 37  ? -19.380 3.536   5.726   1.00 83.43  ? 51  GLU A OE2 1 
ATOM   300  N N   . GLY A 1 38  ? -15.909 4.842   10.838  1.00 32.42  ? 52  GLY A N   1 
ATOM   301  C CA  . GLY A 1 38  ? -15.502 4.125   11.983  1.00 32.43  ? 52  GLY A CA  1 
ATOM   302  C C   . GLY A 1 38  ? -14.511 2.956   11.761  1.00 38.41  ? 52  GLY A C   1 
ATOM   303  O O   . GLY A 1 38  ? -14.167 2.280   12.739  1.00 36.70  ? 52  GLY A O   1 
ATOM   304  N N   . LYS A 1 39  ? -14.020 2.725   10.532  1.00 31.22  ? 53  LYS A N   1 
ATOM   305  C CA  . LYS A 1 39  ? -13.141 1.554   10.256  1.00 33.54  ? 53  LYS A CA  1 
ATOM   306  C C   . LYS A 1 39  ? -11.922 1.964   9.413   1.00 30.54  ? 53  LYS A C   1 
ATOM   307  O O   . LYS A 1 39  ? -11.950 3.007   8.728   1.00 30.04  ? 53  LYS A O   1 
ATOM   308  C CB  . LYS A 1 39  ? -13.910 0.560   9.430   1.00 37.30  ? 53  LYS A CB  1 
ATOM   309  C CG  . LYS A 1 39  ? -15.062 -0.165  10.137  1.00 45.46  ? 53  LYS A CG  1 
ATOM   310  C CD  . LYS A 1 39  ? -16.256 -0.400  9.197   1.00 56.36  ? 53  LYS A CD  1 
ATOM   311  C CE  . LYS A 1 39  ? -15.885 -0.494  7.694   1.00 63.41  ? 53  LYS A CE  1 
ATOM   312  N NZ  . LYS A 1 39  ? -16.670 -1.484  6.909   1.00 64.53  ? 53  LYS A NZ  1 
ATOM   313  N N   . LEU A 1 40  ? -10.889 1.128   9.435   1.00 27.60  ? 54  LEU A N   1 
ATOM   314  C CA  . LEU A 1 40  ? -9.658  1.366   8.628   1.00 25.59  ? 54  LEU A CA  1 
ATOM   315  C C   . LEU A 1 40  ? -9.787  0.682   7.258   1.00 23.79  ? 54  LEU A C   1 
ATOM   316  O O   . LEU A 1 40  ? -10.419 -0.393  7.127   1.00 26.07  ? 54  LEU A O   1 
ATOM   317  C CB  . LEU A 1 40  ? -8.409  0.863   9.414   1.00 30.20  ? 54  LEU A CB  1 
ATOM   318  C CG  . LEU A 1 40  ? -8.012  1.579   10.707  1.00 34.25  ? 54  LEU A CG  1 
ATOM   319  C CD1 . LEU A 1 40  ? -7.052  0.710   11.489  1.00 37.39  ? 54  LEU A CD1 1 
ATOM   320  C CD2 . LEU A 1 40  ? -7.451  2.960   10.421  1.00 35.40  ? 54  LEU A CD2 1 
ATOM   321  N N   . HIS A 1 41  ? -9.258  1.355   6.230   1.00 22.31  ? 55  HIS A N   1 
ATOM   322  C CA  . HIS A 1 41  ? -9.295  0.970   4.840   1.00 23.40  ? 55  HIS A CA  1 
ATOM   323  C C   . HIS A 1 41  ? -7.824  1.102   4.311   1.00 23.23  ? 55  HIS A C   1 
ATOM   324  O O   . HIS A 1 41  ? -7.044  1.897   4.848   1.00 26.23  ? 55  HIS A O   1 
ATOM   325  C CB  . HIS A 1 41  ? -10.188 1.883   4.018   1.00 26.38  ? 55  HIS A CB  1 
ATOM   326  C CG  . HIS A 1 41  ? -11.625 1.820   4.440   1.00 26.31  ? 55  HIS A CG  1 
ATOM   327  N ND1 . HIS A 1 41  ? -12.056 2.347   5.636   1.00 31.77  ? 55  HIS A ND1 1 
ATOM   328  C CD2 . HIS A 1 41  ? -12.693 1.223   3.879   1.00 29.26  ? 55  HIS A CD2 1 
ATOM   329  C CE1 . HIS A 1 41  ? -13.349 2.087   5.782   1.00 33.06  ? 55  HIS A CE1 1 
ATOM   330  N NE2 . HIS A 1 41  ? -13.755 1.395   4.738   1.00 31.28  ? 55  HIS A NE2 1 
ATOM   331  N N   . LEU A 1 42  ? -7.498  0.314   3.289   1.00 21.99  ? 56  LEU A N   1 
ATOM   332  C CA  . LEU A 1 42  ? -6.290  0.560   2.476   1.00 21.58  ? 56  LEU A CA  1 
ATOM   333  C C   . LEU A 1 42  ? -6.668  1.187   1.151   1.00 22.62  ? 56  LEU A C   1 
ATOM   334  O O   . LEU A 1 42  ? -7.661  0.795   0.536   1.00 27.46  ? 56  LEU A O   1 
ATOM   335  C CB  . LEU A 1 42  ? -5.523  -0.755  2.242   1.00 23.77  ? 56  LEU A CB  1 
ATOM   336  C CG  . LEU A 1 42  ? -4.653  -1.241  3.401   1.00 22.98  ? 56  LEU A CG  1 
ATOM   337  C CD1 . LEU A 1 42  ? -4.238  -2.723  3.179   1.00 25.32  ? 56  LEU A CD1 1 
ATOM   338  C CD2 . LEU A 1 42  ? -3.389  -0.412  3.610   1.00 25.29  ? 56  LEU A CD2 1 
ATOM   339  N N   . LEU A 1 43  ? -5.844  2.106   0.700   1.00 24.94  ? 57  LEU A N   1 
ATOM   340  C CA  . LEU A 1 43  ? -5.966  2.750   -0.605  1.00 26.94  ? 57  LEU A CA  1 
ATOM   341  C C   . LEU A 1 43  ? -5.086  2.054   -1.639  1.00 26.99  ? 57  LEU A C   1 
ATOM   342  O O   . LEU A 1 43  ? -3.881  1.893   -1.389  1.00 24.76  ? 57  LEU A O   1 
ATOM   343  C CB  . LEU A 1 43  ? -5.567  4.214   -0.471  1.00 27.58  ? 57  LEU A CB  1 
ATOM   344  C CG  . LEU A 1 43  ? -5.729  5.090   -1.764  1.00 31.60  ? 57  LEU A CG  1 
ATOM   345  C CD1 . LEU A 1 43  ? -5.914  6.572   -1.414  1.00 35.74  ? 57  LEU A CD1 1 
ATOM   346  C CD2 . LEU A 1 43  ? -4.545  4.981   -2.697  1.00 33.56  ? 57  LEU A CD2 1 
ATOM   347  N N   . PHE A 1 44  ? -5.704  1.692   -2.771  1.00 26.02  ? 58  PHE A N   1 
ATOM   348  C CA  . PHE A 1 44  ? -5.070  1.064   -3.915  1.00 26.15  ? 58  PHE A CA  1 
ATOM   349  C C   . PHE A 1 44  ? -5.210  1.891   -5.186  1.00 32.37  ? 58  PHE A C   1 
ATOM   350  O O   . PHE A 1 44  ? -6.177  2.719   -5.337  1.00 29.46  ? 58  PHE A O   1 
ATOM   351  C CB  . PHE A 1 44  ? -5.684  -0.311  -4.176  1.00 26.40  ? 58  PHE A CB  1 
ATOM   352  C CG  . PHE A 1 44  ? -5.535  -1.314  -3.024  1.00 28.14  ? 58  PHE A CG  1 
ATOM   353  C CD1 . PHE A 1 44  ? -6.462  -1.355  -1.956  1.00 25.26  ? 58  PHE A CD1 1 
ATOM   354  C CD2 . PHE A 1 44  ? -4.460  -2.224  -2.999  1.00 26.12  ? 58  PHE A CD2 1 
ATOM   355  C CE1 . PHE A 1 44  ? -6.343  -2.315  -0.938  1.00 26.88  ? 58  PHE A CE1 1 
ATOM   356  C CE2 . PHE A 1 44  ? -4.337  -3.171  -1.964  1.00 26.09  ? 58  PHE A CE2 1 
ATOM   357  C CZ  . PHE A 1 44  ? -5.270  -3.224  -0.928  1.00 24.74  ? 58  PHE A CZ  1 
ATOM   358  N N   . THR A 1 45  ? -4.254  1.670   -6.110  1.00 30.50  ? 59  THR A N   1 
ATOM   359  C CA  . THR A 1 45  ? -4.266  2.264   -7.476  1.00 29.22  ? 59  THR A CA  1 
ATOM   360  C C   . THR A 1 45  ? -4.446  1.161   -8.507  1.00 30.50  ? 59  THR A C   1 
ATOM   361  O O   . THR A 1 45  ? -4.042  0.006   -8.274  1.00 29.98  ? 59  THR A O   1 
ATOM   362  C CB  . THR A 1 45  ? -3.013  3.078   -7.820  1.00 29.04  ? 59  THR A CB  1 
ATOM   363  O OG1 . THR A 1 45  ? -1.859  2.251   -7.935  1.00 34.66  ? 59  THR A OG1 1 
ATOM   364  C CG2 . THR A 1 45  ? -2.769  4.168   -6.827  1.00 30.26  ? 59  THR A CG2 1 
ATOM   365  N N   . VAL A 1 46  ? -5.120  1.491   -9.609  1.00 29.67  ? 60  VAL A N   1 
ATOM   366  C CA  . VAL A 1 46  ? -5.108  0.693   -10.802 1.00 31.93  ? 60  VAL A CA  1 
ATOM   367  C C   . VAL A 1 46  ? -4.132  1.377   -11.775 1.00 32.93  ? 60  VAL A C   1 
ATOM   368  O O   . VAL A 1 46  ? -4.271  2.560   -12.108 1.00 33.02  ? 60  VAL A O   1 
ATOM   369  C CB  . VAL A 1 46  ? -6.499  0.502   -11.441 1.00 34.83  ? 60  VAL A CB  1 
ATOM   370  C CG1 . VAL A 1 46  ? -6.405  -0.423  -12.676 1.00 37.08  ? 60  VAL A CG1 1 
ATOM   371  C CG2 . VAL A 1 46  ? -7.467  -0.063  -10.424 1.00 35.93  ? 60  VAL A CG2 1 
ATOM   372  N N   . ARG A 1 47  ? -3.119  0.631   -12.205 1.00 32.79  ? 61  ARG A N   1 
ATOM   373  C CA  . ARG A 1 47  ? -2.103  1.189   -13.081 1.00 35.38  ? 61  ARG A CA  1 
ATOM   374  C C   . ARG A 1 47  ? -2.685  1.486   -14.474 1.00 36.26  ? 61  ARG A C   1 
ATOM   375  O O   . ARG A 1 47  ? -3.550  0.750   -14.980 1.00 37.53  ? 61  ARG A O   1 
ATOM   376  C CB  . ARG A 1 47  ? -0.934  0.198   -13.199 1.00 37.62  ? 61  ARG A CB  1 
ATOM   377  C CG  . ARG A 1 47  ? -0.155  0.048   -11.890 1.00 37.67  ? 61  ARG A CG  1 
ATOM   378  C CD  . ARG A 1 47  ? 0.639   -1.266  -11.916 1.00 42.96  ? 61  ARG A CD  1 
ATOM   379  N NE  . ARG A 1 47  ? 1.682   -1.161  -12.918 1.00 42.29  ? 61  ARG A NE  1 
ATOM   380  C CZ  . ARG A 1 47  ? 2.798   -0.457  -12.744 1.00 49.82  ? 61  ARG A CZ  1 
ATOM   381  N NH1 . ARG A 1 47  ? 3.032   0.187   -11.603 1.00 50.19  ? 61  ARG A NH1 1 
ATOM   382  N NH2 . ARG A 1 47  ? 3.709   -0.403  -13.725 1.00 55.28  ? 61  ARG A NH2 1 
ATOM   383  N N   . SER A 1 48  ? -2.232  2.581   -15.058 1.00 37.03  ? 62  SER A N   1 
ATOM   384  C CA  . SER A 1 48  ? -2.648  2.938   -16.402 1.00 44.96  ? 62  SER A CA  1 
ATOM   385  C C   . SER A 1 48  ? -2.294  1.846   -17.427 1.00 46.06  ? 62  SER A C   1 
ATOM   386  O O   . SER A 1 48  ? -1.198  1.271   -17.375 1.00 43.56  ? 62  SER A O   1 
ATOM   387  C CB  . SER A 1 48  ? -1.977  4.226   -16.860 1.00 48.33  ? 62  SER A CB  1 
ATOM   388  O OG  . SER A 1 48  ? -1.993  4.227   -18.283 1.00 51.79  ? 62  SER A OG  1 
ATOM   389  N N   . GLU A 1 49  ? -3.217  1.614   -18.361 1.00 53.56  ? 63  GLU A N   1 
ATOM   390  C CA  . GLU A 1 49  ? -2.998  0.710   -19.527 1.00 61.59  ? 63  GLU A CA  1 
ATOM   391  C C   . GLU A 1 49  ? -1.758  1.056   -20.408 1.00 62.03  ? 63  GLU A C   1 
ATOM   392  O O   . GLU A 1 49  ? -1.282  0.201   -21.143 1.00 69.76  ? 63  GLU A O   1 
ATOM   393  C CB  . GLU A 1 49  ? -4.248  0.686   -20.431 1.00 62.69  ? 63  GLU A CB  1 
ATOM   394  C CG  . GLU A 1 49  ? -5.556  0.216   -19.787 1.00 63.32  ? 63  GLU A CG  1 
ATOM   395  C CD  . GLU A 1 49  ? -5.523  -1.220  -19.286 1.00 69.66  ? 63  GLU A CD  1 
ATOM   396  O OE1 . GLU A 1 49  ? -4.740  -2.049  -19.807 1.00 76.69  ? 63  GLU A OE1 1 
ATOM   397  O OE2 . GLU A 1 49  ? -6.302  -1.536  -18.365 1.00 66.25  ? 63  GLU A OE2 1 
ATOM   398  N N   . LYS A 1 50  ? -1.266  2.296   -20.329 1.00 63.22  ? 64  LYS A N   1 
ATOM   399  C CA  . LYS A 1 50  ? -0.074  2.767   -21.064 1.00 72.29  ? 64  LYS A CA  1 
ATOM   400  C C   . LYS A 1 50  ? 1.267   2.332   -20.487 1.00 73.99  ? 64  LYS A C   1 
ATOM   401  O O   . LYS A 1 50  ? 2.278   2.359   -21.191 1.00 77.42  ? 64  LYS A O   1 
ATOM   402  C CB  . LYS A 1 50  ? -0.067  4.309   -21.154 1.00 74.98  ? 64  LYS A CB  1 
ATOM   403  C CG  . LYS A 1 50  ? -1.132  4.870   -22.085 1.00 82.64  ? 64  LYS A CG  1 
ATOM   404  C CD  . LYS A 1 50  ? -0.759  4.675   -23.559 1.00 90.91  ? 64  LYS A CD  1 
ATOM   405  C CE  . LYS A 1 50  ? -1.823  3.894   -24.321 1.00 93.58  ? 64  LYS A CE  1 
ATOM   406  N NZ  . LYS A 1 50  ? -3.111  4.633   -24.412 1.00 94.76  ? 64  LYS A NZ  1 
ATOM   407  N N   . LEU A 1 51  ? 1.308   1.980   -19.208 1.00 72.90  ? 65  LEU A N   1 
ATOM   408  C CA  . LEU A 1 51  ? 2.570   1.596   -18.588 1.00 66.40  ? 65  LEU A CA  1 
ATOM   409  C C   . LEU A 1 51  ? 3.022   0.233   -19.124 1.00 67.30  ? 65  LEU A C   1 
ATOM   410  O O   . LEU A 1 51  ? 2.211   -0.595  -19.536 1.00 65.36  ? 65  LEU A O   1 
ATOM   411  C CB  . LEU A 1 51  ? 2.443   1.559   -17.063 1.00 66.03  ? 65  LEU A CB  1 
ATOM   412  C CG  . LEU A 1 51  ? 2.042   2.855   -16.340 1.00 60.71  ? 65  LEU A CG  1 
ATOM   413  C CD1 . LEU A 1 51  ? 1.902   2.626   -14.835 1.00 60.28  ? 65  LEU A CD1 1 
ATOM   414  C CD2 . LEU A 1 51  ? 3.044   3.961   -16.632 1.00 57.94  ? 65  LEU A CD2 1 
ATOM   415  N N   . ARG A 1 52  ? 4.325   0.010   -19.052 1.00 71.43  ? 66  ARG A N   1 
ATOM   416  C CA  . ARG A 1 52  ? 4.985   -1.104  -19.716 1.00 79.60  ? 66  ARG A CA  1 
ATOM   417  C C   . ARG A 1 52  ? 4.912   -2.326  -18.829 1.00 76.47  ? 66  ARG A C   1 
ATOM   418  O O   . ARG A 1 52  ? 4.529   -3.400  -19.291 1.00 72.59  ? 66  ARG A O   1 
ATOM   419  C CB  . ARG A 1 52  ? 6.444   -0.763  -20.032 1.00 88.70  ? 66  ARG A CB  1 
ATOM   420  C CG  . ARG A 1 52  ? 6.606   0.612   -20.661 1.00 99.10  ? 66  ARG A CG  1 
ATOM   421  C CD  . ARG A 1 52  ? 6.988   1.697   -19.653 1.00 102.47 ? 66  ARG A CD  1 
ATOM   422  N NE  . ARG A 1 52  ? 8.430   1.918   -19.671 1.00 104.72 ? 66  ARG A NE  1 
ATOM   423  C CZ  . ARG A 1 52  ? 9.096   2.530   -20.652 1.00 109.80 ? 66  ARG A CZ  1 
ATOM   424  N NH1 . ARG A 1 52  ? 8.466   3.006   -21.730 1.00 114.74 ? 66  ARG A NH1 1 
ATOM   425  N NH2 . ARG A 1 52  ? 10.413  2.667   -20.560 1.00 111.85 ? 66  ARG A NH2 1 
ATOM   426  N N   . ARG A 1 53  ? 5.272   -2.158  -17.553 1.00 75.69  ? 67  ARG A N   1 
ATOM   427  C CA  . ARG A 1 53  ? 5.090   -3.218  -16.553 1.00 73.82  ? 67  ARG A CA  1 
ATOM   428  C C   . ARG A 1 53  ? 3.688   -3.217  -15.942 1.00 69.95  ? 67  ARG A C   1 
ATOM   429  O O   . ARG A 1 53  ? 3.321   -2.269  -15.256 1.00 63.57  ? 67  ARG A O   1 
ATOM   430  C CB  . ARG A 1 53  ? 6.123   -3.106  -15.421 1.00 76.87  ? 67  ARG A CB  1 
ATOM   431  C CG  . ARG A 1 53  ? 6.228   -4.378  -14.568 1.00 72.37  ? 67  ARG A CG  1 
ATOM   432  C CD  . ARG A 1 53  ? 7.206   -4.191  -13.426 1.00 73.16  ? 67  ARG A CD  1 
ATOM   433  N NE  . ARG A 1 53  ? 6.682   -3.294  -12.392 1.00 75.68  ? 67  ARG A NE  1 
ATOM   434  C CZ  . ARG A 1 53  ? 5.855   -3.650  -11.397 1.00 78.48  ? 67  ARG A CZ  1 
ATOM   435  N NH1 . ARG A 1 53  ? 5.426   -4.913  -11.263 1.00 74.53  ? 67  ARG A NH1 1 
ATOM   436  N NH2 . ARG A 1 53  ? 5.454   -2.728  -10.513 1.00 75.70  ? 67  ARG A NH2 1 
ATOM   437  N N   . ALA A 1 54  ? 2.933   -4.290  -16.179 1.00 64.72  ? 68  ALA A N   1 
ATOM   438  C CA  . ALA A 1 54  ? 1.687   -4.574  -15.467 1.00 65.72  ? 68  ALA A CA  1 
ATOM   439  C C   . ALA A 1 54  ? 0.652   -3.466  -15.675 1.00 67.92  ? 68  ALA A C   1 
ATOM   440  O O   . ALA A 1 54  ? 0.218   -2.844  -14.704 1.00 70.23  ? 68  ALA A O   1 
ATOM   441  C CB  . ALA A 1 54  ? 1.963   -4.813  -13.974 1.00 60.52  ? 68  ALA A CB  1 
ATOM   442  N N   . PRO A 1 55  ? 0.273   -3.209  -16.945 1.00 63.15  ? 69  PRO A N   1 
ATOM   443  C CA  . PRO A 1 55  ? -0.775  -2.247  -17.211 1.00 60.88  ? 69  PRO A CA  1 
ATOM   444  C C   . PRO A 1 55  ? -2.078  -2.783  -16.689 1.00 54.76  ? 69  PRO A C   1 
ATOM   445  O O   . PRO A 1 55  ? -2.313  -3.976  -16.794 1.00 55.98  ? 69  PRO A O   1 
ATOM   446  C CB  . PRO A 1 55  ? -0.819  -2.175  -18.753 1.00 62.87  ? 69  PRO A CB  1 
ATOM   447  C CG  . PRO A 1 55  ? -0.230  -3.454  -19.223 1.00 60.11  ? 69  PRO A CG  1 
ATOM   448  C CD  . PRO A 1 55  ? 0.793   -3.818  -18.192 1.00 60.59  ? 69  PRO A CD  1 
ATOM   449  N N   . GLY A 1 56  ? -2.923  -1.917  -16.132 1.00 46.88  ? 70  GLY A N   1 
ATOM   450  C CA  . GLY A 1 56  ? -4.266  -2.332  -15.679 1.00 47.74  ? 70  GLY A CA  1 
ATOM   451  C C   . GLY A 1 56  ? -4.347  -3.148  -14.382 1.00 41.74  ? 70  GLY A C   1 
ATOM   452  O O   . GLY A 1 56  ? -5.427  -3.594  -14.001 1.00 47.25  ? 70  GLY A O   1 
ATOM   453  N N   . GLU A 1 57  ? -3.226  -3.324  -13.708 1.00 42.79  ? 71  GLU A N   1 
ATOM   454  C CA  . GLU A 1 57  ? -3.177  -4.127  -12.452 1.00 45.61  ? 71  GLU A CA  1 
ATOM   455  C C   . GLU A 1 57  ? -3.220  -3.264  -11.189 1.00 33.79  ? 71  GLU A C   1 
ATOM   456  O O   . GLU A 1 57  ? -2.773  -2.132  -11.214 1.00 34.37  ? 71  GLU A O   1 
ATOM   457  C CB  . GLU A 1 57  ? -1.927  -4.990  -12.432 1.00 51.40  ? 71  GLU A CB  1 
ATOM   458  C CG  . GLU A 1 57  ? -1.983  -6.076  -13.507 1.00 62.10  ? 71  GLU A CG  1 
ATOM   459  C CD  . GLU A 1 57  ? -0.965  -7.179  -13.295 1.00 70.01  ? 71  GLU A CD  1 
ATOM   460  O OE1 . GLU A 1 57  ? 0.054   -6.953  -12.569 1.00 66.84  ? 71  GLU A OE1 1 
ATOM   461  O OE2 . GLU A 1 57  ? -1.200  -8.278  -13.870 1.00 80.15  ? 71  GLU A OE2 1 
ATOM   462  N N   . VAL A 1 58  ? -3.663  -3.880  -10.090 1.00 34.13  ? 72  VAL A N   1 
ATOM   463  C CA  . VAL A 1 58  ? -3.842  -3.214  -8.803  1.00 31.71  ? 72  VAL A CA  1 
ATOM   464  C C   . VAL A 1 58  ? -2.491  -3.234  -8.097  1.00 32.30  ? 72  VAL A C   1 
ATOM   465  O O   . VAL A 1 58  ? -1.877  -4.309  -7.987  1.00 31.15  ? 72  VAL A O   1 
ATOM   466  C CB  . VAL A 1 58  ? -4.947  -3.921  -7.959  1.00 31.77  ? 72  VAL A CB  1 
ATOM   467  C CG1 . VAL A 1 58  ? -5.068  -3.363  -6.559  1.00 32.84  ? 72  VAL A CG1 1 
ATOM   468  C CG2 . VAL A 1 58  ? -6.318  -3.809  -8.624  1.00 32.48  ? 72  VAL A CG2 1 
ATOM   469  N N   . CYS A 1 59  ? -2.053  -2.083  -7.595  1.00 26.42  ? 73  CYS A N   1 
ATOM   470  C CA  . CYS A 1 59  ? -0.847  -1.979  -6.781  1.00 30.37  ? 73  CYS A CA  1 
ATOM   471  C C   . CYS A 1 59  ? -0.958  -0.828  -5.787  1.00 32.48  ? 73  CYS A C   1 
ATOM   472  O O   . CYS A 1 59  ? -1.909  -0.036  -5.857  1.00 34.49  ? 73  CYS A O   1 
ATOM   473  C CB  . CYS A 1 59  ? 0.355   -1.824  -7.711  1.00 37.64  ? 73  CYS A CB  1 
ATOM   474  S SG  . CYS A 1 59  ? 0.407   -0.212  -8.493  1.00 43.75  ? 73  CYS A SG  1 
ATOM   475  N N   . PHE A 1 60  ? -0.018  -0.751  -4.855  1.00 26.93  ? 74  PHE A N   1 
ATOM   476  C CA  . PHE A 1 60  ? 0.114   0.391   -3.983  1.00 25.50  ? 74  PHE A CA  1 
ATOM   477  C C   . PHE A 1 60  ? 0.889   1.501   -4.696  1.00 28.07  ? 74  PHE A C   1 
ATOM   478  O O   . PHE A 1 60  ? 1.685   1.247   -5.599  1.00 28.79  ? 74  PHE A O   1 
ATOM   479  C CB  . PHE A 1 60  ? 0.793   0.027   -2.671  1.00 24.74  ? 74  PHE A CB  1 
ATOM   480  C CG  . PHE A 1 60  ? -0.023  -0.898  -1.787  1.00 24.84  ? 74  PHE A CG  1 
ATOM   481  C CD1 . PHE A 1 60  ? -1.206  -0.420  -1.154  1.00 25.67  ? 74  PHE A CD1 1 
ATOM   482  C CD2 . PHE A 1 60  ? 0.349   -2.235  -1.575  1.00 24.90  ? 74  PHE A CD2 1 
ATOM   483  C CE1 . PHE A 1 60  ? -1.972  -1.252  -0.346  1.00 25.96  ? 74  PHE A CE1 1 
ATOM   484  C CE2 . PHE A 1 60  ? -0.392  -3.060  -0.740  1.00 24.42  ? 74  PHE A CE2 1 
ATOM   485  C CZ  . PHE A 1 60  ? -1.585  -2.585  -0.136  1.00 26.19  ? 74  PHE A CZ  1 
ATOM   486  N N   . PRO A 1 61  ? 0.676   2.746   -4.295  1.00 26.10  ? 75  PRO A N   1 
ATOM   487  C CA  . PRO A 1 61  ? 1.515   3.814   -4.869  1.00 27.53  ? 75  PRO A CA  1 
ATOM   488  C C   . PRO A 1 61  ? 3.026   3.545   -4.549  1.00 28.46  ? 75  PRO A C   1 
ATOM   489  O O   . PRO A 1 61  ? 3.374   3.047   -3.450  1.00 24.08  ? 75  PRO A O   1 
ATOM   490  C CB  . PRO A 1 61  ? 1.047   5.071   -4.121  1.00 28.66  ? 75  PRO A CB  1 
ATOM   491  C CG  . PRO A 1 61  ? -0.221  4.717   -3.447  1.00 27.00  ? 75  PRO A CG  1 
ATOM   492  C CD  . PRO A 1 61  ? -0.360  3.239   -3.359  1.00 25.63  ? 75  PRO A CD  1 
ATOM   493  N N   . GLY A 1 62  ? 3.901   3.912   -5.453  1.00 26.24  ? 76  GLY A N   1 
ATOM   494  C CA  . GLY A 1 62  ? 5.369   3.698   -5.218  1.00 27.79  ? 76  GLY A CA  1 
ATOM   495  C C   . GLY A 1 62  ? 6.138   3.773   -6.513  1.00 29.04  ? 76  GLY A C   1 
ATOM   496  O O   . GLY A 1 62  ? 5.559   4.139   -7.567  1.00 27.03  ? 76  GLY A O   1 
ATOM   497  N N   . GLY A 1 63  ? 7.435   3.462   -6.434  1.00 30.04  ? 77  GLY A N   1 
ATOM   498  C CA  . GLY A 1 63  ? 8.299   3.427   -7.585  1.00 28.13  ? 77  GLY A CA  1 
ATOM   499  C C   . GLY A 1 63  ? 9.759   3.432   -7.256  1.00 27.60  ? 77  GLY A C   1 
ATOM   500  O O   . GLY A 1 63  ? 10.155  3.174   -6.106  1.00 25.29  ? 77  GLY A O   1 
ATOM   501  N N   . LYS A 1 64  ? 10.583  3.761   -8.264  1.00 28.13  ? 78  LYS A N   1 
ATOM   502  C CA  . LYS A 1 64  ? 12.080  3.650   -8.163  1.00 28.68  ? 78  LYS A CA  1 
ATOM   503  C C   . LYS A 1 64  ? 12.736  4.795   -7.436  1.00 28.94  ? 78  LYS A C   1 
ATOM   504  O O   . LYS A 1 64  ? 12.410  5.947   -7.659  1.00 29.30  ? 78  LYS A O   1 
ATOM   505  C CB  . LYS A 1 64  ? 12.692  3.536   -9.566  1.00 34.00  ? 78  LYS A CB  1 
ATOM   506  C CG  . LYS A 1 64  ? 14.119  3.001   -9.495  1.00 37.10  ? 78  LYS A CG  1 
ATOM   507  C CD  . LYS A 1 64  ? 14.739  2.757   -10.854 1.00 46.74  ? 78  LYS A CD  1 
ATOM   508  C CE  . LYS A 1 64  ? 16.247  2.499   -10.683 1.00 48.77  ? 78  LYS A CE  1 
ATOM   509  N NZ  . LYS A 1 64  ? 16.575  1.120   -11.085 1.00 57.16  ? 78  LYS A NZ  1 
ATOM   510  N N   . ARG A 1 65  ? 13.666  4.525   -6.547  1.00 26.18  ? 79  ARG A N   1 
ATOM   511  C CA  . ARG A 1 65  ? 14.400  5.574   -5.882  1.00 27.21  ? 79  ARG A CA  1 
ATOM   512  C C   . ARG A 1 65  ? 15.227  6.371   -6.923  1.00 30.19  ? 79  ARG A C   1 
ATOM   513  O O   . ARG A 1 65  ? 15.693  5.799   -7.915  1.00 26.06  ? 79  ARG A O   1 
ATOM   514  C CB  . ARG A 1 65  ? 15.307  4.996   -4.819  1.00 29.43  ? 79  ARG A CB  1 
ATOM   515  C CG  . ARG A 1 65  ? 16.180  6.034   -4.124  1.00 31.73  ? 79  ARG A CG  1 
ATOM   516  C CD  . ARG A 1 65  ? 16.642  5.529   -2.781  1.00 31.10  ? 79  ARG A CD  1 
ATOM   517  N NE  . ARG A 1 65  ? 17.604  6.407   -2.100  1.00 29.61  ? 79  ARG A NE  1 
ATOM   518  C CZ  . ARG A 1 65  ? 18.100  6.187   -0.892  1.00 34.32  ? 79  ARG A CZ  1 
ATOM   519  N NH1 . ARG A 1 65  ? 17.697  5.150   -0.168  1.00 33.72  ? 79  ARG A NH1 1 
ATOM   520  N NH2 . ARG A 1 65  ? 18.991  7.024   -0.378  1.00 36.15  ? 79  ARG A NH2 1 
ATOM   521  N N   . ASP A 1 66  ? 15.357  7.677   -6.700  1.00 31.13  ? 80  ASP A N   1 
ATOM   522  C CA  . ASP A 1 66  ? 16.186  8.531   -7.565  1.00 28.75  ? 80  ASP A CA  1 
ATOM   523  C C   . ASP A 1 66  ? 17.174  9.296   -6.725  1.00 26.52  ? 80  ASP A C   1 
ATOM   524  O O   . ASP A 1 66  ? 17.063  9.300   -5.499  1.00 28.68  ? 80  ASP A O   1 
ATOM   525  C CB  . ASP A 1 66  ? 15.330  9.368   -8.547  1.00 30.11  ? 80  ASP A CB  1 
ATOM   526  C CG  . ASP A 1 66  ? 14.764  10.639  -7.949  1.00 28.30  ? 80  ASP A CG  1 
ATOM   527  O OD1 . ASP A 1 66  ? 15.145  11.066  -6.825  1.00 29.54  ? 80  ASP A OD1 1 
ATOM   528  O OD2 . ASP A 1 66  ? 13.897  11.197  -8.640  1.00 33.49  ? 80  ASP A OD2 1 
ATOM   529  N N   . PRO A 1 67  ? 18.190  9.979   -7.355  1.00 27.46  ? 81  PRO A N   1 
ATOM   530  C CA  . PRO A 1 67  ? 19.218  10.625  -6.546  1.00 29.82  ? 81  PRO A CA  1 
ATOM   531  C C   . PRO A 1 67  ? 18.751  11.732  -5.676  1.00 26.47  ? 81  PRO A C   1 
ATOM   532  O O   . PRO A 1 67  ? 19.425  12.063  -4.715  1.00 28.75  ? 81  PRO A O   1 
ATOM   533  C CB  . PRO A 1 67  ? 20.259  11.125  -7.579  1.00 33.00  ? 81  PRO A CB  1 
ATOM   534  C CG  . PRO A 1 67  ? 20.010  10.373  -8.782  1.00 31.50  ? 81  PRO A CG  1 
ATOM   535  C CD  . PRO A 1 67  ? 18.536  9.980   -8.793  1.00 31.80  ? 81  PRO A CD  1 
ATOM   536  N N   . THR A 1 68  ? 17.570  12.317  -5.939  1.00 31.42  ? 82  THR A N   1 
ATOM   537  C CA  . THR A 1 68  ? 17.072  13.363  -5.000  1.00 28.55  ? 82  THR A CA  1 
ATOM   538  C C   . THR A 1 68  ? 16.589  12.855  -3.627  1.00 34.59  ? 82  THR A C   1 
ATOM   539  O O   . THR A 1 68  ? 16.541  13.622  -2.642  1.00 33.53  ? 82  THR A O   1 
ATOM   540  C CB  . THR A 1 68  ? 15.888  14.203  -5.571  1.00 30.85  ? 82  THR A CB  1 
ATOM   541  O OG1 . THR A 1 68  ? 14.662  13.430  -5.610  1.00 31.09  ? 82  THR A OG1 1 
ATOM   542  C CG2 . THR A 1 68  ? 16.190  14.672  -6.964  1.00 30.24  ? 82  THR A CG2 1 
ATOM   543  N N   . ASP A 1 69  ? 16.189  11.585  -3.561  1.00 31.37  ? 83  ASP A N   1 
ATOM   544  C CA  . ASP A 1 69  ? 15.543  11.075  -2.318  1.00 31.27  ? 83  ASP A CA  1 
ATOM   545  C C   . ASP A 1 69  ? 16.553  11.047  -1.175  1.00 30.64  ? 83  ASP A C   1 
ATOM   546  O O   . ASP A 1 69  ? 17.627  10.455  -1.318  1.00 32.31  ? 83  ASP A O   1 
ATOM   547  C CB  . ASP A 1 69  ? 14.991  9.654   -2.572  1.00 28.80  ? 83  ASP A CB  1 
ATOM   548  C CG  . ASP A 1 69  ? 13.878  9.619   -3.606  1.00 27.98  ? 83  ASP A CG  1 
ATOM   549  O OD1 . ASP A 1 69  ? 13.069  10.572  -3.617  1.00 27.82  ? 83  ASP A OD1 1 
ATOM   550  O OD2 . ASP A 1 69  ? 13.706  8.647   -4.396  1.00 29.50  ? 83  ASP A OD2 1 
ATOM   551  N N   . MET A 1 70  ? 16.213  11.652  -0.046  1.00 27.88  ? 84  MET A N   1 
ATOM   552  C CA  . MET A 1 70  ? 17.030  11.581  1.187   1.00 31.90  ? 84  MET A CA  1 
ATOM   553  C C   . MET A 1 70  ? 17.148  10.156  1.753   1.00 32.49  ? 84  MET A C   1 
ATOM   554  O O   . MET A 1 70  ? 18.188  9.796   2.322   1.00 29.81  ? 84  MET A O   1 
ATOM   555  C CB  . MET A 1 70  ? 16.470  12.499  2.295   1.00 36.87  ? 84  MET A CB  1 
ATOM   556  C CG  . MET A 1 70  ? 16.684  13.995  2.053   1.00 47.92  ? 84  MET A CG  1 
ATOM   557  S SD  . MET A 1 70  ? 18.434  14.504  1.993   1.00 52.92  ? 84  MET A SD  1 
ATOM   558  C CE  . MET A 1 70  ? 19.088  14.149  3.617   1.00 53.27  ? 84  MET A CE  1 
ATOM   559  N N   . ASP A 1 71  ? 16.083  9.359   1.620   1.00 30.46  ? 85  ASP A N   1 
ATOM   560  C CA  . ASP A 1 71  ? 16.025  7.993   2.143   1.00 31.18  ? 85  ASP A CA  1 
ATOM   561  C C   . ASP A 1 71  ? 14.888  7.232   1.411   1.00 29.24  ? 85  ASP A C   1 
ATOM   562  O O   . ASP A 1 71  ? 14.200  7.820   0.550   1.00 27.10  ? 85  ASP A O   1 
ATOM   563  C CB  . ASP A 1 71  ? 15.905  8.006   3.686   1.00 31.46  ? 85  ASP A CB  1 
ATOM   564  C CG  . ASP A 1 71  ? 14.662  8.746   4.221   1.00 31.75  ? 85  ASP A CG  1 
ATOM   565  O OD1 . ASP A 1 71  ? 13.690  8.978   3.485   1.00 30.35  ? 85  ASP A OD1 1 
ATOM   566  O OD2 . ASP A 1 71  ? 14.647  9.066   5.427   1.00 34.85  ? 85  ASP A OD2 1 
ATOM   567  N N   . ASP A 1 72  ? 14.665  5.950   1.744   1.00 25.17  ? 86  ASP A N   1 
ATOM   568  C CA  . ASP A 1 72  ? 13.636  5.122   1.077   1.00 25.29  ? 86  ASP A CA  1 
ATOM   569  C C   . ASP A 1 72  ? 12.208  5.610   1.350   1.00 21.66  ? 86  ASP A C   1 
ATOM   570  O O   . ASP A 1 72  ? 11.326  5.466   0.501   1.00 24.19  ? 86  ASP A O   1 
ATOM   571  C CB  . ASP A 1 72  ? 13.785  3.612   1.437   1.00 27.80  ? 86  ASP A CB  1 
ATOM   572  C CG  . ASP A 1 72  ? 15.066  2.985   0.872   1.00 30.22  ? 86  ASP A CG  1 
ATOM   573  O OD1 . ASP A 1 72  ? 15.415  3.285   -0.300  1.00 28.90  ? 86  ASP A OD1 1 
ATOM   574  O OD2 . ASP A 1 72  ? 15.673  2.125   1.569   1.00 30.27  ? 86  ASP A OD2 1 
ATOM   575  N N   . ALA A 1 73  ? 11.973  6.127   2.532   1.00 25.17  ? 87  ALA A N   1 
ATOM   576  C CA  . ALA A 1 73  ? 10.625  6.740   2.865   1.00 25.18  ? 87  ALA A CA  1 
ATOM   577  C C   . ALA A 1 73  ? 10.324  7.913   1.897   1.00 26.27  ? 87  ALA A C   1 
ATOM   578  O O   . ALA A 1 73  ? 9.209   8.041   1.384   1.00 24.76  ? 87  ALA A O   1 
ATOM   579  C CB  . ALA A 1 73  ? 10.600  7.217   4.317   1.00 24.61  ? 87  ALA A CB  1 
ATOM   580  N N   . ALA A 1 74  ? 11.338  8.766   1.682   1.00 25.89  ? 88  ALA A N   1 
ATOM   581  C CA  . ALA A 1 74  ? 11.224  9.863   0.669   1.00 28.88  ? 88  ALA A CA  1 
ATOM   582  C C   . ALA A 1 74  ? 10.803  9.402   -0.729  1.00 25.11  ? 88  ALA A C   1 
ATOM   583  O O   . ALA A 1 74  ? 9.918   10.015  -1.340  1.00 27.16  ? 88  ALA A O   1 
ATOM   584  C CB  . ALA A 1 74  ? 12.498  10.693  0.627   1.00 30.13  ? 88  ALA A CB  1 
ATOM   585  N N   . THR A 1 75  ? 11.348  8.287   -1.234  1.00 24.81  ? 89  THR A N   1 
ATOM   586  C CA  . THR A 1 75  ? 10.887  7.695   -2.495  1.00 24.40  ? 89  THR A CA  1 
ATOM   587  C C   . THR A 1 75  ? 9.380   7.429   -2.521  1.00 26.42  ? 89  THR A C   1 
ATOM   588  O O   . THR A 1 75  ? 8.628   7.747   -3.505  1.00 24.03  ? 89  THR A O   1 
ATOM   589  C CB  . THR A 1 75  ? 11.618  6.354   -2.779  1.00 25.37  ? 89  THR A CB  1 
ATOM   590  O OG1 . THR A 1 75  ? 13.023  6.543   -2.660  1.00 22.46  ? 89  THR A OG1 1 
ATOM   591  C CG2 . THR A 1 75  ? 11.275  5.807   -4.114  1.00 25.37  ? 89  THR A CG2 1 
ATOM   592  N N   . ALA A 1 76  ? 8.913   6.792   -1.431  1.00 25.38  ? 90  ALA A N   1 
ATOM   593  C CA  . ALA A 1 76  ? 7.507   6.391   -1.394  1.00 24.03  ? 90  ALA A CA  1 
ATOM   594  C C   . ALA A 1 76  ? 6.595   7.680   -1.401  1.00 22.38  ? 90  ALA A C   1 
ATOM   595  O O   . ALA A 1 76  ? 5.596   7.692   -2.078  1.00 24.09  ? 90  ALA A O   1 
ATOM   596  C CB  . ALA A 1 76  ? 7.242   5.500   -0.169  1.00 23.31  ? 90  ALA A CB  1 
ATOM   597  N N   . LEU A 1 77  ? 6.949   8.684   -0.619  1.00 26.20  ? 91  LEU A N   1 
ATOM   598  C CA  . LEU A 1 77  ? 6.193   9.946   -0.545  1.00 29.37  ? 91  LEU A CA  1 
ATOM   599  C C   . LEU A 1 77  ? 6.229   10.758  -1.855  1.00 31.15  ? 91  LEU A C   1 
ATOM   600  O O   . LEU A 1 77  ? 5.180   11.222  -2.306  1.00 27.47  ? 91  LEU A O   1 
ATOM   601  C CB  . LEU A 1 77  ? 6.662   10.802  0.615   1.00 28.32  ? 91  LEU A CB  1 
ATOM   602  C CG  . LEU A 1 77  ? 6.503   10.258  2.053   1.00 34.29  ? 91  LEU A CG  1 
ATOM   603  C CD1 . LEU A 1 77  ? 6.881   11.289  3.097   1.00 37.60  ? 91  LEU A CD1 1 
ATOM   604  C CD2 . LEU A 1 77  ? 5.100   9.742   2.291   1.00 36.52  ? 91  LEU A CD2 1 
ATOM   605  N N   . ARG A 1 78  ? 7.405   10.827  -2.513  1.00 26.93  ? 92  ARG A N   1 
ATOM   606  C CA  . ARG A 1 78  ? 7.528   11.519  -3.808  1.00 26.76  ? 92  ARG A CA  1 
ATOM   607  C C   . ARG A 1 78  ? 6.632   10.906  -4.839  1.00 28.77  ? 92  ARG A C   1 
ATOM   608  O O   . ARG A 1 78  ? 5.869   11.594  -5.590  1.00 27.52  ? 92  ARG A O   1 
ATOM   609  C CB  . ARG A 1 78  ? 9.011   11.557  -4.304  1.00 29.08  ? 92  ARG A CB  1 
ATOM   610  C CG  . ARG A 1 78  ? 9.225   12.232  -5.670  1.00 29.87  ? 92  ARG A CG  1 
ATOM   611  C CD  . ARG A 1 78  ? 10.703  12.273  -6.080  1.00 30.64  ? 92  ARG A CD  1 
ATOM   612  N NE  . ARG A 1 78  ? 11.337  10.948  -5.991  1.00 28.97  ? 92  ARG A NE  1 
ATOM   613  C CZ  . ARG A 1 78  ? 11.195  9.937   -6.845  1.00 26.99  ? 92  ARG A CZ  1 
ATOM   614  N NH1 . ARG A 1 78  ? 10.413  10.000  -7.946  1.00 30.09  ? 92  ARG A NH1 1 
ATOM   615  N NH2 . ARG A 1 78  ? 11.847  8.792   -6.588  1.00 30.23  ? 92  ARG A NH2 1 
ATOM   616  N N   . GLU A 1 79  ? 6.667   9.572   -4.893  1.00 26.57  ? 93  GLU A N   1 
ATOM   617  C CA  . GLU A 1 79  ? 5.869   8.849   -5.828  1.00 26.17  ? 93  GLU A CA  1 
ATOM   618  C C   . GLU A 1 79  ? 4.364   8.932   -5.542  1.00 26.91  ? 93  GLU A C   1 
ATOM   619  O O   . GLU A 1 79  ? 3.576   9.045   -6.503  1.00 26.05  ? 93  GLU A O   1 
ATOM   620  C CB  . GLU A 1 79  ? 6.339   7.352   -5.983  1.00 31.07  ? 93  GLU A CB  1 
ATOM   621  C CG  . GLU A 1 79  ? 7.725   7.208   -6.649  1.00 33.19  ? 93  GLU A CG  1 
ATOM   622  C CD  . GLU A 1 79  ? 7.745   7.276   -8.187  1.00 35.86  ? 93  GLU A CD  1 
ATOM   623  O OE1 . GLU A 1 79  ? 6.750   7.055   -8.860  1.00 43.09  ? 93  GLU A OE1 1 
ATOM   624  O OE2 . GLU A 1 79  ? 8.832   7.440   -8.732  1.00 47.85  ? 93  GLU A OE2 1 
ATOM   625  N N   . ALA A 1 80  ? 3.958   8.816   -4.265  1.00 26.11  ? 94  ALA A N   1 
ATOM   626  C CA  . ALA A 1 80  ? 2.553   8.975   -3.920  1.00 30.34  ? 94  ALA A CA  1 
ATOM   627  C C   . ALA A 1 80  ? 1.999   10.374  -4.334  1.00 28.37  ? 94  ALA A C   1 
ATOM   628  O O   . ALA A 1 80  ? 0.860   10.481  -4.783  1.00 32.88  ? 94  ALA A O   1 
ATOM   629  C CB  . ALA A 1 80  ? 2.337   8.756   -2.449  1.00 28.50  ? 94  ALA A CB  1 
ATOM   630  N N   . GLN A 1 81  ? 2.811   11.390  -4.180  1.00 27.31  ? 95  GLN A N   1 
ATOM   631  C CA  . GLN A 1 81  ? 2.406   12.773  -4.591  1.00 32.57  ? 95  GLN A CA  1 
ATOM   632  C C   . GLN A 1 81  ? 2.171   12.846  -6.106  1.00 35.61  ? 95  GLN A C   1 
ATOM   633  O O   . GLN A 1 81  ? 1.112   13.314  -6.590  1.00 31.62  ? 95  GLN A O   1 
ATOM   634  C CB  . GLN A 1 81  ? 3.406   13.811  -4.092  1.00 34.30  ? 95  GLN A CB  1 
ATOM   635  C CG  . GLN A 1 81  ? 2.870   15.262  -4.305  1.00 37.53  ? 95  GLN A CG  1 
ATOM   636  C CD  . GLN A 1 81  ? 3.602   16.342  -3.519  1.00 41.30  ? 95  GLN A CD  1 
ATOM   637  O OE1 . GLN A 1 81  ? 4.503   16.098  -2.703  1.00 46.96  ? 95  GLN A OE1 1 
ATOM   638  N NE2 . GLN A 1 81  ? 3.198   17.572  -3.762  1.00 50.88  ? 95  GLN A NE2 1 
ATOM   639  N N   . GLU A 1 82  ? 3.106   12.263  -6.856  1.00 33.72  ? 96  GLU A N   1 
ATOM   640  C CA  . GLU A 1 82  ? 3.067   12.267  -8.328  1.00 33.99  ? 96  GLU A CA  1 
ATOM   641  C C   . GLU A 1 82  ? 1.900   11.452  -8.868  1.00 33.26  ? 96  GLU A C   1 
ATOM   642  O O   . GLU A 1 82  ? 1.254   11.861  -9.840  1.00 31.82  ? 96  GLU A O   1 
ATOM   643  C CB  . GLU A 1 82  ? 4.465   11.812  -8.866  1.00 41.80  ? 96  GLU A CB  1 
ATOM   644  C CG  . GLU A 1 82  ? 4.484   11.177  -10.227 1.00 51.51  ? 96  GLU A CG  1 
ATOM   645  C CD  . GLU A 1 82  ? 4.086   12.149  -11.290 1.00 61.84  ? 96  GLU A CD  1 
ATOM   646  O OE1 . GLU A 1 82  ? 4.353   13.357  -11.101 1.00 65.24  ? 96  GLU A OE1 1 
ATOM   647  O OE2 . GLU A 1 82  ? 3.532   11.710  -12.316 1.00 74.27  ? 96  GLU A OE2 1 
ATOM   648  N N   . GLU A 1 83  ? 1.556   10.320  -8.251  1.00 29.72  ? 97  GLU A N   1 
ATOM   649  C CA  . GLU A 1 83  ? 0.492   9.446   -8.734  1.00 30.40  ? 97  GLU A CA  1 
ATOM   650  C C   . GLU A 1 83  ? -0.919  9.857   -8.325  1.00 30.90  ? 97  GLU A C   1 
ATOM   651  O O   . GLU A 1 83  ? -1.867  9.656   -9.099  1.00 29.90  ? 97  GLU A O   1 
ATOM   652  C CB  . GLU A 1 83  ? 0.769   7.951   -8.334  1.00 32.32  ? 97  GLU A CB  1 
ATOM   653  C CG  . GLU A 1 83  ? 2.059   7.450   -9.051  1.00 35.80  ? 97  GLU A CG  1 
ATOM   654  C CD  . GLU A 1 83  ? 2.826   6.284   -8.404  1.00 43.66  ? 97  GLU A CD  1 
ATOM   655  O OE1 . GLU A 1 83  ? 2.414   5.803   -7.340  1.00 37.91  ? 97  GLU A OE1 1 
ATOM   656  O OE2 . GLU A 1 83  ? 3.907   5.913   -8.965  1.00 39.11  ? 97  GLU A OE2 1 
ATOM   657  N N   . VAL A 1 84  ? -1.106  10.295  -7.081  1.00 29.71  ? 98  VAL A N   1 
ATOM   658  C CA  . VAL A 1 84  ? -2.488  10.563  -6.586  1.00 31.10  ? 98  VAL A CA  1 
ATOM   659  C C   . VAL A 1 84  ? -2.678  11.909  -5.873  1.00 32.44  ? 98  VAL A C   1 
ATOM   660  O O   . VAL A 1 84  ? -3.767  12.150  -5.330  1.00 36.07  ? 98  VAL A O   1 
ATOM   661  C CB  . VAL A 1 84  ? -3.028  9.456   -5.650  1.00 30.88  ? 98  VAL A CB  1 
ATOM   662  C CG1 . VAL A 1 84  ? -3.035  8.117   -6.348  1.00 33.23  ? 98  VAL A CG1 1 
ATOM   663  C CG2 . VAL A 1 84  ? -2.247  9.379   -4.341  1.00 31.92  ? 98  VAL A CG2 1 
ATOM   664  N N   . GLY A 1 85  ? -1.654  12.751  -5.892  1.00 31.09  ? 99  GLY A N   1 
ATOM   665  C CA  . GLY A 1 85  ? -1.679  14.084  -5.282  1.00 33.56  ? 99  GLY A CA  1 
ATOM   666  C C   . GLY A 1 85  ? -1.577  14.198  -3.785  1.00 37.60  ? 99  GLY A C   1 
ATOM   667  O O   . GLY A 1 85  ? -1.820  15.292  -3.221  1.00 34.74  ? 99  GLY A O   1 
ATOM   668  N N   . LEU A 1 86  ? -1.208  13.092  -3.107  1.00 33.20  ? 100 LEU A N   1 
ATOM   669  C CA  . LEU A 1 86  ? -0.933  13.134  -1.659  1.00 30.07  ? 100 LEU A CA  1 
ATOM   670  C C   . LEU A 1 86  ? 0.241   13.980  -1.276  1.00 34.47  ? 100 LEU A C   1 
ATOM   671  O O   . LEU A 1 86  ? 1.397   13.689  -1.677  1.00 33.68  ? 100 LEU A O   1 
ATOM   672  C CB  . LEU A 1 86  ? -0.707  11.687  -1.158  1.00 32.35  ? 100 LEU A CB  1 
ATOM   673  C CG  . LEU A 1 86  ? -0.598  11.458  0.346   1.00 30.66  ? 100 LEU A CG  1 
ATOM   674  C CD1 . LEU A 1 86  ? -1.960  11.653  1.069   1.00 29.59  ? 100 LEU A CD1 1 
ATOM   675  C CD2 . LEU A 1 86  ? -0.072  10.030  0.554   1.00 30.51  ? 100 LEU A CD2 1 
ATOM   676  N N   . ARG A 1 87  ? -0.014  15.009  -0.467  1.00 31.32  ? 101 ARG A N   1 
ATOM   677  C CA  . ARG A 1 87  ? 0.991   15.926  -0.015  1.00 37.29  ? 101 ARG A CA  1 
ATOM   678  C C   . ARG A 1 87  ? 1.586   15.492  1.320   1.00 39.59  ? 101 ARG A C   1 
ATOM   679  O O   . ARG A 1 87  ? 0.944   14.741  2.089   1.00 38.32  ? 101 ARG A O   1 
ATOM   680  C CB  . ARG A 1 87  ? 0.437   17.360  0.028   1.00 44.31  ? 101 ARG A CB  1 
ATOM   681  C CG  . ARG A 1 87  ? 0.144   17.871  -1.381  1.00 49.50  ? 101 ARG A CG  1 
ATOM   682  C CD  . ARG A 1 87  ? -0.941  18.915  -1.431  1.00 63.46  ? 101 ARG A CD  1 
ATOM   683  N NE  . ARG A 1 87  ? -0.546  20.141  -0.744  1.00 75.80  ? 101 ARG A NE  1 
ATOM   684  C CZ  . ARG A 1 87  ? -1.349  21.197  -0.531  1.00 90.11  ? 101 ARG A CZ  1 
ATOM   685  N NH1 . ARG A 1 87  ? -2.617  21.195  -0.966  1.00 89.38  ? 101 ARG A NH1 1 
ATOM   686  N NH2 . ARG A 1 87  ? -0.879  22.272  0.124   1.00 83.86  ? 101 ARG A NH2 1 
HETATM 687  N N   . HYP A 1 88  ? 2.828   15.920  1.601   1.00 48.65  ? 102 HYP A N   1 
HETATM 688  C CA  . HYP A 1 88  ? 3.511   15.470  2.822   1.00 47.18  ? 102 HYP A CA  1 
HETATM 689  C C   . HYP A 1 88  ? 2.887   15.749  4.128   1.00 42.14  ? 102 HYP A C   1 
HETATM 690  O O   . HYP A 1 88  ? 2.945   14.880  5.007   1.00 41.19  ? 102 HYP A O   1 
HETATM 691  C CB  . HYP A 1 88  ? 4.925   16.037  2.765   1.00 52.26  ? 102 HYP A CB  1 
HETATM 692  C CG  . HYP A 1 88  ? 5.176   16.002  1.266   1.00 60.24  ? 102 HYP A CG  1 
HETATM 693  C CD  . HYP A 1 88  ? 3.835   16.453  0.672   1.00 56.52  ? 102 HYP A CD  1 
HETATM 694  O OD1 . HYP A 1 88  ? 5.495   14.654  0.833   1.00 62.39  ? 102 HYP A OD1 1 
ATOM   695  N N   . HIS A 1 89  ? 2.256   16.912  4.272   1.00 39.85  ? 103 HIS A N   1 
ATOM   696  C CA  . HIS A 1 89  ? 1.528   17.206  5.497   1.00 41.77  ? 103 HIS A CA  1 
ATOM   697  C C   . HIS A 1 89  ? 0.289   16.299  5.649   1.00 33.66  ? 103 HIS A C   1 
ATOM   698  O O   . HIS A 1 89  ? -0.315  16.290  6.714   1.00 32.95  ? 103 HIS A O   1 
ATOM   699  C CB  . HIS A 1 89  ? 1.140   18.721  5.603   1.00 43.62  ? 103 HIS A CB  1 
ATOM   700  C CG  . HIS A 1 89  ? 0.087   19.164  4.628   1.00 38.81  ? 103 HIS A CG  1 
ATOM   701  N ND1 . HIS A 1 89  ? -1.250  19.214  4.943   1.00 42.77  ? 103 HIS A ND1 1 
ATOM   702  C CD2 . HIS A 1 89  ? 0.181   19.590  3.341   1.00 38.40  ? 103 HIS A CD2 1 
ATOM   703  C CE1 . HIS A 1 89  ? -1.937  19.616  3.885   1.00 38.81  ? 103 HIS A CE1 1 
ATOM   704  N NE2 . HIS A 1 89  ? -1.089  19.871  2.906   1.00 37.51  ? 103 HIS A NE2 1 
ATOM   705  N N   . GLN A 1 90  ? -0.087  15.556  4.595   1.00 30.94  ? 104 GLN A N   1 
ATOM   706  C CA  . GLN A 1 90  ? -1.269  14.694  4.638   1.00 31.02  ? 104 GLN A CA  1 
ATOM   707  C C   . GLN A 1 90  ? -0.980  13.229  4.977   1.00 30.75  ? 104 GLN A C   1 
ATOM   708  O O   . GLN A 1 90  ? -1.922  12.421  5.007   1.00 28.01  ? 104 GLN A O   1 
ATOM   709  C CB  . GLN A 1 90  ? -2.054  14.783  3.334   1.00 30.63  ? 104 GLN A CB  1 
ATOM   710  C CG  . GLN A 1 90  ? -2.440  16.217  2.904   1.00 32.64  ? 104 GLN A CG  1 
ATOM   711  C CD  . GLN A 1 90  ? -3.258  16.218  1.628   1.00 35.86  ? 104 GLN A CD  1 
ATOM   712  O OE1 . GLN A 1 90  ? -4.460  16.559  1.628   1.00 40.09  ? 104 GLN A OE1 1 
ATOM   713  N NE2 . GLN A 1 90  ? -2.652  15.773  0.535   1.00 29.85  ? 104 GLN A NE2 1 
ATOM   714  N N   . VAL A 1 91  ? 0.284   12.905  5.268   1.00 29.69  ? 105 VAL A N   1 
ATOM   715  C CA  . VAL A 1 91  ? 0.660   11.550  5.646   1.00 28.49  ? 105 VAL A CA  1 
ATOM   716  C C   . VAL A 1 91  ? 1.666   11.489  6.828   1.00 29.93  ? 105 VAL A C   1 
ATOM   717  O O   . VAL A 1 91  ? 2.636   12.259  6.895   1.00 30.20  ? 105 VAL A O   1 
ATOM   718  C CB  . VAL A 1 91  ? 1.115   10.779  4.375   1.00 33.22  ? 105 VAL A CB  1 
ATOM   719  C CG1 . VAL A 1 91  ? 2.125   11.568  3.585   1.00 35.11  ? 105 VAL A CG1 1 
ATOM   720  C CG2 . VAL A 1 91  ? 1.678   9.388   4.735   1.00 30.46  ? 105 VAL A CG2 1 
ATOM   721  N N   . GLU A 1 92  ? 1.416   10.590  7.795   1.00 27.03  ? 106 GLU A N   1 
ATOM   722  C CA  . GLU A 1 92  ? 2.397   10.296  8.818   1.00 29.51  ? 106 GLU A CA  1 
ATOM   723  C C   . GLU A 1 92  ? 2.907   8.851   8.537   1.00 27.18  ? 106 GLU A C   1 
ATOM   724  O O   . GLU A 1 92  ? 2.136   7.880   8.666   1.00 26.75  ? 106 GLU A O   1 
ATOM   725  C CB  . GLU A 1 92  ? 1.771   10.356  10.203  1.00 31.70  ? 106 GLU A CB  1 
ATOM   726  C CG  . GLU A 1 92  ? 2.772   10.209  11.351  1.00 36.97  ? 106 GLU A CG  1 
ATOM   727  C CD  . GLU A 1 92  ? 2.076   10.011  12.708  1.00 42.84  ? 106 GLU A CD  1 
ATOM   728  O OE1 . GLU A 1 92  ? 0.821   10.044  12.775  1.00 42.52  ? 106 GLU A OE1 1 
ATOM   729  O OE2 . GLU A 1 92  ? 2.789   9.760   13.701  1.00 50.98  ? 106 GLU A OE2 1 
ATOM   730  N N   . VAL A 1 93  ? 4.183   8.743   8.201   1.00 26.29  ? 107 VAL A N   1 
ATOM   731  C CA  . VAL A 1 93  ? 4.858   7.455   8.030   1.00 28.71  ? 107 VAL A CA  1 
ATOM   732  C C   . VAL A 1 93  ? 5.133   6.862   9.403   1.00 28.84  ? 107 VAL A C   1 
ATOM   733  O O   . VAL A 1 93  ? 5.754   7.496   10.227  1.00 29.43  ? 107 VAL A O   1 
ATOM   734  C CB  . VAL A 1 93  ? 6.157   7.592   7.204   1.00 34.03  ? 107 VAL A CB  1 
ATOM   735  C CG1 . VAL A 1 93  ? 6.890   6.240   7.108   1.00 32.45  ? 107 VAL A CG1 1 
ATOM   736  C CG2 . VAL A 1 93  ? 5.805   8.134   5.823   1.00 33.66  ? 107 VAL A CG2 1 
ATOM   737  N N   . VAL A 1 94  ? 4.615   5.656   9.641   1.00 29.32  ? 108 VAL A N   1 
ATOM   738  C CA  . VAL A 1 94  ? 4.549   5.068   10.975  1.00 30.46  ? 108 VAL A CA  1 
ATOM   739  C C   . VAL A 1 94  ? 5.633   3.972   11.091  1.00 32.33  ? 108 VAL A C   1 
ATOM   740  O O   . VAL A 1 94  ? 6.189   3.792   12.172  1.00 34.98  ? 108 VAL A O   1 
ATOM   741  C CB  . VAL A 1 94  ? 3.142   4.450   11.211  1.00 34.93  ? 108 VAL A CB  1 
ATOM   742  C CG1 . VAL A 1 94  ? 3.115   3.565   12.431  1.00 42.67  ? 108 VAL A CG1 1 
ATOM   743  C CG2 . VAL A 1 94  ? 2.118   5.554   11.394  1.00 40.70  ? 108 VAL A CG2 1 
HETATM 744  N N   . CSO A 1 95  ? 5.882   3.239   10.005  1.00 27.40  ? 109 CSO A N   1 
HETATM 745  C CA  . CSO A 1 95  ? 6.934   2.243   9.982   1.00 30.72  ? 109 CSO A CA  1 
HETATM 746  C CB  . CSO A 1 95  ? 6.491   1.101   10.859  1.00 32.76  ? 109 CSO A CB  1 
HETATM 747  S SG  . CSO A 1 95  ? 5.134   0.261   10.128  1.00 35.92  ? 109 CSO A SG  1 
HETATM 748  C C   . CSO A 1 95  ? 7.299   1.697   8.649   1.00 28.11  ? 109 CSO A C   1 
HETATM 749  O O   . CSO A 1 95  ? 6.664   1.955   7.618   1.00 25.51  ? 109 CSO A O   1 
HETATM 750  O OD  . CSO A 1 95  ? 5.981   -1.236  10.331  1.00 38.11  ? 109 CSO A OD  1 
ATOM   751  N N   . CYS A 1 96  ? 8.398   0.959   8.678   1.00 27.36  ? 110 CYS A N   1 
ATOM   752  C CA  . CYS A 1 96  ? 8.957   0.251   7.572   1.00 28.97  ? 110 CYS A CA  1 
ATOM   753  C C   . CYS A 1 96  ? 8.821   -1.263  7.850   1.00 31.00  ? 110 CYS A C   1 
ATOM   754  O O   . CYS A 1 96  ? 9.358   -1.737  8.858   1.00 32.52  ? 110 CYS A O   1 
ATOM   755  C CB  . CYS A 1 96  ? 10.428  0.698   7.590   1.00 38.42  ? 110 CYS A CB  1 
ATOM   756  S SG  . CYS A 1 96  ? 11.405  -0.044  6.372   1.00 43.95  ? 110 CYS A SG  1 
ATOM   757  N N   . LEU A 1 97  ? 8.060   -1.972  7.021   1.00 27.19  ? 111 LEU A N   1 
ATOM   758  C CA  . LEU A 1 97  ? 7.835   -3.409  7.132   1.00 31.35  ? 111 LEU A CA  1 
ATOM   759  C C   . LEU A 1 97  ? 8.950   -4.178  6.399   1.00 33.93  ? 111 LEU A C   1 
ATOM   760  O O   . LEU A 1 97  ? 9.814   -3.588  5.739   1.00 27.94  ? 111 LEU A O   1 
ATOM   761  C CB  . LEU A 1 97  ? 6.470   -3.828  6.557   1.00 31.85  ? 111 LEU A CB  1 
ATOM   762  C CG  . LEU A 1 97  ? 5.256   -3.338  7.346   1.00 35.05  ? 111 LEU A CG  1 
ATOM   763  C CD1 . LEU A 1 97  ? 3.971   -3.782  6.690   1.00 39.11  ? 111 LEU A CD1 1 
ATOM   764  C CD2 . LEU A 1 97  ? 5.313   -3.787  8.777   1.00 36.86  ? 111 LEU A CD2 1 
ATOM   765  N N   . VAL A 1 98  ? 8.915   -5.500  6.529   1.00 37.42  ? 112 VAL A N   1 
ATOM   766  C CA  . VAL A 1 98  ? 9.918   -6.341  5.881   1.00 35.89  ? 112 VAL A CA  1 
ATOM   767  C C   . VAL A 1 98  ? 9.989   -6.123  4.402   1.00 29.95  ? 112 VAL A C   1 
ATOM   768  O O   . VAL A 1 98  ? 9.007   -6.178  3.720   1.00 30.63  ? 112 VAL A O   1 
ATOM   769  C CB  . VAL A 1 98  ? 9.712   -7.867  6.139   1.00 41.70  ? 112 VAL A CB  1 
ATOM   770  C CG1 . VAL A 1 98  ? 10.239  -8.201  7.535   1.00 45.86  ? 112 VAL A CG1 1 
ATOM   771  C CG2 . VAL A 1 98  ? 8.269   -8.294  5.900   1.00 40.01  ? 112 VAL A CG2 1 
ATOM   772  N N   . PRO A 1 99  ? 11.207  -5.971  3.864   1.00 29.08  ? 113 PRO A N   1 
ATOM   773  C CA  . PRO A 1 99  ? 11.308  -5.767  2.410   1.00 29.26  ? 113 PRO A CA  1 
ATOM   774  C C   . PRO A 1 99  ? 11.126  -7.040  1.608   1.00 31.65  ? 113 PRO A C   1 
ATOM   775  O O   . PRO A 1 99  ? 11.276  -8.119  2.171   1.00 29.01  ? 113 PRO A O   1 
ATOM   776  C CB  . PRO A 1 99  ? 12.722  -5.183  2.251   1.00 31.67  ? 113 PRO A CB  1 
ATOM   777  C CG  . PRO A 1 99  ? 13.485  -5.915  3.296   1.00 34.93  ? 113 PRO A CG  1 
ATOM   778  C CD  . PRO A 1 99  ? 12.523  -6.053  4.495   1.00 32.62  ? 113 PRO A CD  1 
ATOM   779  N N   . CYS A 1 100 ? 10.791  -6.895  0.335   1.00 27.80  ? 114 CYS A N   1 
ATOM   780  C CA  . CYS A 1 100 ? 10.434  -7.952  -0.608  1.00 29.48  ? 114 CYS A CA  1 
ATOM   781  C C   . CYS A 1 100 ? 11.653  -8.078  -1.582  1.00 32.51  ? 114 CYS A C   1 
ATOM   782  O O   . CYS A 1 100 ? 12.056  -7.088  -2.222  1.00 29.25  ? 114 CYS A O   1 
ATOM   783  C CB  . CYS A 1 100 ? 9.148   -7.549  -1.389  1.00 28.98  ? 114 CYS A CB  1 
ATOM   784  S SG  . CYS A 1 100 ? 7.738   -7.125  -0.207  1.00 48.11  ? 114 CYS A SG  1 
ATOM   785  N N   . LEU A 1 101 ? 12.232  -9.270  -1.683  1.00 31.67  ? 115 LEU A N   1 
ATOM   786  C CA  . LEU A 1 101 ? 13.346  -9.557  -2.651  1.00 30.92  ? 115 LEU A CA  1 
ATOM   787  C C   . LEU A 1 101 ? 12.796  -10.111 -3.940  1.00 30.88  ? 115 LEU A C   1 
ATOM   788  O O   . LEU A 1 101 ? 12.077  -11.107 -3.890  1.00 30.02  ? 115 LEU A O   1 
ATOM   789  C CB  . LEU A 1 101 ? 14.338  -10.592 -2.084  1.00 31.66  ? 115 LEU A CB  1 
ATOM   790  C CG  . LEU A 1 101 ? 15.002  -10.286 -0.752  1.00 33.85  ? 115 LEU A CG  1 
ATOM   791  C CD1 . LEU A 1 101 ? 15.818  -11.456 -0.220  1.00 38.19  ? 115 LEU A CD1 1 
ATOM   792  C CD2 . LEU A 1 101 ? 15.849  -9.035  -0.911  1.00 39.32  ? 115 LEU A CD2 1 
ATOM   793  N N   . ILE A 1 102 ? 13.178  -9.544  -5.086  1.00 27.67  ? 116 ILE A N   1 
ATOM   794  C CA  . ILE A 1 102 ? 12.794  -10.112 -6.379  1.00 32.74  ? 116 ILE A CA  1 
ATOM   795  C C   . ILE A 1 102 ? 13.873  -10.068 -7.445  1.00 30.38  ? 116 ILE A C   1 
ATOM   796  O O   . ILE A 1 102 ? 14.761  -9.231  -7.411  1.00 31.15  ? 116 ILE A O   1 
ATOM   797  C CB  . ILE A 1 102 ? 11.511  -9.450  -6.953  1.00 40.62  ? 116 ILE A CB  1 
ATOM   798  C CG1 . ILE A 1 102 ? 11.636  -7.945  -6.955  1.00 40.10  ? 116 ILE A CG1 1 
ATOM   799  C CG2 . ILE A 1 102 ? 10.266  -9.838  -6.154  1.00 43.43  ? 116 ILE A CG2 1 
ATOM   800  C CD1 . ILE A 1 102 ? 10.702  -7.335  -7.984  1.00 51.46  ? 116 ILE A CD1 1 
ATOM   801  N N   . ASP A 1 103 ? 13.795  -11.011 -8.386  1.00 34.79  ? 117 ASP A N   1 
ATOM   802  C CA  . ASP A 1 103 ? 14.645  -11.037 -9.589  1.00 37.98  ? 117 ASP A CA  1 
ATOM   803  C C   . ASP A 1 103 ? 16.160  -11.140 -9.320  1.00 35.09  ? 117 ASP A C   1 
ATOM   804  O O   . ASP A 1 103 ? 16.932  -10.834 -10.189 1.00 34.51  ? 117 ASP A O   1 
ATOM   805  C CB  . ASP A 1 103 ? 14.394  -9.815  -10.509 1.00 41.69  ? 117 ASP A CB  1 
ATOM   806  C CG  . ASP A 1 103 ? 12.961  -9.745  -11.025 1.00 54.72  ? 117 ASP A CG  1 
ATOM   807  O OD1 . ASP A 1 103 ? 12.365  -10.807 -11.292 1.00 60.96  ? 117 ASP A OD1 1 
ATOM   808  O OD2 . ASP A 1 103 ? 12.422  -8.614  -11.151 1.00 55.02  ? 117 ASP A OD2 1 
ATOM   809  N N   . THR A 1 104 ? 16.551  -11.543 -8.113  1.00 30.36  ? 118 THR A N   1 
ATOM   810  C CA  . THR A 1 104 ? 17.933  -11.616 -7.646  1.00 31.49  ? 118 THR A CA  1 
ATOM   811  C C   . THR A 1 104 ? 18.681  -10.309 -7.431  1.00 34.18  ? 118 THR A C   1 
ATOM   812  O O   . THR A 1 104 ? 19.707  -10.309 -6.753  1.00 31.00  ? 118 THR A O   1 
ATOM   813  C CB  . THR A 1 104 ? 18.844  -12.588 -8.488  1.00 35.22  ? 118 THR A CB  1 
ATOM   814  O OG1 . THR A 1 104 ? 19.258  -11.966 -9.708  1.00 34.23  ? 118 THR A OG1 1 
ATOM   815  C CG2 . THR A 1 104 ? 18.126  -13.888 -8.805  1.00 33.54  ? 118 THR A CG2 1 
ATOM   816  N N   . ASP A 1 105 ? 18.200  -9.188  -7.978  1.00 29.11  ? 119 ASP A N   1 
ATOM   817  C CA  . ASP A 1 105 ? 18.941  -7.929  -7.902  1.00 30.08  ? 119 ASP A CA  1 
ATOM   818  C C   . ASP A 1 105 ? 18.108  -6.692  -7.397  1.00 31.31  ? 119 ASP A C   1 
ATOM   819  O O   . ASP A 1 105 ? 18.598  -5.546  -7.463  1.00 28.06  ? 119 ASP A O   1 
ATOM   820  C CB  . ASP A 1 105 ? 19.520  -7.595  -9.299  1.00 34.26  ? 119 ASP A CB  1 
ATOM   821  C CG  . ASP A 1 105 ? 18.422  -7.383  -10.369 1.00 38.38  ? 119 ASP A CG  1 
ATOM   822  O OD1 . ASP A 1 105 ? 17.200  -7.318  -10.056 1.00 34.23  ? 119 ASP A OD1 1 
ATOM   823  O OD2 . ASP A 1 105 ? 18.771  -7.375  -11.559 1.00 43.28  ? 119 ASP A OD2 1 
ATOM   824  N N   . THR A 1 106 ? 16.903  -6.936  -6.889  1.00 29.19  ? 120 THR A N   1 
ATOM   825  C CA  . THR A 1 106 ? 15.937  -5.853  -6.575  1.00 28.03  ? 120 THR A CA  1 
ATOM   826  C C   . THR A 1 106 ? 15.356  -6.050  -5.164  1.00 28.57  ? 120 THR A C   1 
ATOM   827  O O   . THR A 1 106 ? 15.115  -7.211  -4.721  1.00 27.31  ? 120 THR A O   1 
ATOM   828  C CB  . THR A 1 106 ? 14.833  -5.843  -7.660  1.00 30.95  ? 120 THR A CB  1 
ATOM   829  O OG1 . THR A 1 106 ? 15.428  -5.523  -8.912  1.00 32.01  ? 120 THR A OG1 1 
ATOM   830  C CG2 . THR A 1 106 ? 13.715  -4.828  -7.342  1.00 29.22  ? 120 THR A CG2 1 
ATOM   831  N N   . LEU A 1 107 ? 15.277  -4.937  -4.424  1.00 25.17  ? 121 LEU A N   1 
ATOM   832  C CA  . LEU A 1 107 ? 14.739  -4.886  -3.087  1.00 24.23  ? 121 LEU A CA  1 
ATOM   833  C C   . LEU A 1 107 ? 13.649  -3.777  -3.028  1.00 25.81  ? 121 LEU A C   1 
ATOM   834  O O   . LEU A 1 107 ? 13.951  -2.611  -3.286  1.00 25.16  ? 121 LEU A O   1 
ATOM   835  C CB  . LEU A 1 107 ? 15.829  -4.587  -2.067  1.00 25.85  ? 121 LEU A CB  1 
ATOM   836  C CG  . LEU A 1 107 ? 15.442  -4.744  -0.589  1.00 29.06  ? 121 LEU A CG  1 
ATOM   837  C CD1 . LEU A 1 107 ? 16.603  -5.165  0.276   1.00 37.07  ? 121 LEU A CD1 1 
ATOM   838  C CD2 . LEU A 1 107 ? 14.981  -3.440  0.009   1.00 32.16  ? 121 LEU A CD2 1 
ATOM   839  N N   . ILE A 1 108 ? 12.451  -4.172  -2.645  1.00 24.81  ? 122 ILE A N   1 
ATOM   840  C CA  . ILE A 1 108 ? 11.251  -3.280  -2.500  1.00 24.53  ? 122 ILE A CA  1 
ATOM   841  C C   . ILE A 1 108 ? 10.921  -3.083  -1.038  1.00 24.03  ? 122 ILE A C   1 
ATOM   842  O O   . ILE A 1 108 ? 10.677  -4.080  -0.276  1.00 25.86  ? 122 ILE A O   1 
ATOM   843  C CB  . ILE A 1 108 ? 10.061  -3.869  -3.251  1.00 26.05  ? 122 ILE A CB  1 
ATOM   844  C CG1 . ILE A 1 108 ? 10.436  -3.994  -4.755  1.00 31.94  ? 122 ILE A CG1 1 
ATOM   845  C CG2 . ILE A 1 108 ? 8.805   -2.994  -3.061  1.00 29.37  ? 122 ILE A CG2 1 
ATOM   846  C CD1 . ILE A 1 108 ? 9.613   -5.002  -5.477  1.00 36.65  ? 122 ILE A CD1 1 
ATOM   847  N N   . THR A 1 109 ? 11.002  -1.831  -0.569  1.00 22.34  ? 123 THR A N   1 
ATOM   848  C CA  . THR A 1 109 ? 10.795  -1.503  0.802   1.00 23.33  ? 123 THR A CA  1 
ATOM   849  C C   . THR A 1 109 ? 9.333   -0.900  0.996   1.00 27.15  ? 123 THR A C   1 
ATOM   850  O O   . THR A 1 109 ? 9.009   0.140   0.369   1.00 21.49  ? 123 THR A O   1 
ATOM   851  C CB  . THR A 1 109 ? 11.861  -0.522  1.308   1.00 25.17  ? 123 THR A CB  1 
ATOM   852  O OG1 . THR A 1 109 ? 13.171  -1.077  1.028   1.00 29.80  ? 123 THR A OG1 1 
ATOM   853  C CG2 . THR A 1 109 ? 11.707  -0.239  2.827   1.00 27.68  ? 123 THR A CG2 1 
ATOM   854  N N   . PRO A 1 110 ? 8.483   -1.572  1.817   1.00 24.38  ? 124 PRO A N   1 
ATOM   855  C CA  . PRO A 1 110 ? 7.131   -1.077  2.129   1.00 23.44  ? 124 PRO A CA  1 
ATOM   856  C C   . PRO A 1 110 ? 7.046   -0.204  3.403   1.00 24.93  ? 124 PRO A C   1 
ATOM   857  O O   . PRO A 1 110 ? 7.579   -0.540  4.455   1.00 26.45  ? 124 PRO A O   1 
ATOM   858  C CB  . PRO A 1 110 ? 6.293   -2.349  2.190   1.00 25.01  ? 124 PRO A CB  1 
ATOM   859  C CG  . PRO A 1 110 ? 7.250   -3.473  2.498   1.00 24.90  ? 124 PRO A CG  1 
ATOM   860  C CD  . PRO A 1 110 ? 8.653   -2.984  2.285   1.00 25.82  ? 124 PRO A CD  1 
ATOM   861  N N   . PHE A 1 111 ? 6.424   0.979   3.272   1.00 21.34  ? 125 PHE A N   1 
ATOM   862  C CA  . PHE A 1 111 ? 6.143   1.853   4.388   1.00 22.76  ? 125 PHE A CA  1 
ATOM   863  C C   . PHE A 1 111 ? 4.644   1.978   4.641   1.00 24.30  ? 125 PHE A C   1 
ATOM   864  O O   . PHE A 1 111 ? 3.879   2.026   3.676   1.00 24.20  ? 125 PHE A O   1 
ATOM   865  C CB  . PHE A 1 111 ? 6.713   3.256   4.099   1.00 25.72  ? 125 PHE A CB  1 
ATOM   866  C CG  . PHE A 1 111 ? 8.204   3.274   4.026   1.00 26.41  ? 125 PHE A CG  1 
ATOM   867  C CD1 . PHE A 1 111 ? 8.854   3.053   2.804   1.00 26.22  ? 125 PHE A CD1 1 
ATOM   868  C CD2 . PHE A 1 111 ? 8.950   3.517   5.163   1.00 26.08  ? 125 PHE A CD2 1 
ATOM   869  C CE1 . PHE A 1 111 ? 10.250  3.046   2.743   1.00 27.30  ? 125 PHE A CE1 1 
ATOM   870  C CE2 . PHE A 1 111 ? 10.342  3.519   5.107   1.00 28.85  ? 125 PHE A CE2 1 
ATOM   871  C CZ  . PHE A 1 111 ? 10.979  3.249   3.920   1.00 25.59  ? 125 PHE A CZ  1 
ATOM   872  N N   . VAL A 1 112 ? 4.227   1.973   5.914   1.00 25.25  ? 126 VAL A N   1 
ATOM   873  C CA  . VAL A 1 112 ? 2.801   2.146   6.259   1.00 23.95  ? 126 VAL A CA  1 
ATOM   874  C C   . VAL A 1 112 ? 2.608   3.599   6.652   1.00 25.63  ? 126 VAL A C   1 
ATOM   875  O O   . VAL A 1 112 ? 3.384   4.122   7.452   1.00 25.24  ? 126 VAL A O   1 
ATOM   876  C CB  . VAL A 1 112 ? 2.286   1.207   7.364   1.00 25.35  ? 126 VAL A CB  1 
ATOM   877  C CG1 . VAL A 1 112 ? 0.728   1.436   7.558   1.00 26.30  ? 126 VAL A CG1 1 
ATOM   878  C CG2 . VAL A 1 112 ? 2.622   -0.253  6.987   1.00 24.77  ? 126 VAL A CG2 1 
ATOM   879  N N   . GLY A 1 113 ? 1.585   4.251   6.054   1.00 24.30  ? 127 GLY A N   1 
ATOM   880  C CA  . GLY A 1 113 ? 1.314   5.652   6.320   1.00 25.05  ? 127 GLY A CA  1 
ATOM   881  C C   . GLY A 1 113 ? -0.136  5.895   6.709   1.00 27.16  ? 127 GLY A C   1 
ATOM   882  O O   . GLY A 1 113 ? -0.987  5.318   6.109   1.00 26.76  ? 127 GLY A O   1 
ATOM   883  N N   . LEU A 1 114 ? -0.377  6.729   7.730   1.00 28.23  ? 128 LEU A N   1 
ATOM   884  C CA  . LEU A 1 114 ? -1.734  7.134   8.128   1.00 28.36  ? 128 LEU A CA  1 
ATOM   885  C C   . LEU A 1 114 ? -2.108  8.423   7.401   1.00 27.61  ? 128 LEU A C   1 
ATOM   886  O O   . LEU A 1 114 ? -1.316  9.386   7.465   1.00 29.52  ? 128 LEU A O   1 
ATOM   887  C CB  . LEU A 1 114 ? -1.804  7.437   9.618   1.00 33.58  ? 128 LEU A CB  1 
ATOM   888  C CG  . LEU A 1 114 ? -1.171  6.437   10.560  1.00 43.57  ? 128 LEU A CG  1 
ATOM   889  C CD1 . LEU A 1 114 ? -1.220  6.999   11.983  1.00 48.69  ? 128 LEU A CD1 1 
ATOM   890  C CD2 . LEU A 1 114 ? -1.906  5.120   10.437  1.00 42.68  ? 128 LEU A CD2 1 
ATOM   891  N N   . ILE A 1 115 ? -3.246  8.402   6.710   1.00 26.31  ? 129 ILE A N   1 
ATOM   892  C CA  . ILE A 1 115 ? -3.681  9.454   5.767   1.00 27.02  ? 129 ILE A CA  1 
ATOM   893  C C   . ILE A 1 115 ? -4.684  10.420  6.444   1.00 30.30  ? 129 ILE A C   1 
ATOM   894  O O   . ILE A 1 115 ? -5.585  9.983   7.147   1.00 26.73  ? 129 ILE A O   1 
ATOM   895  C CB  . ILE A 1 115 ? -4.308  8.821   4.517   1.00 26.83  ? 129 ILE A CB  1 
ATOM   896  C CG1 . ILE A 1 115 ? -3.311  7.851   3.848   1.00 30.71  ? 129 ILE A CG1 1 
ATOM   897  C CG2 . ILE A 1 115 ? -4.788  9.867   3.497   1.00 28.63  ? 129 ILE A CG2 1 
ATOM   898  C CD1 . ILE A 1 115 ? -1.949  8.477   3.524   1.00 29.94  ? 129 ILE A CD1 1 
ATOM   899  N N   . ASP A 1 116 ? -4.467  11.721  6.269   1.00 30.76  ? 130 ASP A N   1 
ATOM   900  C CA  . ASP A 1 116 ? -5.378  12.755  6.793   1.00 29.37  ? 130 ASP A CA  1 
ATOM   901  C C   . ASP A 1 116 ? -6.834  12.570  6.384   1.00 27.53  ? 130 ASP A C   1 
ATOM   902  O O   . ASP A 1 116 ? -7.154  12.320  5.206   1.00 25.99  ? 130 ASP A O   1 
ATOM   903  C CB  . ASP A 1 116 ? -4.955  14.141  6.321   1.00 35.78  ? 130 ASP A CB  1 
ATOM   904  C CG  . ASP A 1 116 ? -5.694  15.242  7.078   1.00 39.24  ? 130 ASP A CG  1 
ATOM   905  O OD1 . ASP A 1 116 ? -5.421  15.445  8.283   1.00 41.19  ? 130 ASP A OD1 1 
ATOM   906  O OD2 . ASP A 1 116 ? -6.603  15.808  6.480   1.00 36.72  ? 130 ASP A OD2 1 
ATOM   907  N N   . HIS A 1 117 ? -7.760  12.767  7.324   1.00 30.06  ? 131 HIS A N   1 
ATOM   908  C CA  . HIS A 1 117 ? -9.203  12.648  6.964   1.00 33.56  ? 131 HIS A CA  1 
ATOM   909  C C   . HIS A 1 117 ? -9.673  13.572  5.854   1.00 31.20  ? 131 HIS A C   1 
ATOM   910  O O   . HIS A 1 117 ? -10.660 13.254  5.241   1.00 39.57  ? 131 HIS A O   1 
ATOM   911  C CB  . HIS A 1 117 ? -10.136 12.704  8.207   1.00 35.26  ? 131 HIS A CB  1 
ATOM   912  C CG  . HIS A 1 117 ? -10.360 14.077  8.758   1.00 39.30  ? 131 HIS A CG  1 
ATOM   913  N ND1 . HIS A 1 117 ? -9.348  14.860  9.287   1.00 38.00  ? 131 HIS A ND1 1 
ATOM   914  C CD2 . HIS A 1 117 ? -11.503 14.779  8.934   1.00 40.21  ? 131 HIS A CD2 1 
ATOM   915  C CE1 . HIS A 1 117 ? -9.851  16.014  9.690   1.00 37.30  ? 131 HIS A CE1 1 
ATOM   916  N NE2 . HIS A 1 117 ? -11.156 15.986  9.504   1.00 46.92  ? 131 HIS A NE2 1 
ATOM   917  N N   . ASN A 1 118 ? -9.012  14.700  5.565   1.00 33.06  ? 132 ASN A N   1 
ATOM   918  C CA  . ASN A 1 118 ? -9.506  15.589  4.472   1.00 38.55  ? 132 ASN A CA  1 
ATOM   919  C C   . ASN A 1 118 ? -8.838  15.325  3.111   1.00 43.52  ? 132 ASN A C   1 
ATOM   920  O O   . ASN A 1 118 ? -9.074  16.066  2.157   1.00 35.51  ? 132 ASN A O   1 
ATOM   921  C CB  . ASN A 1 118 ? -9.351  17.084  4.862   1.00 41.93  ? 132 ASN A CB  1 
ATOM   922  C CG  . ASN A 1 118 ? -10.319 17.486  5.983   1.00 44.43  ? 132 ASN A CG  1 
ATOM   923  O OD1 . ASN A 1 118 ? -9.942  18.074  7.002   1.00 41.46  ? 132 ASN A OD1 1 
ATOM   924  N ND2 . ASN A 1 118 ? -11.547 17.059  5.834   1.00 40.06  ? 132 ASN A ND2 1 
ATOM   925  N N   . PHE A 1 119 ? -7.988  14.290  3.006   1.00 35.78  ? 133 PHE A N   1 
ATOM   926  C CA  . PHE A 1 119 ? -7.343  14.011  1.706   1.00 35.92  ? 133 PHE A CA  1 
ATOM   927  C C   . PHE A 1 119 ? -8.390  13.511  0.756   1.00 33.05  ? 133 PHE A C   1 
ATOM   928  O O   . PHE A 1 119 ? -9.182  12.644  1.122   1.00 34.85  ? 133 PHE A O   1 
ATOM   929  C CB  . PHE A 1 119 ? -6.241  12.906  1.859   1.00 34.99  ? 133 PHE A CB  1 
ATOM   930  C CG  . PHE A 1 119 ? -5.771  12.331  0.547   1.00 33.76  ? 133 PHE A CG  1 
ATOM   931  C CD1 . PHE A 1 119 ? -4.936  13.057  -0.286  1.00 36.90  ? 133 PHE A CD1 1 
ATOM   932  C CD2 . PHE A 1 119 ? -6.146  11.053  0.165   1.00 36.14  ? 133 PHE A CD2 1 
ATOM   933  C CE1 . PHE A 1 119 ? -4.488  12.522  -1.493  1.00 34.09  ? 133 PHE A CE1 1 
ATOM   934  C CE2 . PHE A 1 119 ? -5.685  10.507  -1.034  1.00 36.45  ? 133 PHE A CE2 1 
ATOM   935  C CZ  . PHE A 1 119 ? -4.861  11.253  -1.855  1.00 33.68  ? 133 PHE A CZ  1 
ATOM   936  N N   . GLN A 1 120 ? -8.382  14.010  -0.480  1.00 38.86  ? 134 GLN A N   1 
ATOM   937  C CA  . GLN A 1 120 ? -9.160  13.394  -1.568  1.00 40.93  ? 134 GLN A CA  1 
ATOM   938  C C   . GLN A 1 120 ? -8.286  13.159  -2.815  1.00 38.35  ? 134 GLN A C   1 
ATOM   939  O O   . GLN A 1 120 ? -7.610  14.061  -3.257  1.00 33.90  ? 134 GLN A O   1 
ATOM   940  C CB  . GLN A 1 120 ? -10.281 14.312  -1.984  1.00 52.40  ? 134 GLN A CB  1 
ATOM   941  C CG  . GLN A 1 120 ? -11.389 14.344  -0.961  1.00 60.50  ? 134 GLN A CG  1 
ATOM   942  C CD  . GLN A 1 120 ? -12.601 15.005  -1.537  1.00 69.40  ? 134 GLN A CD  1 
ATOM   943  O OE1 . GLN A 1 120 ? -13.627 14.351  -1.748  1.00 75.42  ? 134 GLN A OE1 1 
ATOM   944  N NE2 . GLN A 1 120 ? -12.480 16.308  -1.854  1.00 79.61  ? 134 GLN A NE2 1 
ATOM   945  N N   . ALA A 1 121 ? -8.315  11.950  -3.337  1.00 40.60  ? 135 ALA A N   1 
ATOM   946  C CA  . ALA A 1 121 ? -7.359  11.572  -4.390  1.00 44.11  ? 135 ALA A CA  1 
ATOM   947  C C   . ALA A 1 121 ? -7.644  12.296  -5.683  1.00 45.11  ? 135 ALA A C   1 
ATOM   948  O O   . ALA A 1 121 ? -8.820  12.418  -6.091  1.00 45.56  ? 135 ALA A O   1 
ATOM   949  C CB  . ALA A 1 121 ? -7.410  10.077  -4.633  1.00 42.56  ? 135 ALA A CB  1 
ATOM   950  N N   . GLN A 1 122 ? -6.556  12.709  -6.329  1.00 39.62  ? 136 GLN A N   1 
ATOM   951  C CA  . GLN A 1 122 ? -6.545  13.319  -7.658  1.00 42.55  ? 136 GLN A CA  1 
ATOM   952  C C   . GLN A 1 122 ? -5.704  12.438  -8.593  1.00 39.71  ? 136 GLN A C   1 
ATOM   953  O O   . GLN A 1 122 ? -4.524  12.720  -8.791  1.00 35.87  ? 136 GLN A O   1 
ATOM   954  C CB  . GLN A 1 122 ? -5.895  14.714  -7.551  1.00 42.10  ? 136 GLN A CB  1 
ATOM   955  C CG  . GLN A 1 122 ? -6.725  15.667  -6.720  1.00 54.47  ? 136 GLN A CG  1 
ATOM   956  C CD  . GLN A 1 122 ? -6.112  17.044  -6.643  1.00 60.63  ? 136 GLN A CD  1 
ATOM   957  O OE1 . GLN A 1 122 ? -5.585  17.437  -5.613  1.00 59.24  ? 136 GLN A OE1 1 
ATOM   958  N NE2 . GLN A 1 122 ? -6.159  17.781  -7.764  1.00 66.38  ? 136 GLN A NE2 1 
ATOM   959  N N   . PRO A 1 123 ? -6.282  11.348  -9.115  1.00 39.62  ? 137 PRO A N   1 
ATOM   960  C CA  . PRO A 1 123 ? -5.506  10.424  -9.936  1.00 44.36  ? 137 PRO A CA  1 
ATOM   961  C C   . PRO A 1 123 ? -4.839  11.137  -11.130 1.00 48.11  ? 137 PRO A C   1 
ATOM   962  O O   . PRO A 1 123 ? -5.524  11.845  -11.888 1.00 49.53  ? 137 PRO A O   1 
ATOM   963  C CB  . PRO A 1 123 ? -6.562  9.444   -10.445 1.00 45.05  ? 137 PRO A CB  1 
ATOM   964  C CG  . PRO A 1 123 ? -7.722  9.559   -9.526  1.00 47.08  ? 137 PRO A CG  1 
ATOM   965  C CD  . PRO A 1 123 ? -7.695  10.965  -9.040  1.00 45.47  ? 137 PRO A CD  1 
ATOM   966  N N   . ASN A 1 124 ? -3.533  10.959  -11.281 1.00 45.03  ? 138 ASN A N   1 
ATOM   967  C CA  . ASN A 1 124 ? -2.815  11.370  -12.482 1.00 40.36  ? 138 ASN A CA  1 
ATOM   968  C C   . ASN A 1 124 ? -2.986  10.325  -13.634 1.00 43.07  ? 138 ASN A C   1 
ATOM   969  O O   . ASN A 1 124 ? -2.387  9.251   -13.573 1.00 36.59  ? 138 ASN A O   1 
ATOM   970  C CB  . ASN A 1 124 ? -1.347  11.623  -12.128 1.00 41.01  ? 138 ASN A CB  1 
ATOM   971  C CG  . ASN A 1 124 ? -0.446  11.800  -13.344 1.00 44.61  ? 138 ASN A CG  1 
ATOM   972  O OD1 . ASN A 1 124 ? -0.879  11.754  -14.511 1.00 50.15  ? 138 ASN A OD1 1 
ATOM   973  N ND2 . ASN A 1 124 ? 0.840   11.968  -13.072 1.00 44.15  ? 138 ASN A ND2 1 
ATOM   974  N N   . PRO A 1 125 ? -3.776  10.659  -14.701 1.00 40.34  ? 139 PRO A N   1 
ATOM   975  C CA  . PRO A 1 125 ? -4.145  9.669   -15.724 1.00 41.93  ? 139 PRO A CA  1 
ATOM   976  C C   . PRO A 1 125 ? -2.987  9.069   -16.567 1.00 36.52  ? 139 PRO A C   1 
ATOM   977  O O   . PRO A 1 125 ? -3.162  7.982   -17.155 1.00 38.70  ? 139 PRO A O   1 
ATOM   978  C CB  . PRO A 1 125 ? -5.167  10.419  -16.621 1.00 40.31  ? 139 PRO A CB  1 
ATOM   979  C CG  . PRO A 1 125 ? -4.808  11.846  -16.469 1.00 41.31  ? 139 PRO A CG  1 
ATOM   980  C CD  . PRO A 1 125 ? -4.271  12.013  -15.056 1.00 42.58  ? 139 PRO A CD  1 
ATOM   981  N N   . ALA A 1 126 ? -1.838  9.715   -16.587 1.00 38.65  ? 140 ALA A N   1 
ATOM   982  C CA  . ALA A 1 126 ? -0.664  9.114   -17.249 1.00 43.25  ? 140 ALA A CA  1 
ATOM   983  C C   . ALA A 1 126 ? -0.141  7.881   -16.480 1.00 45.33  ? 140 ALA A C   1 
ATOM   984  O O   . ALA A 1 126 ? 0.550   7.030   -17.049 1.00 46.76  ? 140 ALA A O   1 
ATOM   985  C CB  . ALA A 1 126 ? 0.448   10.150  -17.407 1.00 45.91  ? 140 ALA A CB  1 
ATOM   986  N N   . GLU A 1 127 ? -0.445  7.794   -15.187 1.00 42.10  ? 141 GLU A N   1 
ATOM   987  C CA  . GLU A 1 127 ? 0.090   6.698   -14.328 1.00 41.04  ? 141 GLU A CA  1 
ATOM   988  C C   . GLU A 1 127 ? -0.954  5.834   -13.683 1.00 36.92  ? 141 GLU A C   1 
ATOM   989  O O   . GLU A 1 127 ? -0.707  4.677   -13.477 1.00 30.99  ? 141 GLU A O   1 
ATOM   990  C CB  . GLU A 1 127 ? 0.982   7.299   -13.267 1.00 46.76  ? 141 GLU A CB  1 
ATOM   991  C CG  . GLU A 1 127 ? 2.376   7.558   -13.834 1.00 52.94  ? 141 GLU A CG  1 
ATOM   992  C CD  . GLU A 1 127 ? 3.105   8.636   -13.135 1.00 53.02  ? 141 GLU A CD  1 
ATOM   993  O OE1 . GLU A 1 127 ? 4.149   9.060   -13.673 1.00 66.11  ? 141 GLU A OE1 1 
ATOM   994  O OE2 . GLU A 1 127 ? 2.652   9.060   -12.066 1.00 56.03  ? 141 GLU A OE2 1 
ATOM   995  N N   . VAL A 1 128 ? -2.145  6.389   -13.439 1.00 30.00  ? 142 VAL A N   1 
ATOM   996  C CA  . VAL A 1 128 ? -3.127  5.761   -12.605 1.00 34.14  ? 142 VAL A CA  1 
ATOM   997  C C   . VAL A 1 128 ? -4.484  5.863   -13.332 1.00 31.73  ? 142 VAL A C   1 
ATOM   998  O O   . VAL A 1 128 ? -4.907  6.958   -13.676 1.00 34.21  ? 142 VAL A O   1 
ATOM   999  C CB  . VAL A 1 128 ? -3.151  6.497   -11.228 1.00 35.03  ? 142 VAL A CB  1 
ATOM   1000 C CG1 . VAL A 1 128 ? -4.377  6.128   -10.461 1.00 37.73  ? 142 VAL A CG1 1 
ATOM   1001 C CG2 . VAL A 1 128 ? -1.888  6.166   -10.413 1.00 37.27  ? 142 VAL A CG2 1 
ATOM   1002 N N   . LYS A 1 129 ? -5.121  4.735   -13.583 1.00 34.29  ? 143 LYS A N   1 
ATOM   1003 C CA  . LYS A 1 129 ? -6.470  4.687   -14.187 1.00 39.66  ? 143 LYS A CA  1 
ATOM   1004 C C   . LYS A 1 129 ? -7.622  4.835   -13.177 1.00 40.78  ? 143 LYS A C   1 
ATOM   1005 O O   . LYS A 1 129 ? -8.748  5.251   -13.539 1.00 32.22  ? 143 LYS A O   1 
ATOM   1006 C CB  . LYS A 1 129 ? -6.634  3.370   -14.940 1.00 45.30  ? 143 LYS A CB  1 
ATOM   1007 C CG  . LYS A 1 129 ? -7.996  3.222   -15.562 1.00 57.51  ? 143 LYS A CG  1 
ATOM   1008 C CD  . LYS A 1 129 ? -7.989  2.206   -16.678 1.00 63.62  ? 143 LYS A CD  1 
ATOM   1009 C CE  . LYS A 1 129 ? -7.554  0.857   -16.185 1.00 64.28  ? 143 LYS A CE  1 
ATOM   1010 N NZ  . LYS A 1 129 ? -8.166  -0.136  -17.101 1.00 73.14  ? 143 LYS A NZ  1 
ATOM   1011 N N   . ASP A 1 130 ? -7.382  4.467   -11.916 1.00 33.25  ? 144 ASP A N   1 
ATOM   1012 C CA  . ASP A 1 130 ? -8.446  4.426   -10.913 1.00 32.94  ? 144 ASP A CA  1 
ATOM   1013 C C   . ASP A 1 130 ? -7.737  4.343   -9.531  1.00 35.04  ? 144 ASP A C   1 
ATOM   1014 O O   . ASP A 1 130 ? -6.559  3.934   -9.443  1.00 36.06  ? 144 ASP A O   1 
ATOM   1015 C CB  . ASP A 1 130 ? -9.362  3.209   -11.197 1.00 34.88  ? 144 ASP A CB  1 
ATOM   1016 C CG  . ASP A 1 130 ? -10.664 3.240   -10.446 1.00 35.97  ? 144 ASP A CG  1 
ATOM   1017 O OD1 . ASP A 1 130 ? -10.958 4.238   -9.770  1.00 33.23  ? 144 ASP A OD1 1 
ATOM   1018 O OD2 . ASP A 1 130 ? -11.416 2.231   -10.524 1.00 36.35  ? 144 ASP A OD2 1 
ATOM   1019 N N   . VAL A 1 131 ? -8.430  4.825   -8.516  1.00 30.98  ? 145 VAL A N   1 
ATOM   1020 C CA  . VAL A 1 131 ? -8.062  4.731   -7.075  1.00 34.12  ? 145 VAL A CA  1 
ATOM   1021 C C   . VAL A 1 131 ? -9.288  4.211   -6.328  1.00 35.07  ? 145 VAL A C   1 
ATOM   1022 O O   . VAL A 1 131 ? -10.410 4.602   -6.655  1.00 32.66  ? 145 VAL A O   1 
ATOM   1023 C CB  . VAL A 1 131 ? -7.661  6.124   -6.564  1.00 35.92  ? 145 VAL A CB  1 
ATOM   1024 C CG1 . VAL A 1 131 ? -7.428  6.146   -5.055  1.00 42.30  ? 145 VAL A CG1 1 
ATOM   1025 C CG2 . VAL A 1 131 ? -6.409  6.613   -7.283  1.00 36.92  ? 145 VAL A CG2 1 
ATOM   1026 N N   . PHE A 1 132 ? -9.134  3.269   -5.396  1.00 29.79  ? 146 PHE A N   1 
ATOM   1027 C CA  . PHE A 1 132 ? -10.239 2.770   -4.600  1.00 27.14  ? 146 PHE A CA  1 
ATOM   1028 C C   . PHE A 1 132 ? -9.797  2.347   -3.193  1.00 30.32  ? 146 PHE A C   1 
ATOM   1029 O O   . PHE A 1 132 ? -8.594  2.108   -2.952  1.00 28.70  ? 146 PHE A O   1 
ATOM   1030 C CB  . PHE A 1 132 ? -10.963 1.599   -5.306  1.00 32.61  ? 146 PHE A CB  1 
ATOM   1031 C CG  . PHE A 1 132 ? -10.101 0.345   -5.515  1.00 31.19  ? 146 PHE A CG  1 
ATOM   1032 C CD1 . PHE A 1 132 ? -9.103  0.320   -6.476  1.00 36.59  ? 146 PHE A CD1 1 
ATOM   1033 C CD2 . PHE A 1 132 ? -10.302 -0.794  -4.732  1.00 32.36  ? 146 PHE A CD2 1 
ATOM   1034 C CE1 . PHE A 1 132 ? -8.328  -0.837  -6.674  1.00 36.90  ? 146 PHE A CE1 1 
ATOM   1035 C CE2 . PHE A 1 132 ? -9.529  -1.934  -4.908  1.00 33.52  ? 146 PHE A CE2 1 
ATOM   1036 C CZ  . PHE A 1 132 ? -8.548  -1.960  -5.878  1.00 34.69  ? 146 PHE A CZ  1 
ATOM   1037 N N   . LEU A 1 133 ? -10.763 2.254   -2.278  1.00 28.59  ? 147 LEU A N   1 
ATOM   1038 C CA  . LEU A 1 133 ? -10.496 1.819   -0.906  1.00 29.47  ? 147 LEU A CA  1 
ATOM   1039 C C   . LEU A 1 133 ? -10.997 0.428   -0.702  1.00 32.81  ? 147 LEU A C   1 
ATOM   1040 O O   . LEU A 1 133 ? -12.023 0.068   -1.287  1.00 33.27  ? 147 LEU A O   1 
ATOM   1041 C CB  . LEU A 1 133 ? -11.171 2.738   0.123   1.00 31.76  ? 147 LEU A CB  1 
ATOM   1042 C CG  . LEU A 1 133 ? -10.785 4.217   0.170   1.00 32.55  ? 147 LEU A CG  1 
ATOM   1043 C CD1 . LEU A 1 133 ? -11.553 4.932   1.259   1.00 37.84  ? 147 LEU A CD1 1 
ATOM   1044 C CD2 . LEU A 1 133 ? -9.323  4.425   0.411   1.00 32.16  ? 147 LEU A CD2 1 
ATOM   1045 N N   . VAL A 1 134 ? -10.338 -0.348  0.177   1.00 28.42  ? 148 VAL A N   1 
ATOM   1046 C CA  . VAL A 1 134 ? -10.859 -1.661  0.639   1.00 28.56  ? 148 VAL A CA  1 
ATOM   1047 C C   . VAL A 1 134 ? -10.808 -1.705  2.152   1.00 29.24  ? 148 VAL A C   1 
ATOM   1048 O O   . VAL A 1 134 ? -9.772  -1.418  2.740   1.00 26.54  ? 148 VAL A O   1 
ATOM   1049 C CB  . VAL A 1 134 ? -10.032 -2.881  0.121   1.00 27.52  ? 148 VAL A CB  1 
ATOM   1050 C CG1 . VAL A 1 134 ? -10.592 -4.197  0.596   1.00 27.86  ? 148 VAL A CG1 1 
ATOM   1051 C CG2 . VAL A 1 134 ? -9.938  -2.912  -1.387  1.00 29.56  ? 148 VAL A CG2 1 
ATOM   1052 N N   . PRO A 1 135 ? -11.913 -2.099  2.823   1.00 27.87  ? 149 PRO A N   1 
ATOM   1053 C CA  . PRO A 1 135 ? -11.791 -2.184  4.272   1.00 29.46  ? 149 PRO A CA  1 
ATOM   1054 C C   . PRO A 1 135 ? -10.709 -3.213  4.675   1.00 27.57  ? 149 PRO A C   1 
ATOM   1055 O O   . PRO A 1 135 ? -10.630 -4.283  4.063   1.00 27.80  ? 149 PRO A O   1 
ATOM   1056 C CB  . PRO A 1 135 ? -13.185 -2.656  4.714   1.00 32.37  ? 149 PRO A CB  1 
ATOM   1057 C CG  . PRO A 1 135 ? -14.118 -2.367  3.547   1.00 34.76  ? 149 PRO A CG  1 
ATOM   1058 C CD  . PRO A 1 135 ? -13.250 -2.512  2.339   1.00 34.23  ? 149 PRO A CD  1 
ATOM   1059 N N   . LEU A 1 136 ? -9.898  -2.872  5.680   1.00 26.74  ? 150 LEU A N   1 
ATOM   1060 C CA  . LEU A 1 136 ? -8.796  -3.708  6.097   1.00 28.66  ? 150 LEU A CA  1 
ATOM   1061 C C   . LEU A 1 136 ? -9.278  -5.121  6.503   1.00 30.45  ? 150 LEU A C   1 
ATOM   1062 O O   . LEU A 1 136 ? -8.638  -6.112  6.174   1.00 27.00  ? 150 LEU A O   1 
ATOM   1063 C CB  . LEU A 1 136 ? -7.998  -3.016  7.223   1.00 26.33  ? 150 LEU A CB  1 
ATOM   1064 C CG  . LEU A 1 136 ? -6.657  -3.601  7.631   1.00 27.52  ? 150 LEU A CG  1 
ATOM   1065 C CD1 . LEU A 1 136 ? -5.721  -3.565  6.439   1.00 27.04  ? 150 LEU A CD1 1 
ATOM   1066 C CD2 . LEU A 1 136 ? -6.054  -2.794  8.768   1.00 28.65  ? 150 LEU A CD2 1 
ATOM   1067 N N   . ALA A 1 137 ? -10.413 -5.202  7.214   1.00 29.39  ? 151 ALA A N   1 
ATOM   1068 C CA  . ALA A 1 137 ? -11.011 -6.479  7.595   1.00 29.54  ? 151 ALA A CA  1 
ATOM   1069 C C   . ALA A 1 137 ? -11.335 -7.427  6.452   1.00 28.95  ? 151 ALA A C   1 
ATOM   1070 O O   . ALA A 1 137 ? -11.394 -8.637  6.656   1.00 28.71  ? 151 ALA A O   1 
ATOM   1071 C CB  . ALA A 1 137 ? -12.265 -6.258  8.447   1.00 32.80  ? 151 ALA A CB  1 
ATOM   1072 N N   . TYR A 1 138 ? -11.524 -6.933  5.249   1.00 27.03  ? 152 TYR A N   1 
ATOM   1073 C CA  . TYR A 1 138 ? -11.754 -7.841  4.123   1.00 27.32  ? 152 TYR A CA  1 
ATOM   1074 C C   . TYR A 1 138 ? -10.638 -8.919  3.993   1.00 29.67  ? 152 TYR A C   1 
ATOM   1075 O O   . TYR A 1 138 ? -10.882 -10.077 3.546   1.00 28.85  ? 152 TYR A O   1 
ATOM   1076 C CB  . TYR A 1 138 ? -11.836 -7.047  2.828   1.00 26.58  ? 152 TYR A CB  1 
ATOM   1077 C CG  . TYR A 1 138 ? -11.781 -7.879  1.570   1.00 27.37  ? 152 TYR A CG  1 
ATOM   1078 C CD1 . TYR A 1 138 ? -12.930 -8.454  1.021   1.00 31.04  ? 152 TYR A CD1 1 
ATOM   1079 C CD2 . TYR A 1 138 ? -10.559 -8.129  0.946   1.00 29.66  ? 152 TYR A CD2 1 
ATOM   1080 C CE1 . TYR A 1 138 ? -12.852 -9.254  -0.114  1.00 31.04  ? 152 TYR A CE1 1 
ATOM   1081 C CE2 . TYR A 1 138 ? -10.472 -8.918  -0.181  1.00 32.24  ? 152 TYR A CE2 1 
ATOM   1082 C CZ  . TYR A 1 138 ? -11.610 -9.498  -0.704  1.00 32.41  ? 152 TYR A CZ  1 
ATOM   1083 O OH  . TYR A 1 138 ? -11.479 -10.290 -1.843  1.00 35.34  ? 152 TYR A OH  1 
ATOM   1084 N N   . PHE A 1 139 ? -9.409  -8.486  4.281   1.00 29.52  ? 153 PHE A N   1 
ATOM   1085 C CA  . PHE A 1 139 ? -8.220  -9.329  4.032   1.00 31.51  ? 153 PHE A CA  1 
ATOM   1086 C C   . PHE A 1 139 ? -8.097  -10.495 5.014   1.00 35.83  ? 153 PHE A C   1 
ATOM   1087 O O   . PHE A 1 139 ? -7.302  -11.429 4.771   1.00 34.68  ? 153 PHE A O   1 
ATOM   1088 C CB  . PHE A 1 139 ? -6.950  -8.470  3.929   1.00 27.65  ? 153 PHE A CB  1 
ATOM   1089 C CG  . PHE A 1 139 ? -6.974  -7.552  2.756   1.00 28.31  ? 153 PHE A CG  1 
ATOM   1090 C CD1 . PHE A 1 139 ? -6.791  -8.037  1.472   1.00 28.69  ? 153 PHE A CD1 1 
ATOM   1091 C CD2 . PHE A 1 139 ? -7.323  -6.205  2.899   1.00 27.23  ? 153 PHE A CD2 1 
ATOM   1092 C CE1 . PHE A 1 139 ? -6.878  -7.203  0.376   1.00 28.29  ? 153 PHE A CE1 1 
ATOM   1093 C CE2 . PHE A 1 139 ? -7.414  -5.375  1.806   1.00 25.54  ? 153 PHE A CE2 1 
ATOM   1094 C CZ  . PHE A 1 139 ? -7.169  -5.855  0.535   1.00 27.41  ? 153 PHE A CZ  1 
ATOM   1095 N N   . LEU A 1 140 ? -8.926  -10.492 6.062   1.00 30.11  ? 154 LEU A N   1 
ATOM   1096 C CA  . LEU A 1 140 ? -9.051  -11.651 6.935   1.00 33.94  ? 154 LEU A CA  1 
ATOM   1097 C C   . LEU A 1 140 ? -10.014 -12.714 6.396   1.00 37.17  ? 154 LEU A C   1 
ATOM   1098 O O   . LEU A 1 140 ? -9.943  -13.849 6.817   1.00 38.42  ? 154 LEU A O   1 
ATOM   1099 C CB  . LEU A 1 140 ? -9.520  -11.244 8.328   1.00 33.82  ? 154 LEU A CB  1 
ATOM   1100 C CG  . LEU A 1 140 ? -8.759  -10.152 9.070   1.00 37.66  ? 154 LEU A CG  1 
ATOM   1101 C CD1 . LEU A 1 140 ? -9.409  -9.850  10.403  1.00 41.27  ? 154 LEU A CD1 1 
ATOM   1102 C CD2 . LEU A 1 140 ? -7.322  -10.539 9.268   1.00 34.45  ? 154 LEU A CD2 1 
ATOM   1103 N N   . HIS A 1 141 ? -10.937 -12.352 5.509   1.00 37.28  ? 155 HIS A N   1 
ATOM   1104 C CA  . HIS A 1 141 ? -11.854 -13.322 4.886   1.00 38.98  ? 155 HIS A CA  1 
ATOM   1105 C C   . HIS A 1 141 ? -12.103 -12.929 3.458   1.00 38.34  ? 155 HIS A C   1 
ATOM   1106 O O   . HIS A 1 141 ? -13.221 -12.502 3.101   1.00 38.84  ? 155 HIS A O   1 
ATOM   1107 C CB  . HIS A 1 141 ? -13.192 -13.349 5.620   1.00 39.14  ? 155 HIS A CB  1 
ATOM   1108 C CG  . HIS A 1 141 ? -13.093 -13.850 7.018   1.00 41.62  ? 155 HIS A CG  1 
ATOM   1109 N ND1 . HIS A 1 141 ? -12.914 -15.187 7.315   1.00 43.34  ? 155 HIS A ND1 1 
ATOM   1110 C CD2 . HIS A 1 141 ? -13.095 -13.192 8.201   1.00 43.03  ? 155 HIS A CD2 1 
ATOM   1111 C CE1 . HIS A 1 141 ? -12.832 -15.332 8.626   1.00 45.27  ? 155 HIS A CE1 1 
ATOM   1112 N NE2 . HIS A 1 141 ? -12.935 -14.138 9.189   1.00 45.36  ? 155 HIS A NE2 1 
ATOM   1113 N N   . PRO A 1 142 ? -11.065 -13.032 2.624   1.00 35.83  ? 156 PRO A N   1 
ATOM   1114 C CA  . PRO A 1 142 ? -11.216 -12.588 1.248   1.00 39.24  ? 156 PRO A CA  1 
ATOM   1115 C C   . PRO A 1 142 ? -12.036 -13.578 0.384   1.00 40.96  ? 156 PRO A C   1 
ATOM   1116 O O   . PRO A 1 142 ? -12.209 -14.753 0.753   1.00 43.42  ? 156 PRO A O   1 
ATOM   1117 C CB  . PRO A 1 142 ? -9.748  -12.499 0.767   1.00 41.96  ? 156 PRO A CB  1 
ATOM   1118 C CG  . PRO A 1 142 ? -9.038  -13.537 1.586   1.00 38.14  ? 156 PRO A CG  1 
ATOM   1119 C CD  . PRO A 1 142 ? -9.720  -13.583 2.908   1.00 36.95  ? 156 PRO A CD  1 
ATOM   1120 N N   . GLN A 1 143 ? -12.538 -13.101 -0.736  1.00 38.48  ? 157 GLN A N   1 
ATOM   1121 C CA  . GLN A 1 143 ? -13.114 -13.968 -1.781  1.00 46.39  ? 157 GLN A CA  1 
ATOM   1122 C C   . GLN A 1 143 ? -12.011 -14.382 -2.770  1.00 46.43  ? 157 GLN A C   1 
ATOM   1123 O O   . GLN A 1 143 ? -11.565 -13.563 -3.591  1.00 43.83  ? 157 GLN A O   1 
ATOM   1124 C CB  . GLN A 1 143 ? -14.263 -13.251 -2.501  1.00 49.54  ? 157 GLN A CB  1 
ATOM   1125 C CG  . GLN A 1 143 ? -15.076 -14.145 -3.433  1.00 62.98  ? 157 GLN A CG  1 
ATOM   1126 C CD  . GLN A 1 143 ? -16.126 -13.386 -4.246  1.00 73.01  ? 157 GLN A CD  1 
ATOM   1127 O OE1 . GLN A 1 143 ? -16.481 -12.240 -3.934  1.00 79.33  ? 157 GLN A OE1 1 
ATOM   1128 N NE2 . GLN A 1 143 ? -16.625 -14.028 -5.299  1.00 77.81  ? 157 GLN A NE2 1 
ATOM   1129 N N   . VAL A 1 144 ? -11.597 -15.660 -2.684  1.00 47.87  ? 158 VAL A N   1 
ATOM   1130 C CA  . VAL A 1 144 ? -10.370 -16.172 -3.317  1.00 51.59  ? 158 VAL A CA  1 
ATOM   1131 C C   . VAL A 1 144 ? -10.726 -16.946 -4.587  1.00 55.87  ? 158 VAL A C   1 
ATOM   1132 O O   . VAL A 1 144 ? -11.704 -17.693 -4.600  1.00 57.47  ? 158 VAL A O   1 
ATOM   1133 C CB  . VAL A 1 144 ? -9.562  -17.086 -2.339  1.00 57.74  ? 158 VAL A CB  1 
ATOM   1134 C CG1 . VAL A 1 144 ? -8.405  -17.786 -3.035  1.00 58.60  ? 158 VAL A CG1 1 
ATOM   1135 C CG2 . VAL A 1 144 ? -9.017  -16.294 -1.167  1.00 57.78  ? 158 VAL A CG2 1 
ATOM   1136 N N   . HIS A 1 145 ? -9.918  -16.763 -5.631  1.00 54.51  ? 159 HIS A N   1 
ATOM   1137 C CA  . HIS A 1 145 ? -10.108 -17.384 -6.956  1.00 68.64  ? 159 HIS A CA  1 
ATOM   1138 C C   . HIS A 1 145 ? -8.745  -17.903 -7.414  1.00 70.55  ? 159 HIS A C   1 
ATOM   1139 O O   . HIS A 1 145 ? -7.747  -17.193 -7.308  1.00 65.75  ? 159 HIS A O   1 
ATOM   1140 C CB  . HIS A 1 145 ? -10.665 -16.362 -7.979  1.00 69.20  ? 159 HIS A CB  1 
ATOM   1141 C CG  . HIS A 1 145 ? -12.153 -16.197 -7.919  1.00 85.86  ? 159 HIS A CG  1 
ATOM   1142 N ND1 . HIS A 1 145 ? -12.778 -15.378 -6.998  1.00 91.68  ? 159 HIS A ND1 1 
ATOM   1143 C CD2 . HIS A 1 145 ? -13.146 -16.758 -8.655  1.00 94.35  ? 159 HIS A CD2 1 
ATOM   1144 C CE1 . HIS A 1 145 ? -14.087 -15.437 -7.175  1.00 93.54  ? 159 HIS A CE1 1 
ATOM   1145 N NE2 . HIS A 1 145 ? -14.337 -16.270 -8.171  1.00 95.78  ? 159 HIS A NE2 1 
ATOM   1146 N N   . ASP A 1 146 ? -8.691  -19.137 -7.905  1.00 78.80  ? 160 ASP A N   1 
ATOM   1147 C CA  . ASP A 1 146 ? -7.417  -19.752 -8.300  1.00 82.85  ? 160 ASP A CA  1 
ATOM   1148 C C   . ASP A 1 146 ? -7.209  -19.744 -9.815  1.00 83.08  ? 160 ASP A C   1 
ATOM   1149 O O   . ASP A 1 146 ? -7.950  -20.406 -10.530 1.00 86.86  ? 160 ASP A O   1 
ATOM   1150 C CB  . ASP A 1 146 ? -7.353  -21.168 -7.736  1.00 89.89  ? 160 ASP A CB  1 
ATOM   1151 C CG  . ASP A 1 146 ? -7.240  -21.183 -6.211  1.00 93.35  ? 160 ASP A CG  1 
ATOM   1152 O OD1 . ASP A 1 146 ? -7.405  -20.119 -5.565  1.00 97.22  ? 160 ASP A OD1 1 
ATOM   1153 O OD2 . ASP A 1 146 ? -6.981  -22.264 -5.653  1.00 97.31  ? 160 ASP A OD2 1 
ATOM   1154 N N   . GLN A 1 147 ? -6.205  -18.998 -10.293 1.00 83.10  ? 161 GLN A N   1 
ATOM   1155 C CA  . GLN A 1 147 ? -5.925  -18.878 -11.737 1.00 83.17  ? 161 GLN A CA  1 
ATOM   1156 C C   . GLN A 1 147 ? -5.098  -20.053 -12.255 1.00 83.16  ? 161 GLN A C   1 
ATOM   1157 O O   . GLN A 1 147 ? -4.211  -20.549 -11.561 1.00 79.20  ? 161 GLN A O   1 
ATOM   1158 C CB  . GLN A 1 147 ? -5.199  -17.564 -12.042 1.00 84.95  ? 161 GLN A CB  1 
ATOM   1159 N N   . ILE A 1 158 ? -1.188  -23.391 -9.752  1.00 109.88 ? 172 ILE A N   1 
ATOM   1160 C CA  . ILE A 1 158 ? -2.360  -22.710 -9.198  1.00 111.46 ? 172 ILE A CA  1 
ATOM   1161 C C   . ILE A 1 158 ? -1.912  -21.544 -8.290  1.00 103.60 ? 172 ILE A C   1 
ATOM   1162 O O   . ILE A 1 158 ? -0.982  -21.684 -7.507  1.00 103.11 ? 172 ILE A O   1 
ATOM   1163 C CB  . ILE A 1 158 ? -3.307  -23.730 -8.490  1.00 114.63 ? 172 ILE A CB  1 
ATOM   1164 C CG1 . ILE A 1 158 ? -4.176  -24.491 -9.528  1.00 113.29 ? 172 ILE A CG1 1 
ATOM   1165 C CG2 . ILE A 1 158 ? -4.171  -23.073 -7.411  1.00 116.92 ? 172 ILE A CG2 1 
ATOM   1166 C CD1 . ILE A 1 158 ? -5.130  -23.656 -10.376 1.00 110.04 ? 172 ILE A CD1 1 
ATOM   1167 N N   . ASN A 1 159 ? -2.609  -20.410 -8.401  1.00 99.83  ? 173 ASN A N   1 
ATOM   1168 C CA  . ASN A 1 159 ? -2.158  -19.099 -7.894  1.00 89.41  ? 173 ASN A CA  1 
ATOM   1169 C C   . ASN A 1 159 ? -3.368  -18.284 -7.354  1.00 81.82  ? 173 ASN A C   1 
ATOM   1170 O O   . ASN A 1 159 ? -4.369  -18.106 -8.056  1.00 81.34  ? 173 ASN A O   1 
ATOM   1171 C CB  . ASN A 1 159 ? -1.394  -18.386 -9.039  1.00 88.90  ? 173 ASN A CB  1 
ATOM   1172 C CG  . ASN A 1 159 ? -1.558  -16.873 -9.044  1.00 89.96  ? 173 ASN A CG  1 
ATOM   1173 O OD1 . ASN A 1 159 ? -0.883  -16.151 -8.310  1.00 82.16  ? 173 ASN A OD1 1 
ATOM   1174 N ND2 . ASN A 1 159 ? -2.439  -16.384 -9.916  1.00 94.54  ? 173 ASN A ND2 1 
ATOM   1175 N N   . HIS A 1 160 ? -3.259  -17.802 -6.112  1.00 74.24  ? 174 HIS A N   1 
ATOM   1176 C CA  . HIS A 1 160 ? -4.384  -17.182 -5.378  1.00 70.30  ? 174 HIS A CA  1 
ATOM   1177 C C   . HIS A 1 160 ? -4.617  -15.699 -5.702  1.00 63.40  ? 174 HIS A C   1 
ATOM   1178 O O   . HIS A 1 160 ? -3.724  -14.862 -5.533  1.00 70.68  ? 174 HIS A O   1 
ATOM   1179 C CB  . HIS A 1 160 ? -4.187  -17.314 -3.861  1.00 72.09  ? 174 HIS A CB  1 
ATOM   1180 C CG  . HIS A 1 160 ? -4.032  -18.724 -3.394  1.00 78.53  ? 174 HIS A CG  1 
ATOM   1181 N ND1 . HIS A 1 160 ? -4.805  -19.755 -3.882  1.00 81.09  ? 174 HIS A ND1 1 
ATOM   1182 C CD2 . HIS A 1 160 ? -3.201  -19.274 -2.476  1.00 79.60  ? 174 HIS A CD2 1 
ATOM   1183 C CE1 . HIS A 1 160 ? -4.447  -20.883 -3.294  1.00 83.36  ? 174 HIS A CE1 1 
ATOM   1184 N NE2 . HIS A 1 160 ? -3.478  -20.618 -2.435  1.00 82.47  ? 174 HIS A NE2 1 
ATOM   1185 N N   . ILE A 1 161 ? -5.844  -15.398 -6.117  1.00 55.57  ? 175 ILE A N   1 
ATOM   1186 C CA  . ILE A 1 161 ? -6.282  -14.069 -6.518  1.00 54.13  ? 175 ILE A CA  1 
ATOM   1187 C C   . ILE A 1 161 ? -7.478  -13.692 -5.630  1.00 49.51  ? 175 ILE A C   1 
ATOM   1188 O O   . ILE A 1 161 ? -8.410  -14.490 -5.477  1.00 48.76  ? 175 ILE A O   1 
ATOM   1189 C CB  . ILE A 1 161 ? -6.673  -14.085 -8.020  1.00 54.14  ? 175 ILE A CB  1 
ATOM   1190 C CG1 . ILE A 1 161 ? -5.405  -14.209 -8.875  1.00 61.07  ? 175 ILE A CG1 1 
ATOM   1191 C CG2 . ILE A 1 161 ? -7.468  -12.848 -8.439  1.00 54.43  ? 175 ILE A CG2 1 
ATOM   1192 C CD1 . ILE A 1 161 ? -5.661  -14.596 -10.325 1.00 60.80  ? 175 ILE A CD1 1 
ATOM   1193 N N   . PHE A 1 162 ? -7.455  -12.488 -5.060  1.00 39.90  ? 176 PHE A N   1 
ATOM   1194 C CA  . PHE A 1 162 ? -8.609  -11.947 -4.321  1.00 37.13  ? 176 PHE A CA  1 
ATOM   1195 C C   . PHE A 1 162 ? -9.506  -11.127 -5.256  1.00 35.66  ? 176 PHE A C   1 
ATOM   1196 O O   . PHE A 1 162 ? -8.994  -10.347 -6.028  1.00 35.92  ? 176 PHE A O   1 
ATOM   1197 C CB  . PHE A 1 162 ? -8.157  -11.013 -3.217  1.00 37.40  ? 176 PHE A CB  1 
ATOM   1198 C CG  . PHE A 1 162 ? -7.299  -11.645 -2.170  1.00 37.32  ? 176 PHE A CG  1 
ATOM   1199 C CD1 . PHE A 1 162 ? -7.259  -13.050 -1.954  1.00 41.11  ? 176 PHE A CD1 1 
ATOM   1200 C CD2 . PHE A 1 162 ? -6.541  -10.832 -1.356  1.00 35.83  ? 176 PHE A CD2 1 
ATOM   1201 C CE1 . PHE A 1 162 ? -6.464  -13.573 -0.919  1.00 41.49  ? 176 PHE A CE1 1 
ATOM   1202 C CE2 . PHE A 1 162 ? -5.758  -11.355 -0.350  1.00 35.27  ? 176 PHE A CE2 1 
ATOM   1203 C CZ  . PHE A 1 162 ? -5.728  -12.716 -0.113  1.00 36.95  ? 176 PHE A CZ  1 
ATOM   1204 N N   . GLU A 1 163 ? -10.828 -11.263 -5.119  1.00 35.70  ? 177 GLU A N   1 
ATOM   1205 C CA  . GLU A 1 163 ? -11.807 -10.398 -5.815  1.00 38.53  ? 177 GLU A CA  1 
ATOM   1206 C C   . GLU A 1 163 ? -12.588 -9.567  -4.814  1.00 34.58  ? 177 GLU A C   1 
ATOM   1207 O O   . GLU A 1 163 ? -13.186 -10.095 -3.867  1.00 33.63  ? 177 GLU A O   1 
ATOM   1208 C CB  . GLU A 1 163 ? -12.800 -11.202 -6.648  1.00 46.29  ? 177 GLU A CB  1 
ATOM   1209 C CG  . GLU A 1 163 ? -12.114 -12.061 -7.701  1.00 55.81  ? 177 GLU A CG  1 
ATOM   1210 C CD  . GLU A 1 163 ? -13.007 -12.391 -8.890  1.00 67.80  ? 177 GLU A CD  1 
ATOM   1211 O OE1 . GLU A 1 163 ? -14.258 -12.331 -8.743  1.00 72.00  ? 177 GLU A OE1 1 
ATOM   1212 O OE2 . GLU A 1 163 ? -12.443 -12.706 -9.970  1.00 70.13  ? 177 GLU A OE2 1 
ATOM   1213 N N   . TYR A 1 164 ? -12.586 -8.267  -5.026  1.00 31.15  ? 178 TYR A N   1 
ATOM   1214 C CA  . TYR A 1 164 ? -13.282 -7.342  -4.127  1.00 31.86  ? 178 TYR A CA  1 
ATOM   1215 C C   . TYR A 1 164 ? -14.265 -6.550  -4.961  1.00 30.39  ? 178 TYR A C   1 
ATOM   1216 O O   . TYR A 1 164 ? -13.860 -5.933  -5.978  1.00 33.71  ? 178 TYR A O   1 
ATOM   1217 C CB  . TYR A 1 164 ? -12.312 -6.354  -3.440  1.00 31.87  ? 178 TYR A CB  1 
ATOM   1218 C CG  . TYR A 1 164 ? -13.075 -5.284  -2.666  1.00 31.34  ? 178 TYR A CG  1 
ATOM   1219 C CD1 . TYR A 1 164 ? -13.731 -5.631  -1.510  1.00 35.86  ? 178 TYR A CD1 1 
ATOM   1220 C CD2 . TYR A 1 164 ? -13.235 -3.971  -3.143  1.00 32.12  ? 178 TYR A CD2 1 
ATOM   1221 C CE1 . TYR A 1 164 ? -14.430 -4.699  -0.767  1.00 36.03  ? 178 TYR A CE1 1 
ATOM   1222 C CE2 . TYR A 1 164 ? -13.961 -3.018  -2.403  1.00 32.89  ? 178 TYR A CE2 1 
ATOM   1223 C CZ  . TYR A 1 164 ? -14.579 -3.395  -1.244  1.00 32.92  ? 178 TYR A CZ  1 
ATOM   1224 O OH  . TYR A 1 164 ? -15.402 -2.585  -0.468  1.00 37.84  ? 178 TYR A OH  1 
ATOM   1225 N N   . THR A 1 165 ? -15.515 -6.518  -4.516  1.00 32.96  ? 179 THR A N   1 
ATOM   1226 C CA  . THR A 1 165 ? -16.578 -5.721  -5.168  1.00 34.57  ? 179 THR A CA  1 
ATOM   1227 C C   . THR A 1 165 ? -16.986 -4.516  -4.318  1.00 33.24  ? 179 THR A C   1 
ATOM   1228 O O   . THR A 1 165 ? -17.356 -4.666  -3.155  1.00 33.67  ? 179 THR A O   1 
ATOM   1229 C CB  . THR A 1 165 ? -17.833 -6.592  -5.415  1.00 39.05  ? 179 THR A CB  1 
ATOM   1230 O OG1 . THR A 1 165 ? -17.462 -7.771  -6.135  1.00 37.80  ? 179 THR A OG1 1 
ATOM   1231 C CG2 . THR A 1 165 ? -18.876 -5.806  -6.210  1.00 38.38  ? 179 THR A CG2 1 
ATOM   1232 N N   . ASN A 1 166 ? -16.855 -3.306  -4.860  1.00 29.72  ? 180 ASN A N   1 
ATOM   1233 C CA  . ASN A 1 166 ? -17.200 -2.094  -4.133  1.00 31.74  ? 180 ASN A CA  1 
ATOM   1234 C C   . ASN A 1 166 ? -18.739 -1.987  -4.072  1.00 33.51  ? 180 ASN A C   1 
ATOM   1235 O O   . ASN A 1 166 ? -19.389 -1.910  -5.125  1.00 33.44  ? 180 ASN A O   1 
ATOM   1236 C CB  . ASN A 1 166 ? -16.613 -0.917  -4.894  1.00 33.34  ? 180 ASN A CB  1 
ATOM   1237 C CG  . ASN A 1 166 ? -16.853 0.392   -4.249  1.00 33.18  ? 180 ASN A CG  1 
ATOM   1238 O OD1 . ASN A 1 166 ? -17.544 0.519   -3.251  1.00 36.54  ? 180 ASN A OD1 1 
ATOM   1239 N ND2 . ASN A 1 166 ? -16.255 1.419   -4.840  1.00 35.76  ? 180 ASN A ND2 1 
ATOM   1240 N N   . PRO A 1 167 ? -19.329 -1.989  -2.860  1.00 35.70  ? 181 PRO A N   1 
ATOM   1241 C CA  . PRO A 1 167 ? -20.830 -1.956  -2.745  1.00 36.74  ? 181 PRO A CA  1 
ATOM   1242 C C   . PRO A 1 167 ? -21.441 -0.611  -3.204  1.00 37.35  ? 181 PRO A C   1 
ATOM   1243 O O   . PRO A 1 167 ? -22.612 -0.555  -3.552  1.00 36.73  ? 181 PRO A O   1 
ATOM   1244 C CB  . PRO A 1 167 ? -21.100 -2.202  -1.227  1.00 35.43  ? 181 PRO A CB  1 
ATOM   1245 C CG  . PRO A 1 167 ? -19.832 -1.938  -0.551  1.00 39.44  ? 181 PRO A CG  1 
ATOM   1246 C CD  . PRO A 1 167 ? -18.672 -2.042  -1.533  1.00 36.35  ? 181 PRO A CD  1 
ATOM   1247 N N   . GLU A 1 168 ? -20.636 0.442   -3.241  1.00 35.90  ? 182 GLU A N   1 
ATOM   1248 C CA  . GLU A 1 168 ? -21.049 1.742   -3.818  1.00 42.73  ? 182 GLU A CA  1 
ATOM   1249 C C   . GLU A 1 168 ? -21.531 1.678   -5.276  1.00 43.33  ? 182 GLU A C   1 
ATOM   1250 O O   . GLU A 1 168 ? -22.564 2.306   -5.582  1.00 40.51  ? 182 GLU A O   1 
ATOM   1251 C CB  . GLU A 1 168 ? -19.900 2.759   -3.792  1.00 47.10  ? 182 GLU A CB  1 
ATOM   1252 C CG  . GLU A 1 168 ? -19.579 3.290   -2.408  1.00 54.21  ? 182 GLU A CG  1 
ATOM   1253 C CD  . GLU A 1 168 ? -20.669 4.176   -1.834  1.00 62.31  ? 182 GLU A CD  1 
ATOM   1254 O OE1 . GLU A 1 168 ? -21.133 5.197   -2.494  1.00 52.86  ? 182 GLU A OE1 1 
ATOM   1255 O OE2 . GLU A 1 168 ? -21.044 3.841   -0.693  1.00 68.91  ? 182 GLU A OE2 1 
ATOM   1256 N N   . ASP A 1 169 ? -20.785 0.949   -6.134  1.00 38.31  ? 183 ASP A N   1 
ATOM   1257 C CA  . ASP A 1 169 ? -21.020 0.863   -7.586  1.00 36.43  ? 183 ASP A CA  1 
ATOM   1258 C C   . ASP A 1 169 ? -21.046 -0.533  -8.230  1.00 35.14  ? 183 ASP A C   1 
ATOM   1259 O O   . ASP A 1 169 ? -21.323 -0.673  -9.430  1.00 35.26  ? 183 ASP A O   1 
ATOM   1260 C CB  . ASP A 1 169 ? -20.065 1.783   -8.349  1.00 35.07  ? 183 ASP A CB  1 
ATOM   1261 C CG  . ASP A 1 169 ? -18.582 1.397   -8.179  1.00 44.44  ? 183 ASP A CG  1 
ATOM   1262 O OD1 . ASP A 1 169 ? -18.265 0.311   -7.626  1.00 40.34  ? 183 ASP A OD1 1 
ATOM   1263 O OD2 . ASP A 1 169 ? -17.726 2.194   -8.635  1.00 48.57  ? 183 ASP A OD2 1 
ATOM   1264 N N   . GLY A 1 170 ? -20.804 -1.582  -7.459  1.00 33.65  ? 184 GLY A N   1 
ATOM   1265 C CA  . GLY A 1 170 ? -20.705 -2.970  -8.001  1.00 32.99  ? 184 GLY A CA  1 
ATOM   1266 C C   . GLY A 1 170 ? -19.514 -3.360  -8.858  1.00 35.22  ? 184 GLY A C   1 
ATOM   1267 O O   . GLY A 1 170 ? -19.508 -4.472  -9.474  1.00 32.90  ? 184 GLY A O   1 
ATOM   1268 N N   . VAL A 1 171 ? -18.502 -2.488  -8.907  1.00 34.25  ? 185 VAL A N   1 
ATOM   1269 C CA  . VAL A 1 171 ? -17.287 -2.785  -9.651  1.00 37.09  ? 185 VAL A CA  1 
ATOM   1270 C C   . VAL A 1 171 ? -16.404 -3.780  -8.897  1.00 41.39  ? 185 VAL A C   1 
ATOM   1271 O O   . VAL A 1 171 ? -16.172 -3.625  -7.674  1.00 31.80  ? 185 VAL A O   1 
ATOM   1272 C CB  . VAL A 1 171 ? -16.449 -1.516  -9.941  1.00 39.05  ? 185 VAL A CB  1 
ATOM   1273 C CG1 . VAL A 1 171 ? -15.202 -1.880  -10.748 1.00 40.10  ? 185 VAL A CG1 1 
ATOM   1274 C CG2 . VAL A 1 171 ? -17.275 -0.474  -10.731 1.00 43.90  ? 185 VAL A CG2 1 
ATOM   1275 N N   . THR A 1 172 ? -15.915 -4.764  -9.645  1.00 37.42  ? 186 THR A N   1 
ATOM   1276 C CA  . THR A 1 172 ? -15.018 -5.795  -9.116  1.00 41.94  ? 186 THR A CA  1 
ATOM   1277 C C   . THR A 1 172 ? -13.537 -5.507  -9.477  1.00 40.92  ? 186 THR A C   1 
ATOM   1278 O O   . THR A 1 172 ? -13.207 -5.159  -10.600 1.00 37.97  ? 186 THR A O   1 
ATOM   1279 C CB  . THR A 1 172 ? -15.479 -7.199  -9.553  1.00 43.23  ? 186 THR A CB  1 
ATOM   1280 O OG1 . THR A 1 172 ? -16.842 -7.388  -9.153  1.00 39.44  ? 186 THR A OG1 1 
ATOM   1281 C CG2 . THR A 1 172 ? -14.649 -8.311  -8.855  1.00 44.69  ? 186 THR A CG2 1 
ATOM   1282 N N   . TYR A 1 173 ? -12.658 -5.639  -8.481  1.00 36.56  ? 187 TYR A N   1 
ATOM   1283 C CA  . TYR A 1 173 ? -11.224 -5.524  -8.659  1.00 34.32  ? 187 TYR A CA  1 
ATOM   1284 C C   . TYR A 1 173 ? -10.544 -6.850  -8.255  1.00 37.49  ? 187 TYR A C   1 
ATOM   1285 O O   . TYR A 1 173 ? -10.982 -7.532  -7.306  1.00 35.97  ? 187 TYR A O   1 
ATOM   1286 C CB  . TYR A 1 173 ? -10.678 -4.401  -7.784  1.00 36.75  ? 187 TYR A CB  1 
ATOM   1287 C CG  . TYR A 1 173 ? -11.261 -3.031  -8.043  1.00 37.06  ? 187 TYR A CG  1 
ATOM   1288 C CD1 . TYR A 1 173 ? -10.703 -2.186  -9.002  1.00 37.11  ? 187 TYR A CD1 1 
ATOM   1289 C CD2 . TYR A 1 173 ? -12.407 -2.589  -7.334  1.00 38.59  ? 187 TYR A CD2 1 
ATOM   1290 C CE1 . TYR A 1 173 ? -11.243 -0.929  -9.239  1.00 38.30  ? 187 TYR A CE1 1 
ATOM   1291 C CE2 . TYR A 1 173 ? -12.953 -1.329  -7.541  1.00 41.16  ? 187 TYR A CE2 1 
ATOM   1292 C CZ  . TYR A 1 173 ? -12.380 -0.495  -8.494  1.00 40.88  ? 187 TYR A CZ  1 
ATOM   1293 O OH  . TYR A 1 173 ? -12.930 0.742   -8.695  1.00 39.40  ? 187 TYR A OH  1 
ATOM   1294 N N   . GLN A 1 174 ? -9.490  -7.196  -8.994  1.00 36.59  ? 188 GLN A N   1 
ATOM   1295 C CA  . GLN A 1 174 ? -8.610  -8.334  -8.688  1.00 37.15  ? 188 GLN A CA  1 
ATOM   1296 C C   . GLN A 1 174 ? -7.324  -7.854  -8.009  1.00 36.22  ? 188 GLN A C   1 
ATOM   1297 O O   . GLN A 1 174 ? -6.659  -6.970  -8.519  1.00 32.45  ? 188 GLN A O   1 
ATOM   1298 C CB  . GLN A 1 174 ? -8.236  -9.097  -9.979  1.00 39.92  ? 188 GLN A CB  1 
ATOM   1299 C CG  . GLN A 1 174 ? -9.389  -9.894  -10.581 1.00 46.71  ? 188 GLN A CG  1 
ATOM   1300 C CD  . GLN A 1 174 ? -8.931  -10.800 -11.738 1.00 55.35  ? 188 GLN A CD  1 
ATOM   1301 O OE1 . GLN A 1 174 ? -7.746  -10.819 -12.150 1.00 55.59  ? 188 GLN A OE1 1 
ATOM   1302 N NE2 . GLN A 1 174 ? -9.869  -11.554 -12.264 1.00 61.43  ? 188 GLN A NE2 1 
ATOM   1303 N N   . ILE A 1 175 ? -6.975  -8.463  -6.875  1.00 31.32  ? 189 ILE A N   1 
ATOM   1304 C CA  . ILE A 1 175 ? -5.783  -8.051  -6.140  1.00 32.05  ? 189 ILE A CA  1 
ATOM   1305 C C   . ILE A 1 175 ? -4.928  -9.322  -5.984  1.00 33.76  ? 189 ILE A C   1 
ATOM   1306 O O   . ILE A 1 175 ? -5.442  -10.361 -5.494  1.00 31.37  ? 189 ILE A O   1 
ATOM   1307 C CB  . ILE A 1 175 ? -6.108  -7.470  -4.736  1.00 30.31  ? 189 ILE A CB  1 
ATOM   1308 C CG1 . ILE A 1 175 ? -7.253  -6.424  -4.853  1.00 33.34  ? 189 ILE A CG1 1 
ATOM   1309 C CG2 . ILE A 1 175 ? -4.861  -6.827  -4.109  1.00 30.64  ? 189 ILE A CG2 1 
ATOM   1310 C CD1 . ILE A 1 175 ? -7.672  -5.787  -3.520  1.00 31.80  ? 189 ILE A CD1 1 
ATOM   1311 N N   . LYS A 1 176 ? -3.676  -9.259  -6.421  1.00 33.51  ? 190 LYS A N   1 
ATOM   1312 C CA  . LYS A 1 176 ? -2.835  -10.480 -6.351  1.00 34.93  ? 190 LYS A CA  1 
ATOM   1313 C C   . LYS A 1 176 ? -1.370  -10.180 -6.085  1.00 32.13  ? 190 LYS A C   1 
ATOM   1314 O O   . LYS A 1 176 ? -0.981  -9.019  -5.903  1.00 28.58  ? 190 LYS A O   1 
ATOM   1315 C CB  . LYS A 1 176 ? -3.031  -11.295 -7.631  1.00 40.67  ? 190 LYS A CB  1 
ATOM   1316 C CG  . LYS A 1 176 ? -2.409  -10.665 -8.845  1.00 43.66  ? 190 LYS A CG  1 
ATOM   1317 C CD  . LYS A 1 176 ? -3.077  -11.103 -10.165 1.00 50.45  ? 190 LYS A CD  1 
ATOM   1318 C CE  . LYS A 1 176 ? -2.316  -10.484 -11.337 1.00 56.20  ? 190 LYS A CE  1 
ATOM   1319 N NZ  . LYS A 1 176 ? -2.694  -11.019 -12.681 1.00 63.46  ? 190 LYS A NZ  1 
ATOM   1320 N N   . GLY A 1 177 ? -0.549  -11.234 -5.987  1.00 31.84  ? 191 GLY A N   1 
ATOM   1321 C CA  . GLY A 1 177 ? 0.919   -11.036 -5.890  1.00 29.42  ? 191 GLY A CA  1 
ATOM   1322 C C   . GLY A 1 177 ? 1.401   -10.335 -4.613  1.00 28.26  ? 191 GLY A C   1 
ATOM   1323 O O   . GLY A 1 177 ? 0.801   -10.525 -3.526  1.00 26.19  ? 191 GLY A O   1 
ATOM   1324 N N   . MET A 1 178 ? 2.516   -9.597  -4.730  1.00 25.54  ? 192 MET A N   1 
ATOM   1325 C CA  . MET A 1 178 ? 3.106   -8.903  -3.586  1.00 27.68  ? 192 MET A CA  1 
ATOM   1326 C C   . MET A 1 178 ? 2.077   -7.957  -2.939  1.00 24.90  ? 192 MET A C   1 
ATOM   1327 O O   . MET A 1 178 ? 2.013   -7.846  -1.721  1.00 23.88  ? 192 MET A O   1 
ATOM   1328 C CB  . MET A 1 178 ? 4.294   -8.074  -4.051  1.00 28.55  ? 192 MET A CB  1 
ATOM   1329 C CG  . MET A 1 178 ? 5.090   -7.334  -2.987  1.00 31.18  ? 192 MET A CG  1 
ATOM   1330 S SD  . MET A 1 178 ? 6.311   -6.144  -3.673  1.00 34.42  ? 192 MET A SD  1 
ATOM   1331 C CE  . MET A 1 178 ? 7.224   -7.398  -4.635  1.00 49.78  ? 192 MET A CE  1 
ATOM   1332 N N   . THR A 1 179 ? 1.284   -7.301  -3.777  1.00 25.99  ? 193 THR A N   1 
ATOM   1333 C CA  . THR A 1 179 ? 0.252   -6.376  -3.262  1.00 25.79  ? 193 THR A CA  1 
ATOM   1334 C C   . THR A 1 179 ? -0.696  -7.114  -2.318  1.00 25.52  ? 193 THR A C   1 
ATOM   1335 O O   . THR A 1 179 ? -0.956  -6.655  -1.191  1.00 25.70  ? 193 THR A O   1 
ATOM   1336 C CB  . THR A 1 179 ? -0.505  -5.728  -4.430  1.00 27.30  ? 193 THR A CB  1 
ATOM   1337 O OG1 . THR A 1 179 ? 0.424   -4.981  -5.251  1.00 26.05  ? 193 THR A OG1 1 
ATOM   1338 C CG2 . THR A 1 179 ? -1.608  -4.745  -3.864  1.00 28.81  ? 193 THR A CG2 1 
ATOM   1339 N N   . ALA A 1 180 ? -1.261  -8.240  -2.774  1.00 24.77  ? 194 ALA A N   1 
ATOM   1340 C CA  . ALA A 1 180 ? -2.160  -9.043  -1.916  1.00 24.66  ? 194 ALA A CA  1 
ATOM   1341 C C   . ALA A 1 180 ? -1.467  -9.547  -0.660  1.00 25.45  ? 194 ALA A C   1 
ATOM   1342 O O   . ALA A 1 180 ? -2.065  -9.518  0.453   1.00 25.24  ? 194 ALA A O   1 
ATOM   1343 C CB  . ALA A 1 180 ? -2.827  -10.204 -2.662  1.00 26.73  ? 194 ALA A CB  1 
ATOM   1344 N N   . ASN A 1 181 ? -0.193  -9.968  -0.793  1.00 25.12  ? 195 ASN A N   1 
ATOM   1345 C CA  . ASN A 1 181 ? 0.574   -10.458 0.381   1.00 24.99  ? 195 ASN A CA  1 
ATOM   1346 C C   . ASN A 1 181 ? 0.768   -9.370  1.447   1.00 22.77  ? 195 ASN A C   1 
ATOM   1347 O O   . ASN A 1 181 ? 0.583   -9.636  2.630   1.00 23.20  ? 195 ASN A O   1 
ATOM   1348 C CB  . ASN A 1 181 ? 1.914   -11.122 -0.053  1.00 26.63  ? 195 ASN A CB  1 
ATOM   1349 C CG  . ASN A 1 181 ? 1.691   -12.525 -0.600  1.00 31.30  ? 195 ASN A CG  1 
ATOM   1350 O OD1 . ASN A 1 181 ? 1.858   -13.530 0.130   1.00 45.82  ? 195 ASN A OD1 1 
ATOM   1351 N ND2 . ASN A 1 181 ? 1.235   -12.620 -1.800  1.00 33.14  ? 195 ASN A ND2 1 
ATOM   1352 N N   . LEU A 1 182 ? 1.103   -8.148  1.035   1.00 23.59  ? 196 LEU A N   1 
ATOM   1353 C CA  . LEU A 1 182 ? 1.291   -7.034  1.978   1.00 23.46  ? 196 LEU A CA  1 
ATOM   1354 C C   . LEU A 1 182 ? -0.020  -6.589  2.650   1.00 21.55  ? 196 LEU A C   1 
ATOM   1355 O O   . LEU A 1 182 ? -0.039  -6.216  3.855   1.00 22.55  ? 196 LEU A O   1 
ATOM   1356 C CB  . LEU A 1 182 ? 2.001   -5.860  1.299   1.00 23.86  ? 196 LEU A CB  1 
ATOM   1357 C CG  . LEU A 1 182 ? 3.508   -6.049  0.937   1.00 25.67  ? 196 LEU A CG  1 
ATOM   1358 C CD1 . LEU A 1 182 ? 4.006   -4.951  -0.016  1.00 28.16  ? 196 LEU A CD1 1 
ATOM   1359 C CD2 . LEU A 1 182 ? 4.411   -6.214  2.156   1.00 27.66  ? 196 LEU A CD2 1 
ATOM   1360 N N   . ALA A 1 183 ? -1.110  -6.654  1.880   1.00 24.40  ? 197 ALA A N   1 
ATOM   1361 C CA  . ALA A 1 183 ? -2.446  -6.295  2.445   1.00 26.75  ? 197 ALA A CA  1 
ATOM   1362 C C   . ALA A 1 183 ? -2.793  -7.236  3.600   1.00 24.70  ? 197 ALA A C   1 
ATOM   1363 O O   . ALA A 1 183 ? -3.251  -6.802  4.662   1.00 25.45  ? 197 ALA A O   1 
ATOM   1364 C CB  . ALA A 1 183 ? -3.507  -6.302  1.353   1.00 26.62  ? 197 ALA A CB  1 
ATOM   1365 N N   . VAL A 1 184 ? -2.566  -8.535  3.400   1.00 25.44  ? 198 VAL A N   1 
ATOM   1366 C CA  . VAL A 1 184 ? -2.868  -9.523  4.435   1.00 25.15  ? 198 VAL A CA  1 
ATOM   1367 C C   . VAL A 1 184 ? -1.996  -9.303  5.647   1.00 22.97  ? 198 VAL A C   1 
ATOM   1368 O O   . VAL A 1 184 ? -2.464  -9.307  6.801   1.00 23.33  ? 198 VAL A O   1 
ATOM   1369 C CB  . VAL A 1 184 ? -2.732  -10.985 3.881   1.00 25.40  ? 198 VAL A CB  1 
ATOM   1370 C CG1 . VAL A 1 184 ? -2.724  -12.000 5.024   1.00 27.02  ? 198 VAL A CG1 1 
ATOM   1371 C CG2 . VAL A 1 184 ? -3.821  -11.290 2.886   1.00 28.52  ? 198 VAL A CG2 1 
ATOM   1372 N N   . LEU A 1 185 ? -0.709  -9.038  5.422   1.00 24.12  ? 199 LEU A N   1 
ATOM   1373 C CA  . LEU A 1 185 ? 0.196   -8.766  6.531   1.00 22.36  ? 199 LEU A CA  1 
ATOM   1374 C C   . LEU A 1 185 ? -0.250  -7.591  7.457   1.00 23.06  ? 199 LEU A C   1 
ATOM   1375 O O   . LEU A 1 185 ? -0.276  -7.725  8.668   1.00 23.06  ? 199 LEU A O   1 
ATOM   1376 C CB  . LEU A 1 185 ? 1.624   -8.511  6.017   1.00 23.78  ? 199 LEU A CB  1 
ATOM   1377 C CG  . LEU A 1 185 ? 2.687   -8.035  7.026   1.00 26.25  ? 199 LEU A CG  1 
ATOM   1378 C CD1 . LEU A 1 185 ? 2.978   -9.048  8.136   1.00 26.17  ? 199 LEU A CD1 1 
ATOM   1379 C CD2 . LEU A 1 185 ? 3.961   -7.665  6.289   1.00 28.56  ? 199 LEU A CD2 1 
ATOM   1380 N N   . VAL A 1 186 ? -0.563  -6.450  6.846   1.00 22.42  ? 200 VAL A N   1 
ATOM   1381 C CA  . VAL A 1 186 ? -1.056  -5.286  7.570   1.00 23.56  ? 200 VAL A CA  1 
ATOM   1382 C C   . VAL A 1 186 ? -2.365  -5.613  8.359   1.00 21.08  ? 200 VAL A C   1 
ATOM   1383 O O   . VAL A 1 186 ? -2.484  -5.242  9.497   1.00 23.41  ? 200 VAL A O   1 
ATOM   1384 C CB  . VAL A 1 186 ? -1.252  -4.091  6.585   1.00 25.79  ? 200 VAL A CB  1 
ATOM   1385 C CG1 . VAL A 1 186 ? -1.904  -2.923  7.287   1.00 30.99  ? 200 VAL A CG1 1 
ATOM   1386 C CG2 . VAL A 1 186 ? 0.104   -3.634  6.120   1.00 27.72  ? 200 VAL A CG2 1 
ATOM   1387 N N   . ALA A 1 187 ? -3.307  -6.305  7.724   1.00 23.96  ? 201 ALA A N   1 
ATOM   1388 C CA  . ALA A 1 187 ? -4.569  -6.714  8.396   1.00 26.51  ? 201 ALA A CA  1 
ATOM   1389 C C   . ALA A 1 187 ? -4.266  -7.577  9.675   1.00 25.57  ? 201 ALA A C   1 
ATOM   1390 O O   . ALA A 1 187 ? -4.846  -7.374  10.792  1.00 24.21  ? 201 ALA A O   1 
ATOM   1391 C CB  . ALA A 1 187 ? -5.433  -7.467  7.404   1.00 26.99  ? 201 ALA A CB  1 
ATOM   1392 N N   . PHE A 1 188 ? -3.367  -8.553  9.533   1.00 25.95  ? 202 PHE A N   1 
ATOM   1393 C CA  . PHE A 1 188 ? -2.979  -9.364  10.687  1.00 25.17  ? 202 PHE A CA  1 
ATOM   1394 C C   . PHE A 1 188 ? -2.369  -8.525  11.821  1.00 25.49  ? 202 PHE A C   1 
ATOM   1395 O O   . PHE A 1 188 ? -2.727  -8.692  13.001  1.00 25.50  ? 202 PHE A O   1 
ATOM   1396 C CB  . PHE A 1 188 ? -1.979  -10.498 10.331  1.00 26.39  ? 202 PHE A CB  1 
ATOM   1397 C CG  . PHE A 1 188 ? -2.523  -11.665 9.543   1.00 26.36  ? 202 PHE A CG  1 
ATOM   1398 C CD1 . PHE A 1 188 ? -3.879  -11.958 9.400   1.00 27.99  ? 202 PHE A CD1 1 
ATOM   1399 C CD2 . PHE A 1 188 ? -1.604  -12.562 8.976   1.00 29.09  ? 202 PHE A CD2 1 
ATOM   1400 C CE1 . PHE A 1 188 ? -4.313  -13.075 8.679   1.00 30.60  ? 202 PHE A CE1 1 
ATOM   1401 C CE2 . PHE A 1 188 ? -2.034  -13.688 8.268   1.00 29.41  ? 202 PHE A CE2 1 
ATOM   1402 C CZ  . PHE A 1 188 ? -3.398  -13.950 8.118   1.00 28.51  ? 202 PHE A CZ  1 
ATOM   1403 N N   . ILE A 1 189 ? -1.419  -7.643  11.486  1.00 23.69  ? 203 ILE A N   1 
ATOM   1404 C CA  . ILE A 1 189 ? -0.749  -6.832  12.480  1.00 22.75  ? 203 ILE A CA  1 
ATOM   1405 C C   . ILE A 1 189 ? -1.736  -6.006  13.313  1.00 23.53  ? 203 ILE A C   1 
ATOM   1406 O O   . ILE A 1 189 ? -1.612  -5.921  14.537  1.00 22.38  ? 203 ILE A O   1 
ATOM   1407 C CB  . ILE A 1 189 ? 0.300   -5.889  11.820  1.00 22.09  ? 203 ILE A CB  1 
ATOM   1408 C CG1 . ILE A 1 189 ? 1.516   -6.726  11.358  1.00 25.42  ? 203 ILE A CG1 1 
ATOM   1409 C CG2 . ILE A 1 189 ? 0.799   -4.834  12.774  1.00 23.11  ? 203 ILE A CG2 1 
ATOM   1410 C CD1 . ILE A 1 189 ? 2.533   -5.972  10.499  1.00 25.87  ? 203 ILE A CD1 1 
ATOM   1411 N N   . ILE A 1 190 ? -2.668  -5.362  12.611  1.00 23.61  ? 204 ILE A N   1 
ATOM   1412 C CA  . ILE A 1 190 ? -3.540  -4.342  13.219  1.00 25.44  ? 204 ILE A CA  1 
ATOM   1413 C C   . ILE A 1 190 ? -4.787  -4.987  13.868  1.00 24.71  ? 204 ILE A C   1 
ATOM   1414 O O   . ILE A 1 190 ? -5.246  -4.517  14.907  1.00 26.44  ? 204 ILE A O   1 
ATOM   1415 C CB  . ILE A 1 190 ? -3.957  -3.267  12.162  1.00 26.97  ? 204 ILE A CB  1 
ATOM   1416 C CG1 . ILE A 1 190 ? -2.700  -2.459  11.738  1.00 26.01  ? 204 ILE A CG1 1 
ATOM   1417 C CG2 . ILE A 1 190 ? -5.100  -2.372  12.700  1.00 27.40  ? 204 ILE A CG2 1 
ATOM   1418 C CD1 . ILE A 1 190 ? -2.928  -1.466  10.634  1.00 28.89  ? 204 ILE A CD1 1 
ATOM   1419 N N   . LEU A 1 191 ? -5.328  -6.031  13.254  1.00 24.59  ? 205 LEU A N   1 
ATOM   1420 C CA  . LEU A 1 191 ? -6.628  -6.597  13.662  1.00 26.31  ? 205 LEU A CA  1 
ATOM   1421 C C   . LEU A 1 191 ? -6.563  -7.898  14.510  1.00 30.88  ? 205 LEU A C   1 
ATOM   1422 O O   . LEU A 1 191 ? -7.563  -8.283  15.124  1.00 28.19  ? 205 LEU A O   1 
ATOM   1423 C CB  . LEU A 1 191 ? -7.488  -6.809  12.448  1.00 25.74  ? 205 LEU A CB  1 
ATOM   1424 C CG  . LEU A 1 191 ? -7.790  -5.486  11.680  1.00 28.31  ? 205 LEU A CG  1 
ATOM   1425 C CD1 . LEU A 1 191 ? -8.645  -5.775  10.480  1.00 26.89  ? 205 LEU A CD1 1 
ATOM   1426 C CD2 . LEU A 1 191 ? -8.440  -4.417  12.547  1.00 29.02  ? 205 LEU A CD2 1 
ATOM   1427 N N   . GLU A 1 192 ? -5.448  -8.634  14.496  1.00 27.86  ? 206 GLU A N   1 
ATOM   1428 C CA  . GLU A 1 192 ? -5.433  -9.877  15.317  1.00 33.65  ? 206 GLU A CA  1 
ATOM   1429 C C   . GLU A 1 192 ? -5.678  -9.589  16.809  1.00 32.47  ? 206 GLU A C   1 
ATOM   1430 O O   . GLU A 1 192 ? -5.280  -8.548  17.355  1.00 33.71  ? 206 GLU A O   1 
ATOM   1431 C CB  . GLU A 1 192 ? -4.126  -10.654 15.184  1.00 34.29  ? 206 GLU A CB  1 
ATOM   1432 C CG  . GLU A 1 192 ? -3.000  -10.003 15.942  1.00 34.51  ? 206 GLU A CG  1 
ATOM   1433 C CD  . GLU A 1 192 ? -1.653  -10.737 15.850  1.00 45.22  ? 206 GLU A CD  1 
ATOM   1434 O OE1 . GLU A 1 192 ? -1.646  -11.954 15.545  1.00 42.19  ? 206 GLU A OE1 1 
ATOM   1435 O OE2 . GLU A 1 192 ? -0.612  -10.070 16.120  1.00 49.08  ? 206 GLU A OE2 1 
ATOM   1436 N N   . LYS A 1 193 ? -6.333  -10.546 17.474  1.00 39.15  ? 207 LYS A N   1 
ATOM   1437 C CA  . LYS A 1 193 ? -6.491  -10.518 18.931  1.00 40.68  ? 207 LYS A CA  1 
ATOM   1438 C C   . LYS A 1 193 ? -7.058  -9.220  19.458  1.00 41.58  ? 207 LYS A C   1 
ATOM   1439 O O   . LYS A 1 193 ? -6.397  -8.534  20.203  1.00 42.14  ? 207 LYS A O   1 
ATOM   1440 C CB  . LYS A 1 193 ? -5.167  -10.851 19.616  1.00 50.46  ? 207 LYS A CB  1 
ATOM   1441 C CG  . LYS A 1 193 ? -4.685  -12.268 19.303  1.00 55.52  ? 207 LYS A CG  1 
ATOM   1442 C CD  . LYS A 1 193 ? -3.363  -12.538 20.024  1.00 67.18  ? 207 LYS A CD  1 
ATOM   1443 C CE  . LYS A 1 193 ? -2.420  -13.439 19.224  1.00 72.34  ? 207 LYS A CE  1 
ATOM   1444 N NZ  . LYS A 1 193 ? -1.004  -13.264 19.678  1.00 77.90  ? 207 LYS A NZ  1 
ATOM   1445 N N   . LYS A 1 194 ? -8.281  -8.888  19.040  1.00 42.77  ? 208 LYS A N   1 
ATOM   1446 C CA  . LYS A 1 194 ? -8.972  -7.639  19.447  1.00 56.22  ? 208 LYS A CA  1 
ATOM   1447 C C   . LYS A 1 194 ? -10.332 -7.949  20.081  1.00 49.72  ? 208 LYS A C   1 
ATOM   1448 O O   . LYS A 1 194 ? -11.168 -8.620  19.439  1.00 43.02  ? 208 LYS A O   1 
ATOM   1449 C CB  . LYS A 1 194 ? -9.229  -6.739  18.237  1.00 60.23  ? 208 LYS A CB  1 
ATOM   1450 C CG  . LYS A 1 194 ? -7.960  -6.219  17.577  1.00 72.95  ? 208 LYS A CG  1 
ATOM   1451 C CD  . LYS A 1 194 ? -7.604  -4.808  18.014  1.00 76.56  ? 208 LYS A CD  1 
ATOM   1452 C CE  . LYS A 1 194 ? -8.462  -3.801  17.273  1.00 76.55  ? 208 LYS A CE  1 
ATOM   1453 N NZ  . LYS A 1 194 ? -8.021  -2.410  17.479  1.00 77.54  ? 208 LYS A NZ  1 
ATOM   1454 N N   . PRO A 1 195 ? -10.578 -7.429  21.306  1.00 59.02  ? 209 PRO A N   1 
ATOM   1455 C CA  . PRO A 1 195 ? -11.959 -7.459  21.856  1.00 64.61  ? 209 PRO A CA  1 
ATOM   1456 C C   . PRO A 1 195 ? -12.944 -6.704  20.927  1.00 65.79  ? 209 PRO A C   1 
ATOM   1457 O O   . PRO A 1 195 ? -12.519 -5.752  20.273  1.00 71.50  ? 209 PRO A O   1 
ATOM   1458 C CB  . PRO A 1 195 ? -11.820 -6.755  23.219  1.00 66.01  ? 209 PRO A CB  1 
ATOM   1459 C CG  . PRO A 1 195 ? -10.351 -6.741  23.538  1.00 67.62  ? 209 PRO A CG  1 
ATOM   1460 C CD  . PRO A 1 195 ? -9.629  -6.751  22.218  1.00 62.36  ? 209 PRO A CD  1 
ATOM   1461 N N   . THR A 1 196 ? -14.214 -7.121  20.852  1.00 64.39  ? 210 THR A N   1 
ATOM   1462 C CA  . THR A 1 196 ? -15.191 -6.527  19.897  1.00 67.49  ? 210 THR A CA  1 
ATOM   1463 C C   . THR A 1 196 ? -16.036 -5.339  20.442  1.00 70.68  ? 210 THR A C   1 
ATOM   1464 O O   . THR A 1 196 ? -15.907 -4.918  21.599  1.00 65.12  ? 210 THR A O   1 
ATOM   1465 C CB  . THR A 1 196 ? -16.143 -7.612  19.342  1.00 70.33  ? 210 THR A CB  1 
ATOM   1466 O OG1 . THR A 1 196 ? -16.758 -8.321  20.425  1.00 67.35  ? 210 THR A OG1 1 
ATOM   1467 C CG2 . THR A 1 196 ? -15.376 -8.618  18.484  1.00 71.55  ? 210 THR A CG2 1 
HETATM 1468 C C   . ACT B 2 .   ? -8.159  -5.226  -11.979 1.00 67.07  ? 301 ACT A C   1 
HETATM 1469 O O   . ACT B 2 .   ? -8.068  -3.997  -11.757 1.00 67.45  ? 301 ACT A O   1 
HETATM 1470 O OXT . ACT B 2 .   ? -9.146  -5.862  -11.554 1.00 53.20  ? 301 ACT A OXT 1 
HETATM 1471 C CH3 . ACT B 2 .   ? -7.069  -5.935  -12.758 1.00 66.91  ? 301 ACT A CH3 1 
HETATM 1472 C C   . ACT C 2 .   ? 2.437   14.307  9.351   1.00 77.97  ? 302 ACT A C   1 
HETATM 1473 O O   . ACT C 2 .   ? 2.880   14.748  8.268   1.00 76.90  ? 302 ACT A O   1 
HETATM 1474 O OXT . ACT C 2 .   ? 1.199   14.210  9.540   1.00 78.51  ? 302 ACT A OXT 1 
HETATM 1475 C CH3 . ACT C 2 .   ? 3.404   13.889  10.430  1.00 75.66  ? 302 ACT A CH3 1 
HETATM 1476 S S   . DMS D 3 .   ? -5.744  16.885  -2.046  1.00 77.64  ? 303 DMS A S   1 
HETATM 1477 O O   . DMS D 3 .   ? -6.537  16.367  -0.864  1.00 42.95  ? 303 DMS A O   1 
HETATM 1478 C C1  . DMS D 3 .   ? -4.132  17.314  -1.635  1.00 62.87  ? 303 DMS A C1  1 
HETATM 1479 C C2  . DMS D 3 .   ? -5.310  15.699  -3.223  1.00 70.28  ? 303 DMS A C2  1 
HETATM 1480 S S   . DMS E 3 .   ? -6.134  13.596  10.965  1.00 82.03  ? 304 DMS A S   1 
HETATM 1481 O O   . DMS E 3 .   ? -6.993  12.863  9.963   1.00 49.37  ? 304 DMS A O   1 
HETATM 1482 C C1  . DMS E 3 .   ? -6.945  14.911  11.691  1.00 70.91  ? 304 DMS A C1  1 
HETATM 1483 C C2  . DMS E 3 .   ? -5.873  12.669  12.386  1.00 80.70  ? 304 DMS A C2  1 
HETATM 1484 N N1  . B0V F 4 .   ? 6.000   2.362   -10.715 0.47 35.68  ? 305 B0V A N1  1 
HETATM 1485 C C4  . B0V F 4 .   ? 4.136   1.977   -9.203  0.47 40.33  ? 305 B0V A C4  1 
HETATM 1486 C C5  . B0V F 4 .   ? 4.641   2.604   -10.347 0.47 38.87  ? 305 B0V A C5  1 
HETATM 1487 C C6  . B0V F 4 .   ? 3.833   3.422   -11.152 0.47 39.83  ? 305 B0V A C6  1 
HETATM 1488 C C7  . B0V F 4 .   ? 2.507   3.621   -10.766 0.47 37.91  ? 305 B0V A C7  1 
HETATM 1489 C C8  . B0V F 4 .   ? 4.356   4.102   -12.389 0.47 38.74  ? 305 B0V A C8  1 
HETATM 1490 C C10 . B0V F 4 .   ? 8.078   1.103   -10.751 0.47 33.71  ? 305 B0V A C10 1 
HETATM 1491 C C1  . B0V F 4 .   ? 0.540   3.254   -9.214  0.47 28.11  ? 305 B0V A C1  1 
HETATM 1492 C C2  . B0V F 4 .   ? 1.977   3.027   -9.629  0.47 37.34  ? 305 B0V A C2  1 
HETATM 1493 C C3  . B0V F 4 .   ? 2.810   2.220   -8.867  0.47 35.03  ? 305 B0V A C3  1 
HETATM 1494 C C9  . B0V F 4 .   ? 6.576   1.142   -10.723 0.47 34.42  ? 305 B0V A C9  1 
HETATM 1495 O O1  . B0V F 4 .   ? 5.972   0.078   -10.690 0.47 36.16  ? 305 B0V A O1  1 
HETATM 1496 O O2  . B0V F 4 .   ? 8.653   2.263   -11.294 0.47 37.26  ? 305 B0V A O2  1 
HETATM 1497 C C11 . B0V F 4 .   ? 9.318   2.010   -12.532 0.47 36.93  ? 305 B0V A C11 1 
HETATM 1498 C C12 . B0V F 4 .   ? 4.981   1.078   -8.327  0.47 40.10  ? 305 B0V A C12 1 
HETATM 1499 O O   . HOH G 5 .   ? -2.987  14.162  -8.853  1.00 60.59  ? 401 HOH A O   1 
HETATM 1500 O O   . HOH G 5 .   ? -2.817  -13.842 15.654  1.00 46.75  ? 402 HOH A O   1 
HETATM 1501 O O   . HOH G 5 .   ? 21.386  -2.262  5.310   1.00 34.97  ? 403 HOH A O   1 
HETATM 1502 O O   . HOH G 5 .   ? 9.486   4.458   -10.896 1.00 44.54  ? 404 HOH A O   1 
HETATM 1503 O O   . HOH G 5 .   ? 18.836  -10.801 -3.146  1.00 29.07  ? 405 HOH A O   1 
HETATM 1504 O O   . HOH G 5 .   ? 19.345  0.891   -9.999  1.00 47.06  ? 406 HOH A O   1 
HETATM 1505 O O   . HOH G 5 .   ? -5.035  17.209  10.076  1.00 58.11  ? 407 HOH A O   1 
HETATM 1506 O O   . HOH G 5 .   ? -1.104  -17.390 -4.799  1.00 64.11  ? 408 HOH A O   1 
HETATM 1507 O O   . HOH G 5 .   ? -7.015  9.021   17.740  1.00 47.31  ? 409 HOH A O   1 
HETATM 1508 O O   . HOH G 5 .   ? -8.782  -0.077  18.220  1.00 63.95  ? 410 HOH A O   1 
HETATM 1509 O O   . HOH G 5 .   ? -11.193 0.586   -12.481 1.00 61.17  ? 411 HOH A O   1 
HETATM 1510 O O   . HOH G 5 .   ? -21.379 -6.212  -9.074  1.00 55.04  ? 412 HOH A O   1 
HETATM 1511 O O   . HOH G 5 .   ? -16.068 -9.990  -5.178  1.00 51.40  ? 413 HOH A O   1 
HETATM 1512 O O   . HOH G 5 .   ? -1.285  -14.016 -5.882  1.00 46.82  ? 414 HOH A O   1 
HETATM 1513 O O   . HOH G 5 .   ? -18.327 -5.629  -11.488 1.00 81.49  ? 415 HOH A O   1 
HETATM 1514 O O   . HOH G 5 .   ? -9.274  -15.153 8.979   1.00 74.19  ? 416 HOH A O   1 
HETATM 1515 O O   . HOH G 5 .   ? 25.760  -0.643  -0.581  1.00 57.72  ? 417 HOH A O   1 
HETATM 1516 O O   . HOH G 5 .   ? -7.069  18.026  7.787   1.00 41.39  ? 418 HOH A O   1 
HETATM 1517 O O   . HOH G 5 .   ? -7.058  0.120   15.309  1.00 41.79  ? 419 HOH A O   1 
HETATM 1518 O O   . HOH G 5 .   ? -12.967 -16.868 5.302   1.00 54.14  ? 420 HOH A O   1 
HETATM 1519 O O   . HOH G 5 .   ? 12.472  9.713   6.762   1.00 70.29  ? 421 HOH A O   1 
HETATM 1520 O O   . HOH G 5 .   ? 17.782  4.209   -8.124  1.00 57.79  ? 422 HOH A O   1 
HETATM 1521 O O   . HOH G 5 .   ? 0.101   4.928   19.488  1.00 44.37  ? 423 HOH A O   1 
HETATM 1522 O O   . HOH G 5 .   ? -5.210  6.299   -17.247 1.00 49.71  ? 424 HOH A O   1 
HETATM 1523 O O   . HOH G 5 .   ? -0.015  -7.480  16.199  1.00 32.14  ? 425 HOH A O   1 
HETATM 1524 O O   . HOH G 5 .   ? -12.045 -8.009  17.000  1.00 41.40  ? 426 HOH A O   1 
HETATM 1525 O O   . HOH G 5 .   ? 14.943  1.040   3.893   1.00 55.84  ? 427 HOH A O   1 
HETATM 1526 O O   . HOH G 5 .   ? -4.296  14.224  -11.947 1.00 81.59  ? 428 HOH A O   1 
HETATM 1527 O O   . HOH G 5 .   ? -15.180 1.564   -7.480  1.00 50.80  ? 429 HOH A O   1 
HETATM 1528 O O   . HOH G 5 .   ? 6.315   5.652   14.544  1.00 52.37  ? 430 HOH A O   1 
HETATM 1529 O O   . HOH G 5 .   ? 4.357   0.086   20.059  1.00 44.51  ? 431 HOH A O   1 
HETATM 1530 O O   . HOH G 5 .   ? 21.926  0.429   -4.424  1.00 34.39  ? 432 HOH A O   1 
HETATM 1531 O O   . HOH G 5 .   ? -2.458  -6.943  -7.957  1.00 30.01  ? 433 HOH A O   1 
HETATM 1532 O O   . HOH G 5 .   ? -2.326  6.669   -19.383 1.00 56.65  ? 434 HOH A O   1 
HETATM 1533 O O   . HOH G 5 .   ? 13.721  2.249   -2.129  1.00 28.74  ? 435 HOH A O   1 
HETATM 1534 O O   . HOH G 5 .   ? 3.338   4.666   -20.265 1.00 102.90 ? 436 HOH A O   1 
HETATM 1535 O O   . HOH G 5 .   ? -11.363 -7.210  -12.347 1.00 65.37  ? 437 HOH A O   1 
HETATM 1536 O O   . HOH G 5 .   ? -12.079 18.171  3.418   1.00 73.54  ? 438 HOH A O   1 
HETATM 1537 O O   . HOH G 5 .   ? 1.846   -14.393 2.704   1.00 34.73  ? 439 HOH A O   1 
HETATM 1538 O O   . HOH G 5 .   ? 15.402  -1.281  6.088   1.00 38.26  ? 440 HOH A O   1 
HETATM 1539 O O   . HOH G 5 .   ? 11.204  2.997   9.895   1.00 49.76  ? 441 HOH A O   1 
HETATM 1540 O O   . HOH G 5 .   ? 1.486   -6.984  -6.747  1.00 27.95  ? 442 HOH A O   1 
HETATM 1541 O O   . HOH G 5 .   ? 12.632  13.591  -8.950  1.00 36.89  ? 443 HOH A O   1 
HETATM 1542 O O   . HOH G 5 .   ? -13.881 0.462   -3.250  1.00 56.49  ? 444 HOH A O   1 
HETATM 1543 O O   . HOH G 5 .   ? 9.444   -11.847 -3.750  1.00 59.77  ? 445 HOH A O   1 
HETATM 1544 O O   . HOH G 5 .   ? -13.372 -9.747  8.191   1.00 46.82  ? 446 HOH A O   1 
HETATM 1545 O O   . HOH G 5 .   ? -1.736  17.685  -4.566  1.00 51.18  ? 447 HOH A O   1 
HETATM 1546 O O   . HOH G 5 .   ? -7.135  8.523   -14.053 1.00 37.51  ? 448 HOH A O   1 
HETATM 1547 O O   . HOH G 5 .   ? -14.787 -10.326 3.720   1.00 46.67  ? 449 HOH A O   1 
HETATM 1548 O O   . HOH G 5 .   ? 12.351  12.982  -2.492  1.00 35.03  ? 450 HOH A O   1 
HETATM 1549 O O   . HOH G 5 .   ? -11.347 4.959   18.272  1.00 41.93  ? 451 HOH A O   1 
HETATM 1550 O O   . HOH G 5 .   ? -6.490  -14.026 5.247   1.00 36.41  ? 452 HOH A O   1 
HETATM 1551 O O   . HOH G 5 .   ? -8.135  8.761   7.731   1.00 36.39  ? 453 HOH A O   1 
HETATM 1552 O O   . HOH G 5 .   ? -1.380  11.388  11.766  1.00 41.57  ? 454 HOH A O   1 
HETATM 1553 O O   . HOH G 5 .   ? 9.133   -5.534  18.398  1.00 53.72  ? 455 HOH A O   1 
HETATM 1554 O O   . HOH G 5 .   ? 12.613  14.874  -4.395  1.00 39.19  ? 456 HOH A O   1 
HETATM 1555 O O   . HOH G 5 .   ? 12.185  1.242   -13.152 1.00 69.75  ? 457 HOH A O   1 
HETATM 1556 O O   . HOH G 5 .   ? 18.705  8.772   -3.271  1.00 30.89  ? 458 HOH A O   1 
HETATM 1557 O O   . HOH G 5 .   ? -4.439  -6.769  -10.227 1.00 41.34  ? 459 HOH A O   1 
HETATM 1558 O O   . HOH G 5 .   ? 2.074   -2.604  -4.581  1.00 31.99  ? 460 HOH A O   1 
HETATM 1559 O O   . HOH G 5 .   ? -5.336  -2.123  16.376  1.00 36.61  ? 461 HOH A O   1 
HETATM 1560 O O   . HOH G 5 .   ? 3.369   12.143  -0.362  1.00 36.57  ? 462 HOH A O   1 
HETATM 1561 O O   . HOH G 5 .   ? 14.400  -0.341  -1.394  1.00 25.95  ? 463 HOH A O   1 
HETATM 1562 O O   . HOH G 5 .   ? -19.021 4.118   -10.239 1.00 45.04  ? 464 HOH A O   1 
HETATM 1563 O O   . HOH G 5 .   ? -1.193  13.509  -16.700 1.00 59.12  ? 465 HOH A O   1 
HETATM 1564 O O   . HOH G 5 .   ? 18.956  4.321   2.221   1.00 53.13  ? 466 HOH A O   1 
HETATM 1565 O O   . HOH G 5 .   ? -2.060  11.748  8.855   1.00 36.41  ? 467 HOH A O   1 
HETATM 1566 O O   . HOH G 5 .   ? 11.418  -11.402 0.010   1.00 37.71  ? 468 HOH A O   1 
HETATM 1567 O O   . HOH G 5 .   ? 7.096   5.348   -11.106 1.00 49.72  ? 469 HOH A O   1 
HETATM 1568 O O   . HOH G 5 .   ? -9.012  10.611  3.105   1.00 55.58  ? 470 HOH A O   1 
HETATM 1569 O O   . HOH G 5 .   ? 12.031  -13.137 -7.677  1.00 55.07  ? 471 HOH A O   1 
HETATM 1570 O O   . HOH G 5 .   ? 12.190  11.215  4.434   1.00 43.80  ? 472 HOH A O   1 
HETATM 1571 O O   . HOH G 5 .   ? 5.187   13.056  5.882   1.00 40.22  ? 473 HOH A O   1 
HETATM 1572 O O   . HOH G 5 .   ? -12.352 -11.096 20.254  1.00 34.81  ? 474 HOH A O   1 
HETATM 1573 O O   . HOH G 5 .   ? 9.887   12.846  -0.898  1.00 29.80  ? 475 HOH A O   1 
HETATM 1574 O O   . HOH G 5 .   ? -11.638 -16.380 3.042   1.00 55.76  ? 476 HOH A O   1 
HETATM 1575 O O   . HOH G 5 .   ? 6.283   14.345  -6.286  1.00 40.44  ? 477 HOH A O   1 
HETATM 1576 O O   . HOH G 5 .   ? 22.082  -3.413  9.320   1.00 39.36  ? 478 HOH A O   1 
HETATM 1577 O O   . HOH G 5 .   ? -16.965 -3.922  1.534   1.00 45.50  ? 479 HOH A O   1 
HETATM 1578 O O   . HOH G 5 .   ? 20.122  -6.784  14.574  1.00 57.86  ? 480 HOH A O   1 
HETATM 1579 O O   . HOH G 5 .   ? 25.370  -4.793  -6.334  1.00 41.01  ? 481 HOH A O   1 
HETATM 1580 O O   . HOH G 5 .   ? 18.837  -1.796  0.052   1.00 29.45  ? 482 HOH A O   1 
HETATM 1581 O O   . HOH G 5 .   ? 0.652   -14.552 -3.885  1.00 42.39  ? 483 HOH A O   1 
HETATM 1582 O O   . HOH G 5 .   ? -8.427  7.185   16.793  1.00 43.91  ? 484 HOH A O   1 
HETATM 1583 O O   . HOH G 5 .   ? 15.903  -1.661  -11.637 1.00 59.01  ? 485 HOH A O   1 
HETATM 1584 O O   . HOH G 5 .   ? -5.699  17.329  4.161   1.00 46.76  ? 486 HOH A O   1 
HETATM 1585 O O   . HOH G 5 .   ? -12.801 -17.668 -0.915  1.00 48.90  ? 487 HOH A O   1 
HETATM 1586 O O   . HOH G 5 .   ? 16.459  7.754   7.332   1.00 57.62  ? 488 HOH A O   1 
HETATM 1587 O O   . HOH G 5 .   ? -2.323  -1.463  20.127  1.00 51.07  ? 489 HOH A O   1 
HETATM 1588 O O   . HOH G 5 .   ? -16.358 -8.098  -2.174  1.00 38.09  ? 490 HOH A O   1 
HETATM 1589 O O   . HOH G 5 .   ? 18.417  1.740   -7.284  1.00 33.01  ? 491 HOH A O   1 
HETATM 1590 O O   . HOH G 5 .   ? -9.655  9.657   -2.015  1.00 52.36  ? 492 HOH A O   1 
HETATM 1591 O O   . HOH G 5 .   ? 13.450  5.759   5.087   1.00 31.78  ? 493 HOH A O   1 
HETATM 1592 O O   . HOH G 5 .   ? 5.669   11.296  7.854   1.00 38.78  ? 494 HOH A O   1 
HETATM 1593 O O   . HOH G 5 .   ? -10.200 -6.899  15.102  1.00 35.68  ? 495 HOH A O   1 
HETATM 1594 O O   . HOH G 5 .   ? 15.653  6.702   -10.753 1.00 53.57  ? 496 HOH A O   1 
HETATM 1595 O O   . HOH G 5 .   ? -1.913  14.371  8.342   1.00 52.21  ? 497 HOH A O   1 
HETATM 1596 O O   . HOH G 5 .   ? 3.759   -9.795  -7.442  1.00 36.84  ? 498 HOH A O   1 
HETATM 1597 O O   . HOH G 5 .   ? -11.784 -2.752  8.357   1.00 29.49  ? 499 HOH A O   1 
HETATM 1598 O O   . HOH G 5 .   ? 16.690  4.647   3.531   1.00 35.84  ? 500 HOH A O   1 
HETATM 1599 O O   . HOH G 5 .   ? 14.752  -5.459  12.987  1.00 71.30  ? 501 HOH A O   1 
HETATM 1600 O O   . HOH G 5 .   ? 22.381  0.971   -1.908  1.00 56.31  ? 502 HOH A O   1 
HETATM 1601 O O   . HOH G 5 .   ? -10.720 18.687  -2.443  1.00 61.88  ? 503 HOH A O   1 
HETATM 1602 O O   . HOH G 5 .   ? -14.471 -3.261  8.028   1.00 39.75  ? 504 HOH A O   1 
HETATM 1603 O O   . HOH G 5 .   ? -5.602  3.491   -18.720 1.00 51.35  ? 505 HOH A O   1 
HETATM 1604 O O   . HOH G 5 .   ? 20.802  3.008   -0.436  1.00 75.24  ? 506 HOH A O   1 
HETATM 1605 O O   . HOH G 5 .   ? 22.061  -10.862 -10.403 1.00 48.44  ? 507 HOH A O   1 
HETATM 1606 O O   . HOH G 5 .   ? -18.636 -10.270 18.926  1.00 50.92  ? 508 HOH A O   1 
HETATM 1607 O O   . HOH G 5 .   ? -8.570  12.304  -12.179 1.00 51.03  ? 509 HOH A O   1 
HETATM 1608 O O   . HOH G 5 .   ? 12.720  -14.056 -3.200  1.00 43.22  ? 510 HOH A O   1 
HETATM 1609 O O   . HOH G 5 .   ? -0.300  14.620  -9.058  1.00 51.13  ? 511 HOH A O   1 
HETATM 1610 O O   . HOH G 5 .   ? 14.783  -1.653  3.657   1.00 46.93  ? 512 HOH A O   1 
HETATM 1611 O O   . HOH G 5 .   ? -13.384 3.653   -3.297  1.00 27.53  ? 513 HOH A O   1 
HETATM 1612 O O   . HOH G 5 .   ? 22.492  -9.659  -8.062  1.00 44.83  ? 514 HOH A O   1 
HETATM 1613 O O   . HOH G 5 .   ? 6.340   18.388  -1.459  1.00 59.39  ? 515 HOH A O   1 
HETATM 1614 O O   . HOH G 5 .   ? 19.686  6.927   2.733   1.00 45.87  ? 516 HOH A O   1 
HETATM 1615 O O   . HOH G 5 .   ? 8.117   11.905  -9.103  1.00 46.53  ? 517 HOH A O   1 
HETATM 1616 O O   . HOH G 5 .   ? -16.456 0.550   3.214   1.00 54.64  ? 518 HOH A O   1 
HETATM 1617 O O   . HOH G 5 .   ? -10.798 -1.412  11.424  1.00 35.52  ? 519 HOH A O   1 
HETATM 1618 O O   . HOH G 5 .   ? -7.087  -15.052 7.841   1.00 65.20  ? 520 HOH A O   1 
HETATM 1619 O O   . HOH G 5 .   ? 19.245  6.840   -7.055  1.00 45.14  ? 521 HOH A O   1 
HETATM 1620 O O   . HOH G 5 .   ? 2.661   20.798  -0.094  1.00 59.79  ? 522 HOH A O   1 
HETATM 1621 O O   . HOH G 5 .   ? 19.976  4.331   -3.221  1.00 53.93  ? 523 HOH A O   1 
HETATM 1622 O O   . HOH G 5 .   ? -14.417 17.387  7.569   1.00 60.19  ? 524 HOH A O   1 
HETATM 1623 O O   . HOH G 5 .   ? 2.804   19.382  2.039   1.00 60.10  ? 525 HOH A O   1 
HETATM 1624 O O   . HOH G 5 .   ? 3.984   2.748   20.355  1.00 58.08  ? 526 HOH A O   1 
HETATM 1625 O O   . HOH G 5 .   ? -4.954  -8.497  -12.447 1.00 58.80  ? 527 HOH A O   1 
HETATM 1626 O O   . HOH G 5 .   ? 0.340   -2.553  20.841  1.00 54.42  ? 528 HOH A O   1 
HETATM 1627 O O   . HOH G 5 .   ? -13.651 14.466  6.679   1.00 59.76  ? 529 HOH A O   1 
HETATM 1628 O O   . HOH G 5 .   ? 20.324  2.320   -5.585  1.00 60.23  ? 530 HOH A O   1 
HETATM 1629 O O   . HOH G 5 .   ? -9.393  8.574   -12.719 1.00 43.49  ? 531 HOH A O   1 
HETATM 1630 O O   . HOH G 5 .   ? 7.581   -4.328  -8.260  1.00 54.33  ? 532 HOH A O   1 
HETATM 1631 O O   . HOH G 5 .   ? -4.967  -2.420  19.170  1.00 62.80  ? 533 HOH A O   1 
HETATM 1632 O O   . HOH G 5 .   ? -17.954 -1.425  3.602   1.00 51.24  ? 534 HOH A O   1 
HETATM 1633 O O   . HOH G 5 .   ? 0.336   -12.904 -9.117  1.00 60.13  ? 535 HOH A O   1 
HETATM 1634 O O   . HOH G 5 .   ? -13.894 -10.375 22.266  1.00 52.40  ? 536 HOH A O   1 
HETATM 1635 O O   . HOH G 5 .   ? 4.275   15.588  -7.557  1.00 52.37  ? 537 HOH A O   1 
HETATM 1636 O O   . HOH G 5 .   ? 7.863   15.589  -3.898  1.00 54.62  ? 538 HOH A O   1 
HETATM 1637 O O   . HOH G 5 .   ? 2.634   -3.997  -8.639  1.00 59.56  ? 539 HOH A O   1 
HETATM 1638 O O   . HOH G 5 .   ? 4.209   -7.830  18.459  1.00 48.32  ? 540 HOH A O   1 
HETATM 1639 O O   . HOH G 5 .   ? 14.354  3.013   5.844   1.00 43.63  ? 541 HOH A O   1 
HETATM 1640 O O   . HOH G 5 .   ? -10.653 -3.873  15.437  1.00 66.20  ? 542 HOH A O   1 
HETATM 1641 O O   . HOH G 5 .   ? -24.266 -2.801  -7.065  1.00 66.30  ? 543 HOH A O   1 
HETATM 1642 O O   . HOH G 5 .   ? -16.388 -11.462 22.499  1.00 51.79  ? 544 HOH A O   1 
HETATM 1643 O O   . HOH G 5 .   ? 4.096   -2.518  -6.965  1.00 43.11  ? 545 HOH A O   1 
HETATM 1644 O O   . HOH G 5 .   ? -0.598  20.921  8.359   1.00 46.04  ? 546 HOH A O   1 
HETATM 1645 O O   . HOH G 5 .   ? -15.190 -5.703  5.565   1.00 49.91  ? 547 HOH A O   1 
HETATM 1646 O O   . HOH G 5 .   ? 6.919   -0.308  19.619  1.00 70.36  ? 548 HOH A O   1 
HETATM 1647 O O   . HOH G 5 .   ? 22.761  -6.493  -7.909  1.00 61.85  ? 549 HOH A O   1 
HETATM 1648 O O   . HOH G 5 .   ? 16.401  4.633   5.934   1.00 65.64  ? 550 HOH A O   1 
HETATM 1649 O O   . HOH G 5 .   ? 4.237   -12.533 -6.799  1.00 62.55  ? 551 HOH A O   1 
HETATM 1650 O O   . HOH G 5 .   ? 7.073   -1.673  -7.004  1.00 56.93  ? 552 HOH A O   1 
HETATM 1651 O O   . HOH G 5 .   ? 9.637   4.788   9.002   1.00 49.61  ? 553 HOH A O   1 
HETATM 1652 O O   . HOH G 5 .   ? -9.455  -0.895  13.932  1.00 53.89  ? 554 HOH A O   1 
HETATM 1653 O O   . HOH G 5 .   ? 17.964  5.126   -11.829 1.00 85.55  ? 555 HOH A O   1 
HETATM 1654 O O   . HOH G 5 .   ? 6.588   -6.563  -7.441  1.00 58.79  ? 556 HOH A O   1 
HETATM 1655 O O   . HOH G 5 .   ? 9.573   -3.378  -9.115  1.00 58.01  ? 557 HOH A O   1 
HETATM 1656 O O   . HOH G 5 .   ? 4.700   -4.486  -4.230  1.00 48.23  ? 558 HOH A O   1 
HETATM 1657 O O   . HOH G 5 .   ? 8.144   14.458  -8.217  1.00 41.22  ? 559 HOH A O   1 
HETATM 1658 O O   . HOH G 5 .   ? 12.026  4.734   -13.040 1.00 59.71  ? 560 HOH A O   1 
HETATM 1659 O O   . HOH G 5 .   ? 11.634  6.397   7.517   1.00 65.28  ? 561 HOH A O   1 
HETATM 1660 O O   . HOH G 5 .   ? -15.451 -5.799  3.074   1.00 40.99  ? 562 HOH A O   1 
HETATM 1661 O O   . HOH G 5 .   ? -15.264 -4.634  10.232  1.00 48.41  ? 563 HOH A O   1 
HETATM 1662 O O   . HOH G 5 .   ? 7.047   -10.568 -3.412  1.00 67.88  ? 564 HOH A O   1 
HETATM 1663 O O   . HOH G 5 .   ? -13.331 -8.630  11.090  1.00 50.55  ? 565 HOH A O   1 
HETATM 1664 O O   . HOH G 5 .   ? -16.139 -8.485  2.602   1.00 62.79  ? 566 HOH A O   1 
HETATM 1665 O O   . HOH G 5 .   ? 9.094   10.153  6.030   1.00 55.06  ? 567 HOH A O   1 
HETATM 1666 O O   . HOH G 5 .   ? -12.468 -4.344  11.833  1.00 38.61  ? 568 HOH A O   1 
HETATM 1667 O O   . HOH G 5 .   ? -11.753 -6.895  12.354  1.00 35.78  ? 569 HOH A O   1 
HETATM 1668 O O   . HOH G 5 .   ? -15.454 -7.269  10.374  1.00 40.64  ? 570 HOH A O   1 
# 
loop_
_pdbx_poly_seq_scheme.asym_id 
_pdbx_poly_seq_scheme.entity_id 
_pdbx_poly_seq_scheme.seq_id 
_pdbx_poly_seq_scheme.mon_id 
_pdbx_poly_seq_scheme.ndb_seq_num 
_pdbx_poly_seq_scheme.pdb_seq_num 
_pdbx_poly_seq_scheme.auth_seq_num 
_pdbx_poly_seq_scheme.pdb_mon_id 
_pdbx_poly_seq_scheme.auth_mon_id 
_pdbx_poly_seq_scheme.pdb_strand_id 
_pdbx_poly_seq_scheme.pdb_ins_code 
_pdbx_poly_seq_scheme.hetero 
A 1 1   SER 1   15  15  SER SER A . n 
A 1 2   MET 2   16  16  MET MET A . n 
A 1 3   LEU 3   17  17  LEU LEU A . n 
A 1 4   ASP 4   18  18  ASP ASP A . n 
A 1 5   ASP 5   19  19  ASP ASP A . n 
A 1 6   ALA 6   20  20  ALA ALA A . n 
A 1 7   LYS 7   21  21  LYS LYS A . n 
A 1 8   ALA 8   22  22  ALA ALA A . n 
A 1 9   ARG 9   23  23  ARG ARG A . n 
A 1 10  LEU 10  24  24  LEU LEU A . n 
A 1 11  ARG 11  25  25  ARG ARG A . n 
A 1 12  LYS 12  26  26  LYS LYS A . n 
A 1 13  TYR 13  27  27  TYR TYR A . n 
A 1 14  ASP 14  28  28  ASP ASP A . n 
A 1 15  ILE 15  29  29  ILE ILE A . n 
A 1 16  GLY 16  30  30  GLY GLY A . n 
A 1 17  GLY 17  31  31  GLY GLY A . n 
A 1 18  LYS 18  32  32  LYS LYS A . n 
A 1 19  TYR 19  33  33  TYR TYR A . n 
A 1 20  SER 20  34  34  SER SER A . n 
A 1 21  HIS 21  35  35  HIS HIS A . n 
A 1 22  LEU 22  36  36  LEU LEU A . n 
A 1 23  PRO 23  37  37  PRO PRO A . n 
A 1 24  TYR 24  38  38  TYR TYR A . n 
A 1 25  ASN 25  39  39  ASN ASN A . n 
A 1 26  LYS 26  40  40  LYS LYS A . n 
A 1 27  TYR 27  41  41  TYR TYR A . n 
A 1 28  SER 28  42  42  SER SER A . n 
A 1 29  VAL 29  43  43  VAL VAL A . n 
A 1 30  LEU 30  44  44  LEU LEU A . n 
A 1 31  LEU 31  45  45  LEU LEU A . n 
A 1 32  PRO 32  46  46  PRO PRO A . n 
A 1 33  LEU 33  47  47  LEU LEU A . n 
A 1 34  VAL 34  48  48  VAL VAL A . n 
A 1 35  ALA 35  49  49  ALA ALA A . n 
A 1 36  LYS 36  50  50  LYS LYS A . n 
A 1 37  GLU 37  51  51  GLU GLU A . n 
A 1 38  GLY 38  52  52  GLY GLY A . n 
A 1 39  LYS 39  53  53  LYS LYS A . n 
A 1 40  LEU 40  54  54  LEU LEU A . n 
A 1 41  HIS 41  55  55  HIS HIS A . n 
A 1 42  LEU 42  56  56  LEU LEU A . n 
A 1 43  LEU 43  57  57  LEU LEU A . n 
A 1 44  PHE 44  58  58  PHE PHE A . n 
A 1 45  THR 45  59  59  THR THR A . n 
A 1 46  VAL 46  60  60  VAL VAL A . n 
A 1 47  ARG 47  61  61  ARG ARG A . n 
A 1 48  SER 48  62  62  SER SER A . n 
A 1 49  GLU 49  63  63  GLU GLU A . n 
A 1 50  LYS 50  64  64  LYS LYS A . n 
A 1 51  LEU 51  65  65  LEU LEU A . n 
A 1 52  ARG 52  66  66  ARG ARG A . n 
A 1 53  ARG 53  67  67  ARG ARG A . n 
A 1 54  ALA 54  68  68  ALA ALA A . n 
A 1 55  PRO 55  69  69  PRO PRO A . n 
A 1 56  GLY 56  70  70  GLY GLY A . n 
A 1 57  GLU 57  71  71  GLU GLU A . n 
A 1 58  VAL 58  72  72  VAL VAL A . n 
A 1 59  CYS 59  73  73  CYS CYS A . n 
A 1 60  PHE 60  74  74  PHE PHE A . n 
A 1 61  PRO 61  75  75  PRO PRO A . n 
A 1 62  GLY 62  76  76  GLY GLY A . n 
A 1 63  GLY 63  77  77  GLY GLY A . n 
A 1 64  LYS 64  78  78  LYS LYS A . n 
A 1 65  ARG 65  79  79  ARG ARG A . n 
A 1 66  ASP 66  80  80  ASP ASP A . n 
A 1 67  PRO 67  81  81  PRO PRO A . n 
A 1 68  THR 68  82  82  THR THR A . n 
A 1 69  ASP 69  83  83  ASP ASP A . n 
A 1 70  MET 70  84  84  MET MET A . n 
A 1 71  ASP 71  85  85  ASP ASP A . n 
A 1 72  ASP 72  86  86  ASP ASP A . n 
A 1 73  ALA 73  87  87  ALA ALA A . n 
A 1 74  ALA 74  88  88  ALA ALA A . n 
A 1 75  THR 75  89  89  THR THR A . n 
A 1 76  ALA 76  90  90  ALA ALA A . n 
A 1 77  LEU 77  91  91  LEU LEU A . n 
A 1 78  ARG 78  92  92  ARG ARG A . n 
A 1 79  GLU 79  93  93  GLU GLU A . n 
A 1 80  ALA 80  94  94  ALA ALA A . n 
A 1 81  GLN 81  95  95  GLN GLN A . n 
A 1 82  GLU 82  96  96  GLU GLU A . n 
A 1 83  GLU 83  97  97  GLU GLU A . n 
A 1 84  VAL 84  98  98  VAL VAL A . n 
A 1 85  GLY 85  99  99  GLY GLY A . n 
A 1 86  LEU 86  100 100 LEU LEU A . n 
A 1 87  ARG 87  101 101 ARG ARG A . n 
A 1 88  HYP 88  102 102 HYP HYP A . n 
A 1 89  HIS 89  103 103 HIS HIS A . n 
A 1 90  GLN 90  104 104 GLN GLN A . n 
A 1 91  VAL 91  105 105 VAL VAL A . n 
A 1 92  GLU 92  106 106 GLU GLU A . n 
A 1 93  VAL 93  107 107 VAL VAL A . n 
A 1 94  VAL 94  108 108 VAL VAL A . n 
A 1 95  CSO 95  109 109 CSO CSO A . n 
A 1 96  CYS 96  110 110 CYS CYS A . n 
A 1 97  LEU 97  111 111 LEU LEU A . n 
A 1 98  VAL 98  112 112 VAL VAL A . n 
A 1 99  PRO 99  113 113 PRO PRO A . n 
A 1 100 CYS 100 114 114 CYS CYS A . n 
A 1 101 LEU 101 115 115 LEU LEU A . n 
A 1 102 ILE 102 116 116 ILE ILE A . n 
A 1 103 ASP 103 117 117 ASP ASP A . n 
A 1 104 THR 104 118 118 THR THR A . n 
A 1 105 ASP 105 119 119 ASP ASP A . n 
A 1 106 THR 106 120 120 THR THR A . n 
A 1 107 LEU 107 121 121 LEU LEU A . n 
A 1 108 ILE 108 122 122 ILE ILE A . n 
A 1 109 THR 109 123 123 THR THR A . n 
A 1 110 PRO 110 124 124 PRO PRO A . n 
A 1 111 PHE 111 125 125 PHE PHE A . n 
A 1 112 VAL 112 126 126 VAL VAL A . n 
A 1 113 GLY 113 127 127 GLY GLY A . n 
A 1 114 LEU 114 128 128 LEU LEU A . n 
A 1 115 ILE 115 129 129 ILE ILE A . n 
A 1 116 ASP 116 130 130 ASP ASP A . n 
A 1 117 HIS 117 131 131 HIS HIS A . n 
A 1 118 ASN 118 132 132 ASN ASN A . n 
A 1 119 PHE 119 133 133 PHE PHE A . n 
A 1 120 GLN 120 134 134 GLN GLN A . n 
A 1 121 ALA 121 135 135 ALA ALA A . n 
A 1 122 GLN 122 136 136 GLN GLN A . n 
A 1 123 PRO 123 137 137 PRO PRO A . n 
A 1 124 ASN 124 138 138 ASN ASN A . n 
A 1 125 PRO 125 139 139 PRO PRO A . n 
A 1 126 ALA 126 140 140 ALA ALA A . n 
A 1 127 GLU 127 141 141 GLU GLU A . n 
A 1 128 VAL 128 142 142 VAL VAL A . n 
A 1 129 LYS 129 143 143 LYS LYS A . n 
A 1 130 ASP 130 144 144 ASP ASP A . n 
A 1 131 VAL 131 145 145 VAL VAL A . n 
A 1 132 PHE 132 146 146 PHE PHE A . n 
A 1 133 LEU 133 147 147 LEU LEU A . n 
A 1 134 VAL 134 148 148 VAL VAL A . n 
A 1 135 PRO 135 149 149 PRO PRO A . n 
A 1 136 LEU 136 150 150 LEU LEU A . n 
A 1 137 ALA 137 151 151 ALA ALA A . n 
A 1 138 TYR 138 152 152 TYR TYR A . n 
A 1 139 PHE 139 153 153 PHE PHE A . n 
A 1 140 LEU 140 154 154 LEU LEU A . n 
A 1 141 HIS 141 155 155 HIS HIS A . n 
A 1 142 PRO 142 156 156 PRO PRO A . n 
A 1 143 GLN 143 157 157 GLN GLN A . n 
A 1 144 VAL 144 158 158 VAL VAL A . n 
A 1 145 HIS 145 159 159 HIS HIS A . n 
A 1 146 ASP 146 160 160 ASP ASP A . n 
A 1 147 GLN 147 161 161 GLN GLN A . n 
A 1 148 HIS 148 162 ?   ?   ?   A . n 
A 1 149 TYR 149 163 ?   ?   ?   A . n 
A 1 150 VAL 150 164 ?   ?   ?   A . n 
A 1 151 THR 151 165 ?   ?   ?   A . n 
A 1 152 ARG 152 166 ?   ?   ?   A . n 
A 1 153 LEU 153 167 ?   ?   ?   A . n 
A 1 154 GLY 154 168 ?   ?   ?   A . n 
A 1 155 HIS 155 169 ?   ?   ?   A . n 
A 1 156 ARG 156 170 ?   ?   ?   A . n 
A 1 157 PHE 157 171 ?   ?   ?   A . n 
A 1 158 ILE 158 172 172 ILE ILE A . n 
A 1 159 ASN 159 173 173 ASN ASN A . n 
A 1 160 HIS 160 174 174 HIS HIS A . n 
A 1 161 ILE 161 175 175 ILE ILE A . n 
A 1 162 PHE 162 176 176 PHE PHE A . n 
A 1 163 GLU 163 177 177 GLU GLU A . n 
A 1 164 TYR 164 178 178 TYR TYR A . n 
A 1 165 THR 165 179 179 THR THR A . n 
A 1 166 ASN 166 180 180 ASN ASN A . n 
A 1 167 PRO 167 181 181 PRO PRO A . n 
A 1 168 GLU 168 182 182 GLU GLU A . n 
A 1 169 ASP 169 183 183 ASP ASP A . n 
A 1 170 GLY 170 184 184 GLY GLY A . n 
A 1 171 VAL 171 185 185 VAL VAL A . n 
A 1 172 THR 172 186 186 THR THR A . n 
A 1 173 TYR 173 187 187 TYR TYR A . n 
A 1 174 GLN 174 188 188 GLN GLN A . n 
A 1 175 ILE 175 189 189 ILE ILE A . n 
A 1 176 LYS 176 190 190 LYS LYS A . n 
A 1 177 GLY 177 191 191 GLY GLY A . n 
A 1 178 MET 178 192 192 MET MET A . n 
A 1 179 THR 179 193 193 THR THR A . n 
A 1 180 ALA 180 194 194 ALA ALA A . n 
A 1 181 ASN 181 195 195 ASN ASN A . n 
A 1 182 LEU 182 196 196 LEU LEU A . n 
A 1 183 ALA 183 197 197 ALA ALA A . n 
A 1 184 VAL 184 198 198 VAL VAL A . n 
A 1 185 LEU 185 199 199 LEU LEU A . n 
A 1 186 VAL 186 200 200 VAL VAL A . n 
A 1 187 ALA 187 201 201 ALA ALA A . n 
A 1 188 PHE 188 202 202 PHE PHE A . n 
A 1 189 ILE 189 203 203 ILE ILE A . n 
A 1 190 ILE 190 204 204 ILE ILE A . n 
A 1 191 LEU 191 205 205 LEU LEU A . n 
A 1 192 GLU 192 206 206 GLU GLU A . n 
A 1 193 LYS 193 207 207 LYS LYS A . n 
A 1 194 LYS 194 208 208 LYS LYS A . n 
A 1 195 PRO 195 209 209 PRO PRO A . n 
A 1 196 THR 196 210 210 THR THR A . n 
# 
loop_
_pdbx_nonpoly_scheme.asym_id 
_pdbx_nonpoly_scheme.entity_id 
_pdbx_nonpoly_scheme.mon_id 
_pdbx_nonpoly_scheme.ndb_seq_num 
_pdbx_nonpoly_scheme.pdb_seq_num 
_pdbx_nonpoly_scheme.auth_seq_num 
_pdbx_nonpoly_scheme.pdb_mon_id 
_pdbx_nonpoly_scheme.auth_mon_id 
_pdbx_nonpoly_scheme.pdb_strand_id 
_pdbx_nonpoly_scheme.pdb_ins_code 
B 2 ACT 1   301 1   ACT ACT A . 
C 2 ACT 1   302 2   ACT ACT A . 
D 3 DMS 1   303 1   DMS DMS A . 
E 3 DMS 1   304 2   DMS DMS A . 
F 4 B0V 1   305 1   B0V LIG A . 
G 5 HOH 1   401 69  HOH HOH A . 
G 5 HOH 2   402 94  HOH HOH A . 
G 5 HOH 3   403 9   HOH HOH A . 
G 5 HOH 4   404 56  HOH HOH A . 
G 5 HOH 5   405 53  HOH HOH A . 
G 5 HOH 6   406 140 HOH HOH A . 
G 5 HOH 7   407 143 HOH HOH A . 
G 5 HOH 8   408 162 HOH HOH A . 
G 5 HOH 9   409 199 HOH HOH A . 
G 5 HOH 10  410 166 HOH HOH A . 
G 5 HOH 11  411 80  HOH HOH A . 
G 5 HOH 12  412 156 HOH HOH A . 
G 5 HOH 13  413 158 HOH HOH A . 
G 5 HOH 14  414 124 HOH HOH A . 
G 5 HOH 15  415 154 HOH HOH A . 
G 5 HOH 16  416 198 HOH HOH A . 
G 5 HOH 17  417 77  HOH HOH A . 
G 5 HOH 18  418 13  HOH HOH A . 
G 5 HOH 19  419 101 HOH HOH A . 
G 5 HOH 20  420 167 HOH HOH A . 
G 5 HOH 21  421 76  HOH HOH A . 
G 5 HOH 22  422 157 HOH HOH A . 
G 5 HOH 23  423 113 HOH HOH A . 
G 5 HOH 24  424 48  HOH HOH A . 
G 5 HOH 25  425 105 HOH HOH A . 
G 5 HOH 26  426 24  HOH HOH A . 
G 5 HOH 27  427 128 HOH HOH A . 
G 5 HOH 28  428 65  HOH HOH A . 
G 5 HOH 29  429 134 HOH HOH A . 
G 5 HOH 30  430 49  HOH HOH A . 
G 5 HOH 31  431 109 HOH HOH A . 
G 5 HOH 32  432 36  HOH HOH A . 
G 5 HOH 33  433 97  HOH HOH A . 
G 5 HOH 34  434 89  HOH HOH A . 
G 5 HOH 35  435 14  HOH HOH A . 
G 5 HOH 36  436 47  HOH HOH A . 
G 5 HOH 37  437 186 HOH HOH A . 
G 5 HOH 38  438 71  HOH HOH A . 
G 5 HOH 39  439 64  HOH HOH A . 
G 5 HOH 40  440 38  HOH HOH A . 
G 5 HOH 41  441 62  HOH HOH A . 
G 5 HOH 42  442 20  HOH HOH A . 
G 5 HOH 43  443 26  HOH HOH A . 
G 5 HOH 44  444 179 HOH HOH A . 
G 5 HOH 45  445 160 HOH HOH A . 
G 5 HOH 46  446 197 HOH HOH A . 
G 5 HOH 47  447 35  HOH HOH A . 
G 5 HOH 48  448 15  HOH HOH A . 
G 5 HOH 49  449 117 HOH HOH A . 
G 5 HOH 50  450 6   HOH HOH A . 
G 5 HOH 51  451 137 HOH HOH A . 
G 5 HOH 52  452 104 HOH HOH A . 
G 5 HOH 53  453 108 HOH HOH A . 
G 5 HOH 54  454 85  HOH HOH A . 
G 5 HOH 55  455 146 HOH HOH A . 
G 5 HOH 56  456 19  HOH HOH A . 
G 5 HOH 57  457 86  HOH HOH A . 
G 5 HOH 58  458 10  HOH HOH A . 
G 5 HOH 59  459 102 HOH HOH A . 
G 5 HOH 60  460 3   HOH HOH A . 
G 5 HOH 61  461 99  HOH HOH A . 
G 5 HOH 62  462 39  HOH HOH A . 
G 5 HOH 63  463 8   HOH HOH A . 
G 5 HOH 64  464 116 HOH HOH A . 
G 5 HOH 65  465 61  HOH HOH A . 
G 5 HOH 66  466 75  HOH HOH A . 
G 5 HOH 67  467 28  HOH HOH A . 
G 5 HOH 68  468 7   HOH HOH A . 
G 5 HOH 69  469 196 HOH HOH A . 
G 5 HOH 70  470 58  HOH HOH A . 
G 5 HOH 71  471 43  HOH HOH A . 
G 5 HOH 72  472 34  HOH HOH A . 
G 5 HOH 73  473 22  HOH HOH A . 
G 5 HOH 74  474 12  HOH HOH A . 
G 5 HOH 75  475 1   HOH HOH A . 
G 5 HOH 76  476 118 HOH HOH A . 
G 5 HOH 77  477 55  HOH HOH A . 
G 5 HOH 78  478 25  HOH HOH A . 
G 5 HOH 79  479 103 HOH HOH A . 
G 5 HOH 80  480 183 HOH HOH A . 
G 5 HOH 81  481 152 HOH HOH A . 
G 5 HOH 82  482 2   HOH HOH A . 
G 5 HOH 83  483 125 HOH HOH A . 
G 5 HOH 84  484 193 HOH HOH A . 
G 5 HOH 85  485 141 HOH HOH A . 
G 5 HOH 86  486 27  HOH HOH A . 
G 5 HOH 87  487 139 HOH HOH A . 
G 5 HOH 88  488 78  HOH HOH A . 
G 5 HOH 89  489 153 HOH HOH A . 
G 5 HOH 90  490 121 HOH HOH A . 
G 5 HOH 91  491 17  HOH HOH A . 
G 5 HOH 92  492 159 HOH HOH A . 
G 5 HOH 93  493 21  HOH HOH A . 
G 5 HOH 94  494 37  HOH HOH A . 
G 5 HOH 95  495 45  HOH HOH A . 
G 5 HOH 96  496 42  HOH HOH A . 
G 5 HOH 97  497 145 HOH HOH A . 
G 5 HOH 98  498 30  HOH HOH A . 
G 5 HOH 99  499 98  HOH HOH A . 
G 5 HOH 100 500 31  HOH HOH A . 
G 5 HOH 101 501 187 HOH HOH A . 
G 5 HOH 102 502 149 HOH HOH A . 
G 5 HOH 103 503 82  HOH HOH A . 
G 5 HOH 104 504 106 HOH HOH A . 
G 5 HOH 105 505 46  HOH HOH A . 
G 5 HOH 106 506 173 HOH HOH A . 
G 5 HOH 107 507 72  HOH HOH A . 
G 5 HOH 108 508 191 HOH HOH A . 
G 5 HOH 109 509 110 HOH HOH A . 
G 5 HOH 110 510 23  HOH HOH A . 
G 5 HOH 111 511 5   HOH HOH A . 
G 5 HOH 112 512 59  HOH HOH A . 
G 5 HOH 113 513 96  HOH HOH A . 
G 5 HOH 114 514 138 HOH HOH A . 
G 5 HOH 115 515 182 HOH HOH A . 
G 5 HOH 116 516 63  HOH HOH A . 
G 5 HOH 117 517 50  HOH HOH A . 
G 5 HOH 118 518 176 HOH HOH A . 
G 5 HOH 119 519 170 HOH HOH A . 
G 5 HOH 120 520 147 HOH HOH A . 
G 5 HOH 121 521 129 HOH HOH A . 
G 5 HOH 122 522 88  HOH HOH A . 
G 5 HOH 123 523 175 HOH HOH A . 
G 5 HOH 124 524 155 HOH HOH A . 
G 5 HOH 125 525 111 HOH HOH A . 
G 5 HOH 126 526 126 HOH HOH A . 
G 5 HOH 127 527 150 HOH HOH A . 
G 5 HOH 128 528 123 HOH HOH A . 
G 5 HOH 129 529 122 HOH HOH A . 
G 5 HOH 130 530 144 HOH HOH A . 
G 5 HOH 131 531 16  HOH HOH A . 
G 5 HOH 132 532 142 HOH HOH A . 
G 5 HOH 133 533 161 HOH HOH A . 
G 5 HOH 134 534 184 HOH HOH A . 
G 5 HOH 135 535 178 HOH HOH A . 
G 5 HOH 136 536 57  HOH HOH A . 
G 5 HOH 137 537 66  HOH HOH A . 
G 5 HOH 138 538 169 HOH HOH A . 
G 5 HOH 139 539 93  HOH HOH A . 
G 5 HOH 140 540 119 HOH HOH A . 
G 5 HOH 141 541 44  HOH HOH A . 
G 5 HOH 142 542 180 HOH HOH A . 
G 5 HOH 143 543 172 HOH HOH A . 
G 5 HOH 144 544 174 HOH HOH A . 
G 5 HOH 145 545 60  HOH HOH A . 
G 5 HOH 146 546 29  HOH HOH A . 
G 5 HOH 147 547 192 HOH HOH A . 
G 5 HOH 148 548 168 HOH HOH A . 
G 5 HOH 149 549 194 HOH HOH A . 
G 5 HOH 150 550 90  HOH HOH A . 
G 5 HOH 151 551 185 HOH HOH A . 
G 5 HOH 152 552 151 HOH HOH A . 
G 5 HOH 153 553 190 HOH HOH A . 
G 5 HOH 154 554 127 HOH HOH A . 
G 5 HOH 155 555 181 HOH HOH A . 
G 5 HOH 156 556 133 HOH HOH A . 
G 5 HOH 157 557 163 HOH HOH A . 
G 5 HOH 158 558 54  HOH HOH A . 
G 5 HOH 159 559 131 HOH HOH A . 
G 5 HOH 160 560 177 HOH HOH A . 
G 5 HOH 161 561 132 HOH HOH A . 
G 5 HOH 162 562 188 HOH HOH A . 
G 5 HOH 163 563 148 HOH HOH A . 
G 5 HOH 164 564 195 HOH HOH A . 
G 5 HOH 165 565 165 HOH HOH A . 
G 5 HOH 166 566 130 HOH HOH A . 
G 5 HOH 167 567 164 HOH HOH A . 
G 5 HOH 168 568 171 HOH HOH A . 
G 5 HOH 169 569 68  HOH HOH A . 
G 5 HOH 170 570 115 HOH HOH A . 
# 
loop_
_pdbx_struct_mod_residue.id 
_pdbx_struct_mod_residue.label_asym_id 
_pdbx_struct_mod_residue.label_comp_id 
_pdbx_struct_mod_residue.label_seq_id 
_pdbx_struct_mod_residue.auth_asym_id 
_pdbx_struct_mod_residue.auth_comp_id 
_pdbx_struct_mod_residue.auth_seq_id 
_pdbx_struct_mod_residue.PDB_ins_code 
_pdbx_struct_mod_residue.parent_comp_id 
_pdbx_struct_mod_residue.details 
1 A HYP 88 A HYP 102 ? PRO 'modified residue' 
2 A CSO 95 A CSO 109 ? CYS 'modified residue' 
# 
_pdbx_struct_assembly.id                   1 
_pdbx_struct_assembly.details              author_and_software_defined_assembly 
_pdbx_struct_assembly.method_details       PISA 
_pdbx_struct_assembly.oligomeric_details   monomeric 
_pdbx_struct_assembly.oligomeric_count     1 
# 
_pdbx_struct_assembly_gen.assembly_id       1 
_pdbx_struct_assembly_gen.oper_expression   1 
_pdbx_struct_assembly_gen.asym_id_list      A,B,C,D,E,F,G 
# 
loop_
_pdbx_struct_assembly_prop.biol_id 
_pdbx_struct_assembly_prop.type 
_pdbx_struct_assembly_prop.value 
_pdbx_struct_assembly_prop.details 
1 'ABSA (A^2)' 760   ? 
1 MORE         5     ? 
1 'SSA (A^2)'  10500 ? 
# 
_pdbx_struct_oper_list.id                   1 
_pdbx_struct_oper_list.type                 'identity operation' 
_pdbx_struct_oper_list.name                 1_555 
_pdbx_struct_oper_list.symmetry_operation   x,y,z 
_pdbx_struct_oper_list.matrix[1][1]         1.0000000000 
_pdbx_struct_oper_list.matrix[1][2]         0.0000000000 
_pdbx_struct_oper_list.matrix[1][3]         0.0000000000 
_pdbx_struct_oper_list.vector[1]            0.0000000000 
_pdbx_struct_oper_list.matrix[2][1]         0.0000000000 
_pdbx_struct_oper_list.matrix[2][2]         1.0000000000 
_pdbx_struct_oper_list.matrix[2][3]         0.0000000000 
_pdbx_struct_oper_list.vector[2]            0.0000000000 
_pdbx_struct_oper_list.matrix[3][1]         0.0000000000 
_pdbx_struct_oper_list.matrix[3][2]         0.0000000000 
_pdbx_struct_oper_list.matrix[3][3]         1.0000000000 
_pdbx_struct_oper_list.vector[3]            0.0000000000 
# 
loop_
_pdbx_audit_revision_history.ordinal 
_pdbx_audit_revision_history.data_content_type 
_pdbx_audit_revision_history.major_revision 
_pdbx_audit_revision_history.minor_revision 
_pdbx_audit_revision_history.revision_date 
1 'Structure model' 1 0 2019-03-27 
2 'Structure model' 1 1 2023-11-15 
# 
_pdbx_audit_revision_details.ordinal             1 
_pdbx_audit_revision_details.revision_ordinal    1 
_pdbx_audit_revision_details.data_content_type   'Structure model' 
_pdbx_audit_revision_details.provider            repository 
_pdbx_audit_revision_details.type                'Initial release' 
_pdbx_audit_revision_details.description         ? 
_pdbx_audit_revision_details.details             ? 
# 
loop_
_pdbx_audit_revision_group.ordinal 
_pdbx_audit_revision_group.revision_ordinal 
_pdbx_audit_revision_group.data_content_type 
_pdbx_audit_revision_group.group 
1 2 'Structure model' 'Data collection'     
2 2 'Structure model' 'Database references' 
# 
loop_
_pdbx_audit_revision_category.ordinal 
_pdbx_audit_revision_category.revision_ordinal 
_pdbx_audit_revision_category.data_content_type 
_pdbx_audit_revision_category.category 
1 2 'Structure model' chem_comp_atom 
2 2 'Structure model' chem_comp_bond 
3 2 'Structure model' database_2     
# 
loop_
_pdbx_audit_revision_item.ordinal 
_pdbx_audit_revision_item.revision_ordinal 
_pdbx_audit_revision_item.data_content_type 
_pdbx_audit_revision_item.item 
1 2 'Structure model' '_database_2.pdbx_DOI'                
2 2 'Structure model' '_database_2.pdbx_database_accession' 
# 
_phasing.method   MR 
# 
loop_
_software.pdbx_ordinal 
_software.name 
_software.version 
_software.date 
_software.type 
_software.contact_author 
_software.contact_author_email 
_software.classification 
_software.location 
_software.language 
_software.citation_id 
1 REFMAC      5.8.0189 ?               program 'Garib N. Murshudov' garib@ysbl.york.ac.uk    refinement        
http://www.ccp4.ac.uk/dist/html/refmac5.html        Fortran_77 ? 
2 Aimless     0.5.31   12/12/16        program 'Phil Evans'         ?                        'data scaling'    
http://www.mrc-lmb.cam.ac.uk/harry/pre/aimless.html ?          ? 
3 PDB_EXTRACT 3.23     'SEP. 23, 2016' package PDB                  deposit@deposit.rcsb.org 'data extraction' 
http://sw-tools.pdb.org/apps/PDB_EXTRACT/           C++        ? 
4 XDS         .        ?               program ?                    ?                        'data reduction'  ? ?          ? 
5 REFMAC      .        ?               program ?                    ?                        phasing           ? ?          ? 
# 
_pdbx_validate_close_contact.id               1 
_pdbx_validate_close_contact.PDB_model_num    1 
_pdbx_validate_close_contact.auth_atom_id_1   O 
_pdbx_validate_close_contact.auth_asym_id_1   A 
_pdbx_validate_close_contact.auth_comp_id_1   GLN 
_pdbx_validate_close_contact.auth_seq_id_1    136 
_pdbx_validate_close_contact.PDB_ins_code_1   ? 
_pdbx_validate_close_contact.label_alt_id_1   ? 
_pdbx_validate_close_contact.auth_atom_id_2   O 
_pdbx_validate_close_contact.auth_asym_id_2   A 
_pdbx_validate_close_contact.auth_comp_id_2   HOH 
_pdbx_validate_close_contact.auth_seq_id_2    401 
_pdbx_validate_close_contact.PDB_ins_code_2   ? 
_pdbx_validate_close_contact.label_alt_id_2   ? 
_pdbx_validate_close_contact.dist             2.11 
# 
_pdbx_validate_symm_contact.id                1 
_pdbx_validate_symm_contact.PDB_model_num     1 
_pdbx_validate_symm_contact.auth_atom_id_1    O 
_pdbx_validate_symm_contact.auth_asym_id_1    A 
_pdbx_validate_symm_contact.auth_comp_id_1    HOH 
_pdbx_validate_symm_contact.auth_seq_id_1     501 
_pdbx_validate_symm_contact.PDB_ins_code_1    ? 
_pdbx_validate_symm_contact.label_alt_id_1    ? 
_pdbx_validate_symm_contact.site_symmetry_1   1_555 
_pdbx_validate_symm_contact.auth_atom_id_2    O 
_pdbx_validate_symm_contact.auth_asym_id_2    A 
_pdbx_validate_symm_contact.auth_comp_id_2    HOH 
_pdbx_validate_symm_contact.auth_seq_id_2     501 
_pdbx_validate_symm_contact.PDB_ins_code_2    ? 
_pdbx_validate_symm_contact.label_alt_id_2    ? 
_pdbx_validate_symm_contact.site_symmetry_2   6_559 
_pdbx_validate_symm_contact.dist              0.98 
# 
_pdbx_validate_rmsd_angle.id                         1 
_pdbx_validate_rmsd_angle.PDB_model_num              1 
_pdbx_validate_rmsd_angle.auth_atom_id_1             NE 
_pdbx_validate_rmsd_angle.auth_asym_id_1             A 
_pdbx_validate_rmsd_angle.auth_comp_id_1             ARG 
_pdbx_validate_rmsd_angle.auth_seq_id_1              92 
_pdbx_validate_rmsd_angle.PDB_ins_code_1             ? 
_pdbx_validate_rmsd_angle.label_alt_id_1             ? 
_pdbx_validate_rmsd_angle.auth_atom_id_2             CZ 
_pdbx_validate_rmsd_angle.auth_asym_id_2             A 
_pdbx_validate_rmsd_angle.auth_comp_id_2             ARG 
_pdbx_validate_rmsd_angle.auth_seq_id_2              92 
_pdbx_validate_rmsd_angle.PDB_ins_code_2             ? 
_pdbx_validate_rmsd_angle.label_alt_id_2             ? 
_pdbx_validate_rmsd_angle.auth_atom_id_3             NH1 
_pdbx_validate_rmsd_angle.auth_asym_id_3             A 
_pdbx_validate_rmsd_angle.auth_comp_id_3             ARG 
_pdbx_validate_rmsd_angle.auth_seq_id_3              92 
_pdbx_validate_rmsd_angle.PDB_ins_code_3             ? 
_pdbx_validate_rmsd_angle.label_alt_id_3             ? 
_pdbx_validate_rmsd_angle.angle_value                123.32 
_pdbx_validate_rmsd_angle.angle_target_value         120.30 
_pdbx_validate_rmsd_angle.angle_deviation            3.02 
_pdbx_validate_rmsd_angle.angle_standard_deviation   0.50 
_pdbx_validate_rmsd_angle.linker_flag                N 
# 
_pdbx_validate_torsion.id              1 
_pdbx_validate_torsion.PDB_model_num   1 
_pdbx_validate_torsion.auth_comp_id    THR 
_pdbx_validate_torsion.auth_asym_id    A 
_pdbx_validate_torsion.auth_seq_id     118 
_pdbx_validate_torsion.PDB_ins_code    ? 
_pdbx_validate_torsion.label_alt_id    ? 
_pdbx_validate_torsion.phi             68.78 
_pdbx_validate_torsion.psi             -16.65 
# 
loop_
_pdbx_unobs_or_zero_occ_atoms.id 
_pdbx_unobs_or_zero_occ_atoms.PDB_model_num 
_pdbx_unobs_or_zero_occ_atoms.polymer_flag 
_pdbx_unobs_or_zero_occ_atoms.occupancy_flag 
_pdbx_unobs_or_zero_occ_atoms.auth_asym_id 
_pdbx_unobs_or_zero_occ_atoms.auth_comp_id 
_pdbx_unobs_or_zero_occ_atoms.auth_seq_id 
_pdbx_unobs_or_zero_occ_atoms.PDB_ins_code 
_pdbx_unobs_or_zero_occ_atoms.auth_atom_id 
_pdbx_unobs_or_zero_occ_atoms.label_alt_id 
_pdbx_unobs_or_zero_occ_atoms.label_asym_id 
_pdbx_unobs_or_zero_occ_atoms.label_comp_id 
_pdbx_unobs_or_zero_occ_atoms.label_seq_id 
_pdbx_unobs_or_zero_occ_atoms.label_atom_id 
1 1 Y 1 A GLN 161 ? CG  ? A GLN 147 CG  
2 1 Y 1 A GLN 161 ? CD  ? A GLN 147 CD  
3 1 Y 1 A GLN 161 ? OE1 ? A GLN 147 OE1 
4 1 Y 1 A GLN 161 ? NE2 ? A GLN 147 NE2 
# 
loop_
_pdbx_unobs_or_zero_occ_residues.id 
_pdbx_unobs_or_zero_occ_residues.PDB_model_num 
_pdbx_unobs_or_zero_occ_residues.polymer_flag 
_pdbx_unobs_or_zero_occ_residues.occupancy_flag 
_pdbx_unobs_or_zero_occ_residues.auth_asym_id 
_pdbx_unobs_or_zero_occ_residues.auth_comp_id 
_pdbx_unobs_or_zero_occ_residues.auth_seq_id 
_pdbx_unobs_or_zero_occ_residues.PDB_ins_code 
_pdbx_unobs_or_zero_occ_residues.label_asym_id 
_pdbx_unobs_or_zero_occ_residues.label_comp_id 
_pdbx_unobs_or_zero_occ_residues.label_seq_id 
1  1 Y 1 A HIS 162 ? A HIS 148 
2  1 Y 1 A TYR 163 ? A TYR 149 
3  1 Y 1 A VAL 164 ? A VAL 150 
4  1 Y 1 A THR 165 ? A THR 151 
5  1 Y 1 A ARG 166 ? A ARG 152 
6  1 Y 1 A LEU 167 ? A LEU 153 
7  1 Y 1 A GLY 168 ? A GLY 154 
8  1 Y 1 A HIS 169 ? A HIS 155 
9  1 Y 1 A ARG 170 ? A ARG 156 
10 1 Y 1 A PHE 171 ? A PHE 157 
# 
loop_
_chem_comp_atom.comp_id 
_chem_comp_atom.atom_id 
_chem_comp_atom.type_symbol 
_chem_comp_atom.pdbx_aromatic_flag 
_chem_comp_atom.pdbx_stereo_config 
_chem_comp_atom.pdbx_ordinal 
ACT C    C N N 1   
ACT O    O N N 2   
ACT OXT  O N N 3   
ACT CH3  C N N 4   
ACT H1   H N N 5   
ACT H2   H N N 6   
ACT H3   H N N 7   
ALA N    N N N 8   
ALA CA   C N S 9   
ALA C    C N N 10  
ALA O    O N N 11  
ALA CB   C N N 12  
ALA OXT  O N N 13  
ALA H    H N N 14  
ALA H2   H N N 15  
ALA HA   H N N 16  
ALA HB1  H N N 17  
ALA HB2  H N N 18  
ALA HB3  H N N 19  
ALA HXT  H N N 20  
ARG N    N N N 21  
ARG CA   C N S 22  
ARG C    C N N 23  
ARG O    O N N 24  
ARG CB   C N N 25  
ARG CG   C N N 26  
ARG CD   C N N 27  
ARG NE   N N N 28  
ARG CZ   C N N 29  
ARG NH1  N N N 30  
ARG NH2  N N N 31  
ARG OXT  O N N 32  
ARG H    H N N 33  
ARG H2   H N N 34  
ARG HA   H N N 35  
ARG HB2  H N N 36  
ARG HB3  H N N 37  
ARG HG2  H N N 38  
ARG HG3  H N N 39  
ARG HD2  H N N 40  
ARG HD3  H N N 41  
ARG HE   H N N 42  
ARG HH11 H N N 43  
ARG HH12 H N N 44  
ARG HH21 H N N 45  
ARG HH22 H N N 46  
ARG HXT  H N N 47  
ASN N    N N N 48  
ASN CA   C N S 49  
ASN C    C N N 50  
ASN O    O N N 51  
ASN CB   C N N 52  
ASN CG   C N N 53  
ASN OD1  O N N 54  
ASN ND2  N N N 55  
ASN OXT  O N N 56  
ASN H    H N N 57  
ASN H2   H N N 58  
ASN HA   H N N 59  
ASN HB2  H N N 60  
ASN HB3  H N N 61  
ASN HD21 H N N 62  
ASN HD22 H N N 63  
ASN HXT  H N N 64  
ASP N    N N N 65  
ASP CA   C N S 66  
ASP C    C N N 67  
ASP O    O N N 68  
ASP CB   C N N 69  
ASP CG   C N N 70  
ASP OD1  O N N 71  
ASP OD2  O N N 72  
ASP OXT  O N N 73  
ASP H    H N N 74  
ASP H2   H N N 75  
ASP HA   H N N 76  
ASP HB2  H N N 77  
ASP HB3  H N N 78  
ASP HD2  H N N 79  
ASP HXT  H N N 80  
B0V N1   N N N 81  
B0V C4   C Y N 82  
B0V C5   C Y N 83  
B0V C6   C Y N 84  
B0V C7   C Y N 85  
B0V C8   C N N 86  
B0V C10  C N N 87  
B0V C1   C N N 88  
B0V C2   C Y N 89  
B0V C3   C Y N 90  
B0V C9   C N N 91  
B0V O1   O N N 92  
B0V O2   O N N 93  
B0V C11  C N N 94  
B0V C12  C N N 95  
B0V H1   H N N 96  
B0V H2   H N N 97  
B0V H3   H N N 98  
B0V H4   H N N 99  
B0V H5   H N N 100 
B0V H6   H N N 101 
B0V H7   H N N 102 
B0V H8   H N N 103 
B0V H9   H N N 104 
B0V H10  H N N 105 
B0V H11  H N N 106 
B0V H12  H N N 107 
B0V H13  H N N 108 
B0V H14  H N N 109 
B0V H15  H N N 110 
B0V H16  H N N 111 
B0V H17  H N N 112 
CSO N    N N N 113 
CSO CA   C N R 114 
CSO CB   C N N 115 
CSO SG   S N N 116 
CSO C    C N N 117 
CSO O    O N N 118 
CSO OXT  O N N 119 
CSO OD   O N N 120 
CSO H    H N N 121 
CSO H2   H N N 122 
CSO HA   H N N 123 
CSO HB2  H N N 124 
CSO HB3  H N N 125 
CSO HXT  H N N 126 
CSO HD   H N N 127 
CYS N    N N N 128 
CYS CA   C N R 129 
CYS C    C N N 130 
CYS O    O N N 131 
CYS CB   C N N 132 
CYS SG   S N N 133 
CYS OXT  O N N 134 
CYS H    H N N 135 
CYS H2   H N N 136 
CYS HA   H N N 137 
CYS HB2  H N N 138 
CYS HB3  H N N 139 
CYS HG   H N N 140 
CYS HXT  H N N 141 
DMS S    S N N 142 
DMS O    O N N 143 
DMS C1   C N N 144 
DMS C2   C N N 145 
DMS H11  H N N 146 
DMS H12  H N N 147 
DMS H13  H N N 148 
DMS H21  H N N 149 
DMS H22  H N N 150 
DMS H23  H N N 151 
GLN N    N N N 152 
GLN CA   C N S 153 
GLN C    C N N 154 
GLN O    O N N 155 
GLN CB   C N N 156 
GLN CG   C N N 157 
GLN CD   C N N 158 
GLN OE1  O N N 159 
GLN NE2  N N N 160 
GLN OXT  O N N 161 
GLN H    H N N 162 
GLN H2   H N N 163 
GLN HA   H N N 164 
GLN HB2  H N N 165 
GLN HB3  H N N 166 
GLN HG2  H N N 167 
GLN HG3  H N N 168 
GLN HE21 H N N 169 
GLN HE22 H N N 170 
GLN HXT  H N N 171 
GLU N    N N N 172 
GLU CA   C N S 173 
GLU C    C N N 174 
GLU O    O N N 175 
GLU CB   C N N 176 
GLU CG   C N N 177 
GLU CD   C N N 178 
GLU OE1  O N N 179 
GLU OE2  O N N 180 
GLU OXT  O N N 181 
GLU H    H N N 182 
GLU H2   H N N 183 
GLU HA   H N N 184 
GLU HB2  H N N 185 
GLU HB3  H N N 186 
GLU HG2  H N N 187 
GLU HG3  H N N 188 
GLU HE2  H N N 189 
GLU HXT  H N N 190 
GLY N    N N N 191 
GLY CA   C N N 192 
GLY C    C N N 193 
GLY O    O N N 194 
GLY OXT  O N N 195 
GLY H    H N N 196 
GLY H2   H N N 197 
GLY HA2  H N N 198 
GLY HA3  H N N 199 
GLY HXT  H N N 200 
HIS N    N N N 201 
HIS CA   C N S 202 
HIS C    C N N 203 
HIS O    O N N 204 
HIS CB   C N N 205 
HIS CG   C Y N 206 
HIS ND1  N Y N 207 
HIS CD2  C Y N 208 
HIS CE1  C Y N 209 
HIS NE2  N Y N 210 
HIS OXT  O N N 211 
HIS H    H N N 212 
HIS H2   H N N 213 
HIS HA   H N N 214 
HIS HB2  H N N 215 
HIS HB3  H N N 216 
HIS HD1  H N N 217 
HIS HD2  H N N 218 
HIS HE1  H N N 219 
HIS HE2  H N N 220 
HIS HXT  H N N 221 
HOH O    O N N 222 
HOH H1   H N N 223 
HOH H2   H N N 224 
HYP N    N N N 225 
HYP CA   C N S 226 
HYP C    C N N 227 
HYP O    O N N 228 
HYP CB   C N N 229 
HYP CG   C N R 230 
HYP CD   C N N 231 
HYP OD1  O N N 232 
HYP OXT  O N N 233 
HYP H    H N N 234 
HYP HA   H N N 235 
HYP HB2  H N N 236 
HYP HB3  H N N 237 
HYP HG   H N N 238 
HYP HD22 H N N 239 
HYP HD23 H N N 240 
HYP HD1  H N N 241 
HYP HXT  H N N 242 
ILE N    N N N 243 
ILE CA   C N S 244 
ILE C    C N N 245 
ILE O    O N N 246 
ILE CB   C N S 247 
ILE CG1  C N N 248 
ILE CG2  C N N 249 
ILE CD1  C N N 250 
ILE OXT  O N N 251 
ILE H    H N N 252 
ILE H2   H N N 253 
ILE HA   H N N 254 
ILE HB   H N N 255 
ILE HG12 H N N 256 
ILE HG13 H N N 257 
ILE HG21 H N N 258 
ILE HG22 H N N 259 
ILE HG23 H N N 260 
ILE HD11 H N N 261 
ILE HD12 H N N 262 
ILE HD13 H N N 263 
ILE HXT  H N N 264 
LEU N    N N N 265 
LEU CA   C N S 266 
LEU C    C N N 267 
LEU O    O N N 268 
LEU CB   C N N 269 
LEU CG   C N N 270 
LEU CD1  C N N 271 
LEU CD2  C N N 272 
LEU OXT  O N N 273 
LEU H    H N N 274 
LEU H2   H N N 275 
LEU HA   H N N 276 
LEU HB2  H N N 277 
LEU HB3  H N N 278 
LEU HG   H N N 279 
LEU HD11 H N N 280 
LEU HD12 H N N 281 
LEU HD13 H N N 282 
LEU HD21 H N N 283 
LEU HD22 H N N 284 
LEU HD23 H N N 285 
LEU HXT  H N N 286 
LYS N    N N N 287 
LYS CA   C N S 288 
LYS C    C N N 289 
LYS O    O N N 290 
LYS CB   C N N 291 
LYS CG   C N N 292 
LYS CD   C N N 293 
LYS CE   C N N 294 
LYS NZ   N N N 295 
LYS OXT  O N N 296 
LYS H    H N N 297 
LYS H2   H N N 298 
LYS HA   H N N 299 
LYS HB2  H N N 300 
LYS HB3  H N N 301 
LYS HG2  H N N 302 
LYS HG3  H N N 303 
LYS HD2  H N N 304 
LYS HD3  H N N 305 
LYS HE2  H N N 306 
LYS HE3  H N N 307 
LYS HZ1  H N N 308 
LYS HZ2  H N N 309 
LYS HZ3  H N N 310 
LYS HXT  H N N 311 
MET N    N N N 312 
MET CA   C N S 313 
MET C    C N N 314 
MET O    O N N 315 
MET CB   C N N 316 
MET CG   C N N 317 
MET SD   S N N 318 
MET CE   C N N 319 
MET OXT  O N N 320 
MET H    H N N 321 
MET H2   H N N 322 
MET HA   H N N 323 
MET HB2  H N N 324 
MET HB3  H N N 325 
MET HG2  H N N 326 
MET HG3  H N N 327 
MET HE1  H N N 328 
MET HE2  H N N 329 
MET HE3  H N N 330 
MET HXT  H N N 331 
PHE N    N N N 332 
PHE CA   C N S 333 
PHE C    C N N 334 
PHE O    O N N 335 
PHE CB   C N N 336 
PHE CG   C Y N 337 
PHE CD1  C Y N 338 
PHE CD2  C Y N 339 
PHE CE1  C Y N 340 
PHE CE2  C Y N 341 
PHE CZ   C Y N 342 
PHE OXT  O N N 343 
PHE H    H N N 344 
PHE H2   H N N 345 
PHE HA   H N N 346 
PHE HB2  H N N 347 
PHE HB3  H N N 348 
PHE HD1  H N N 349 
PHE HD2  H N N 350 
PHE HE1  H N N 351 
PHE HE2  H N N 352 
PHE HZ   H N N 353 
PHE HXT  H N N 354 
PRO N    N N N 355 
PRO CA   C N S 356 
PRO C    C N N 357 
PRO O    O N N 358 
PRO CB   C N N 359 
PRO CG   C N N 360 
PRO CD   C N N 361 
PRO OXT  O N N 362 
PRO H    H N N 363 
PRO HA   H N N 364 
PRO HB2  H N N 365 
PRO HB3  H N N 366 
PRO HG2  H N N 367 
PRO HG3  H N N 368 
PRO HD2  H N N 369 
PRO HD3  H N N 370 
PRO HXT  H N N 371 
SER N    N N N 372 
SER CA   C N S 373 
SER C    C N N 374 
SER O    O N N 375 
SER CB   C N N 376 
SER OG   O N N 377 
SER OXT  O N N 378 
SER H    H N N 379 
SER H2   H N N 380 
SER HA   H N N 381 
SER HB2  H N N 382 
SER HB3  H N N 383 
SER HG   H N N 384 
SER HXT  H N N 385 
THR N    N N N 386 
THR CA   C N S 387 
THR C    C N N 388 
THR O    O N N 389 
THR CB   C N R 390 
THR OG1  O N N 391 
THR CG2  C N N 392 
THR OXT  O N N 393 
THR H    H N N 394 
THR H2   H N N 395 
THR HA   H N N 396 
THR HB   H N N 397 
THR HG1  H N N 398 
THR HG21 H N N 399 
THR HG22 H N N 400 
THR HG23 H N N 401 
THR HXT  H N N 402 
TYR N    N N N 403 
TYR CA   C N S 404 
TYR C    C N N 405 
TYR O    O N N 406 
TYR CB   C N N 407 
TYR CG   C Y N 408 
TYR CD1  C Y N 409 
TYR CD2  C Y N 410 
TYR CE1  C Y N 411 
TYR CE2  C Y N 412 
TYR CZ   C Y N 413 
TYR OH   O N N 414 
TYR OXT  O N N 415 
TYR H    H N N 416 
TYR H2   H N N 417 
TYR HA   H N N 418 
TYR HB2  H N N 419 
TYR HB3  H N N 420 
TYR HD1  H N N 421 
TYR HD2  H N N 422 
TYR HE1  H N N 423 
TYR HE2  H N N 424 
TYR HH   H N N 425 
TYR HXT  H N N 426 
VAL N    N N N 427 
VAL CA   C N S 428 
VAL C    C N N 429 
VAL O    O N N 430 
VAL CB   C N N 431 
VAL CG1  C N N 432 
VAL CG2  C N N 433 
VAL OXT  O N N 434 
VAL H    H N N 435 
VAL H2   H N N 436 
VAL HA   H N N 437 
VAL HB   H N N 438 
VAL HG11 H N N 439 
VAL HG12 H N N 440 
VAL HG13 H N N 441 
VAL HG21 H N N 442 
VAL HG22 H N N 443 
VAL HG23 H N N 444 
VAL HXT  H N N 445 
# 
loop_
_chem_comp_bond.comp_id 
_chem_comp_bond.atom_id_1 
_chem_comp_bond.atom_id_2 
_chem_comp_bond.value_order 
_chem_comp_bond.pdbx_aromatic_flag 
_chem_comp_bond.pdbx_stereo_config 
_chem_comp_bond.pdbx_ordinal 
ACT C   O    doub N N 1   
ACT C   OXT  sing N N 2   
ACT C   CH3  sing N N 3   
ACT CH3 H1   sing N N 4   
ACT CH3 H2   sing N N 5   
ACT CH3 H3   sing N N 6   
ALA N   CA   sing N N 7   
ALA N   H    sing N N 8   
ALA N   H2   sing N N 9   
ALA CA  C    sing N N 10  
ALA CA  CB   sing N N 11  
ALA CA  HA   sing N N 12  
ALA C   O    doub N N 13  
ALA C   OXT  sing N N 14  
ALA CB  HB1  sing N N 15  
ALA CB  HB2  sing N N 16  
ALA CB  HB3  sing N N 17  
ALA OXT HXT  sing N N 18  
ARG N   CA   sing N N 19  
ARG N   H    sing N N 20  
ARG N   H2   sing N N 21  
ARG CA  C    sing N N 22  
ARG CA  CB   sing N N 23  
ARG CA  HA   sing N N 24  
ARG C   O    doub N N 25  
ARG C   OXT  sing N N 26  
ARG CB  CG   sing N N 27  
ARG CB  HB2  sing N N 28  
ARG CB  HB3  sing N N 29  
ARG CG  CD   sing N N 30  
ARG CG  HG2  sing N N 31  
ARG CG  HG3  sing N N 32  
ARG CD  NE   sing N N 33  
ARG CD  HD2  sing N N 34  
ARG CD  HD3  sing N N 35  
ARG NE  CZ   sing N N 36  
ARG NE  HE   sing N N 37  
ARG CZ  NH1  sing N N 38  
ARG CZ  NH2  doub N N 39  
ARG NH1 HH11 sing N N 40  
ARG NH1 HH12 sing N N 41  
ARG NH2 HH21 sing N N 42  
ARG NH2 HH22 sing N N 43  
ARG OXT HXT  sing N N 44  
ASN N   CA   sing N N 45  
ASN N   H    sing N N 46  
ASN N   H2   sing N N 47  
ASN CA  C    sing N N 48  
ASN CA  CB   sing N N 49  
ASN CA  HA   sing N N 50  
ASN C   O    doub N N 51  
ASN C   OXT  sing N N 52  
ASN CB  CG   sing N N 53  
ASN CB  HB2  sing N N 54  
ASN CB  HB3  sing N N 55  
ASN CG  OD1  doub N N 56  
ASN CG  ND2  sing N N 57  
ASN ND2 HD21 sing N N 58  
ASN ND2 HD22 sing N N 59  
ASN OXT HXT  sing N N 60  
ASP N   CA   sing N N 61  
ASP N   H    sing N N 62  
ASP N   H2   sing N N 63  
ASP CA  C    sing N N 64  
ASP CA  CB   sing N N 65  
ASP CA  HA   sing N N 66  
ASP C   O    doub N N 67  
ASP C   OXT  sing N N 68  
ASP CB  CG   sing N N 69  
ASP CB  HB2  sing N N 70  
ASP CB  HB3  sing N N 71  
ASP CG  OD1  doub N N 72  
ASP CG  OD2  sing N N 73  
ASP OD2 HD2  sing N N 74  
ASP OXT HXT  sing N N 75  
B0V C1  C2   sing N N 76  
B0V C7  C2   doub Y N 77  
B0V C7  C6   sing Y N 78  
B0V C8  C6   sing N N 79  
B0V C2  C3   sing Y N 80  
B0V C6  C5   doub Y N 81  
B0V C3  C4   doub Y N 82  
B0V C5  C4   sing Y N 83  
B0V C5  N1   sing N N 84  
B0V O1  C9   doub N N 85  
B0V C4  C12  sing N N 86  
B0V C9  N1   sing N N 87  
B0V C9  C10  sing N N 88  
B0V C10 O2   sing N N 89  
B0V O2  C11  sing N N 90  
B0V N1  H1   sing N N 91  
B0V C7  H2   sing N N 92  
B0V C8  H3   sing N N 93  
B0V C8  H4   sing N N 94  
B0V C8  H5   sing N N 95  
B0V C10 H6   sing N N 96  
B0V C10 H7   sing N N 97  
B0V C1  H8   sing N N 98  
B0V C1  H9   sing N N 99  
B0V C1  H10  sing N N 100 
B0V C3  H11  sing N N 101 
B0V C11 H12  sing N N 102 
B0V C11 H13  sing N N 103 
B0V C11 H14  sing N N 104 
B0V C12 H15  sing N N 105 
B0V C12 H16  sing N N 106 
B0V C12 H17  sing N N 107 
CSO N   CA   sing N N 108 
CSO N   H    sing N N 109 
CSO N   H2   sing N N 110 
CSO CA  CB   sing N N 111 
CSO CA  C    sing N N 112 
CSO CA  HA   sing N N 113 
CSO CB  SG   sing N N 114 
CSO CB  HB2  sing N N 115 
CSO CB  HB3  sing N N 116 
CSO SG  OD   sing N N 117 
CSO C   O    doub N N 118 
CSO C   OXT  sing N N 119 
CSO OXT HXT  sing N N 120 
CSO OD  HD   sing N N 121 
CYS N   CA   sing N N 122 
CYS N   H    sing N N 123 
CYS N   H2   sing N N 124 
CYS CA  C    sing N N 125 
CYS CA  CB   sing N N 126 
CYS CA  HA   sing N N 127 
CYS C   O    doub N N 128 
CYS C   OXT  sing N N 129 
CYS CB  SG   sing N N 130 
CYS CB  HB2  sing N N 131 
CYS CB  HB3  sing N N 132 
CYS SG  HG   sing N N 133 
CYS OXT HXT  sing N N 134 
DMS S   O    doub N N 135 
DMS S   C1   sing N N 136 
DMS S   C2   sing N N 137 
DMS C1  H11  sing N N 138 
DMS C1  H12  sing N N 139 
DMS C1  H13  sing N N 140 
DMS C2  H21  sing N N 141 
DMS C2  H22  sing N N 142 
DMS C2  H23  sing N N 143 
GLN N   CA   sing N N 144 
GLN N   H    sing N N 145 
GLN N   H2   sing N N 146 
GLN CA  C    sing N N 147 
GLN CA  CB   sing N N 148 
GLN CA  HA   sing N N 149 
GLN C   O    doub N N 150 
GLN C   OXT  sing N N 151 
GLN CB  CG   sing N N 152 
GLN CB  HB2  sing N N 153 
GLN CB  HB3  sing N N 154 
GLN CG  CD   sing N N 155 
GLN CG  HG2  sing N N 156 
GLN CG  HG3  sing N N 157 
GLN CD  OE1  doub N N 158 
GLN CD  NE2  sing N N 159 
GLN NE2 HE21 sing N N 160 
GLN NE2 HE22 sing N N 161 
GLN OXT HXT  sing N N 162 
GLU N   CA   sing N N 163 
GLU N   H    sing N N 164 
GLU N   H2   sing N N 165 
GLU CA  C    sing N N 166 
GLU CA  CB   sing N N 167 
GLU CA  HA   sing N N 168 
GLU C   O    doub N N 169 
GLU C   OXT  sing N N 170 
GLU CB  CG   sing N N 171 
GLU CB  HB2  sing N N 172 
GLU CB  HB3  sing N N 173 
GLU CG  CD   sing N N 174 
GLU CG  HG2  sing N N 175 
GLU CG  HG3  sing N N 176 
GLU CD  OE1  doub N N 177 
GLU CD  OE2  sing N N 178 
GLU OE2 HE2  sing N N 179 
GLU OXT HXT  sing N N 180 
GLY N   CA   sing N N 181 
GLY N   H    sing N N 182 
GLY N   H2   sing N N 183 
GLY CA  C    sing N N 184 
GLY CA  HA2  sing N N 185 
GLY CA  HA3  sing N N 186 
GLY C   O    doub N N 187 
GLY C   OXT  sing N N 188 
GLY OXT HXT  sing N N 189 
HIS N   CA   sing N N 190 
HIS N   H    sing N N 191 
HIS N   H2   sing N N 192 
HIS CA  C    sing N N 193 
HIS CA  CB   sing N N 194 
HIS CA  HA   sing N N 195 
HIS C   O    doub N N 196 
HIS C   OXT  sing N N 197 
HIS CB  CG   sing N N 198 
HIS CB  HB2  sing N N 199 
HIS CB  HB3  sing N N 200 
HIS CG  ND1  sing Y N 201 
HIS CG  CD2  doub Y N 202 
HIS ND1 CE1  doub Y N 203 
HIS ND1 HD1  sing N N 204 
HIS CD2 NE2  sing Y N 205 
HIS CD2 HD2  sing N N 206 
HIS CE1 NE2  sing Y N 207 
HIS CE1 HE1  sing N N 208 
HIS NE2 HE2  sing N N 209 
HIS OXT HXT  sing N N 210 
HOH O   H1   sing N N 211 
HOH O   H2   sing N N 212 
HYP N   CA   sing N N 213 
HYP N   CD   sing N N 214 
HYP N   H    sing N N 215 
HYP CA  C    sing N N 216 
HYP CA  CB   sing N N 217 
HYP CA  HA   sing N N 218 
HYP C   O    doub N N 219 
HYP C   OXT  sing N N 220 
HYP CB  CG   sing N N 221 
HYP CB  HB2  sing N N 222 
HYP CB  HB3  sing N N 223 
HYP CG  CD   sing N N 224 
HYP CG  OD1  sing N N 225 
HYP CG  HG   sing N N 226 
HYP CD  HD22 sing N N 227 
HYP CD  HD23 sing N N 228 
HYP OD1 HD1  sing N N 229 
HYP OXT HXT  sing N N 230 
ILE N   CA   sing N N 231 
ILE N   H    sing N N 232 
ILE N   H2   sing N N 233 
ILE CA  C    sing N N 234 
ILE CA  CB   sing N N 235 
ILE CA  HA   sing N N 236 
ILE C   O    doub N N 237 
ILE C   OXT  sing N N 238 
ILE CB  CG1  sing N N 239 
ILE CB  CG2  sing N N 240 
ILE CB  HB   sing N N 241 
ILE CG1 CD1  sing N N 242 
ILE CG1 HG12 sing N N 243 
ILE CG1 HG13 sing N N 244 
ILE CG2 HG21 sing N N 245 
ILE CG2 HG22 sing N N 246 
ILE CG2 HG23 sing N N 247 
ILE CD1 HD11 sing N N 248 
ILE CD1 HD12 sing N N 249 
ILE CD1 HD13 sing N N 250 
ILE OXT HXT  sing N N 251 
LEU N   CA   sing N N 252 
LEU N   H    sing N N 253 
LEU N   H2   sing N N 254 
LEU CA  C    sing N N 255 
LEU CA  CB   sing N N 256 
LEU CA  HA   sing N N 257 
LEU C   O    doub N N 258 
LEU C   OXT  sing N N 259 
LEU CB  CG   sing N N 260 
LEU CB  HB2  sing N N 261 
LEU CB  HB3  sing N N 262 
LEU CG  CD1  sing N N 263 
LEU CG  CD2  sing N N 264 
LEU CG  HG   sing N N 265 
LEU CD1 HD11 sing N N 266 
LEU CD1 HD12 sing N N 267 
LEU CD1 HD13 sing N N 268 
LEU CD2 HD21 sing N N 269 
LEU CD2 HD22 sing N N 270 
LEU CD2 HD23 sing N N 271 
LEU OXT HXT  sing N N 272 
LYS N   CA   sing N N 273 
LYS N   H    sing N N 274 
LYS N   H2   sing N N 275 
LYS CA  C    sing N N 276 
LYS CA  CB   sing N N 277 
LYS CA  HA   sing N N 278 
LYS C   O    doub N N 279 
LYS C   OXT  sing N N 280 
LYS CB  CG   sing N N 281 
LYS CB  HB2  sing N N 282 
LYS CB  HB3  sing N N 283 
LYS CG  CD   sing N N 284 
LYS CG  HG2  sing N N 285 
LYS CG  HG3  sing N N 286 
LYS CD  CE   sing N N 287 
LYS CD  HD2  sing N N 288 
LYS CD  HD3  sing N N 289 
LYS CE  NZ   sing N N 290 
LYS CE  HE2  sing N N 291 
LYS CE  HE3  sing N N 292 
LYS NZ  HZ1  sing N N 293 
LYS NZ  HZ2  sing N N 294 
LYS NZ  HZ3  sing N N 295 
LYS OXT HXT  sing N N 296 
MET N   CA   sing N N 297 
MET N   H    sing N N 298 
MET N   H2   sing N N 299 
MET CA  C    sing N N 300 
MET CA  CB   sing N N 301 
MET CA  HA   sing N N 302 
MET C   O    doub N N 303 
MET C   OXT  sing N N 304 
MET CB  CG   sing N N 305 
MET CB  HB2  sing N N 306 
MET CB  HB3  sing N N 307 
MET CG  SD   sing N N 308 
MET CG  HG2  sing N N 309 
MET CG  HG3  sing N N 310 
MET SD  CE   sing N N 311 
MET CE  HE1  sing N N 312 
MET CE  HE2  sing N N 313 
MET CE  HE3  sing N N 314 
MET OXT HXT  sing N N 315 
PHE N   CA   sing N N 316 
PHE N   H    sing N N 317 
PHE N   H2   sing N N 318 
PHE CA  C    sing N N 319 
PHE CA  CB   sing N N 320 
PHE CA  HA   sing N N 321 
PHE C   O    doub N N 322 
PHE C   OXT  sing N N 323 
PHE CB  CG   sing N N 324 
PHE CB  HB2  sing N N 325 
PHE CB  HB3  sing N N 326 
PHE CG  CD1  doub Y N 327 
PHE CG  CD2  sing Y N 328 
PHE CD1 CE1  sing Y N 329 
PHE CD1 HD1  sing N N 330 
PHE CD2 CE2  doub Y N 331 
PHE CD2 HD2  sing N N 332 
PHE CE1 CZ   doub Y N 333 
PHE CE1 HE1  sing N N 334 
PHE CE2 CZ   sing Y N 335 
PHE CE2 HE2  sing N N 336 
PHE CZ  HZ   sing N N 337 
PHE OXT HXT  sing N N 338 
PRO N   CA   sing N N 339 
PRO N   CD   sing N N 340 
PRO N   H    sing N N 341 
PRO CA  C    sing N N 342 
PRO CA  CB   sing N N 343 
PRO CA  HA   sing N N 344 
PRO C   O    doub N N 345 
PRO C   OXT  sing N N 346 
PRO CB  CG   sing N N 347 
PRO CB  HB2  sing N N 348 
PRO CB  HB3  sing N N 349 
PRO CG  CD   sing N N 350 
PRO CG  HG2  sing N N 351 
PRO CG  HG3  sing N N 352 
PRO CD  HD2  sing N N 353 
PRO CD  HD3  sing N N 354 
PRO OXT HXT  sing N N 355 
SER N   CA   sing N N 356 
SER N   H    sing N N 357 
SER N   H2   sing N N 358 
SER CA  C    sing N N 359 
SER CA  CB   sing N N 360 
SER CA  HA   sing N N 361 
SER C   O    doub N N 362 
SER C   OXT  sing N N 363 
SER CB  OG   sing N N 364 
SER CB  HB2  sing N N 365 
SER CB  HB3  sing N N 366 
SER OG  HG   sing N N 367 
SER OXT HXT  sing N N 368 
THR N   CA   sing N N 369 
THR N   H    sing N N 370 
THR N   H2   sing N N 371 
THR CA  C    sing N N 372 
THR CA  CB   sing N N 373 
THR CA  HA   sing N N 374 
THR C   O    doub N N 375 
THR C   OXT  sing N N 376 
THR CB  OG1  sing N N 377 
THR CB  CG2  sing N N 378 
THR CB  HB   sing N N 379 
THR OG1 HG1  sing N N 380 
THR CG2 HG21 sing N N 381 
THR CG2 HG22 sing N N 382 
THR CG2 HG23 sing N N 383 
THR OXT HXT  sing N N 384 
TYR N   CA   sing N N 385 
TYR N   H    sing N N 386 
TYR N   H2   sing N N 387 
TYR CA  C    sing N N 388 
TYR CA  CB   sing N N 389 
TYR CA  HA   sing N N 390 
TYR C   O    doub N N 391 
TYR C   OXT  sing N N 392 
TYR CB  CG   sing N N 393 
TYR CB  HB2  sing N N 394 
TYR CB  HB3  sing N N 395 
TYR CG  CD1  doub Y N 396 
TYR CG  CD2  sing Y N 397 
TYR CD1 CE1  sing Y N 398 
TYR CD1 HD1  sing N N 399 
TYR CD2 CE2  doub Y N 400 
TYR CD2 HD2  sing N N 401 
TYR CE1 CZ   doub Y N 402 
TYR CE1 HE1  sing N N 403 
TYR CE2 CZ   sing Y N 404 
TYR CE2 HE2  sing N N 405 
TYR CZ  OH   sing N N 406 
TYR OH  HH   sing N N 407 
TYR OXT HXT  sing N N 408 
VAL N   CA   sing N N 409 
VAL N   H    sing N N 410 
VAL N   H2   sing N N 411 
VAL CA  C    sing N N 412 
VAL CA  CB   sing N N 413 
VAL CA  HA   sing N N 414 
VAL C   O    doub N N 415 
VAL C   OXT  sing N N 416 
VAL CB  CG1  sing N N 417 
VAL CB  CG2  sing N N 418 
VAL CB  HB   sing N N 419 
VAL CG1 HG11 sing N N 420 
VAL CG1 HG12 sing N N 421 
VAL CG1 HG13 sing N N 422 
VAL CG2 HG21 sing N N 423 
VAL CG2 HG22 sing N N 424 
VAL CG2 HG23 sing N N 425 
VAL OXT HXT  sing N N 426 
# 
_pdbx_deposit_group.group_id            G_1002045 
_pdbx_deposit_group.group_description   
;human NUDT7 screened against the 3D-Fragment Consortium Library by X-ray Crystallography at the XChem facility of Diamond Light Source beamline I04-1
;
_pdbx_deposit_group.group_title         'PanDDA analysis group deposition of models with modelled events (e.g. bound ligands)' 
_pdbx_deposit_group.group_type          'changed state' 
# 
loop_
_pdbx_entity_nonpoly.entity_id 
_pdbx_entity_nonpoly.name 
_pdbx_entity_nonpoly.comp_id 
2 'ACETATE ION'                                      ACT 
3 'DIMETHYL SULFOXIDE'                               DMS 
4 '2-methoxy-~{N}-(2,4,6-trimethylphenyl)ethanamide' B0V 
5 water                                              HOH 
# 
_pdbx_related_exp_data_set.ordinal              1 
_pdbx_related_exp_data_set.data_reference       10.5281/zenodo.1244111 
_pdbx_related_exp_data_set.metadata_reference   10.5281/zenodo.1244111 
_pdbx_related_exp_data_set.data_set_type        'other data' 
_pdbx_related_exp_data_set.details              'Complete PanDDA analysis' 
# 
